data_9NGB
# 
_entry.id   9NGB 
# 
_audit_conform.dict_name       mmcif_pdbx.dic 
_audit_conform.dict_version    5.403 
_audit_conform.dict_location   http://mmcif.pdb.org/dictionaries/ascii/mmcif_pdbx.dic 
# 
loop_
_database_2.database_id 
_database_2.database_code 
_database_2.pdbx_database_accession 
_database_2.pdbx_DOI 
PDB   9NGB         pdb_00009ngb 10.2210/pdb9ngb/pdb 
WWPDB D_1000293335 ?            ?                   
# 
_pdbx_audit_revision_history.ordinal             1 
_pdbx_audit_revision_history.data_content_type   'Structure model' 
_pdbx_audit_revision_history.major_revision      1 
_pdbx_audit_revision_history.minor_revision      0 
_pdbx_audit_revision_history.revision_date       2025-04-02 
_pdbx_audit_revision_history.part_number         ? 
# 
_pdbx_audit_revision_details.ordinal             1 
_pdbx_audit_revision_details.revision_ordinal    1 
_pdbx_audit_revision_details.data_content_type   'Structure model' 
_pdbx_audit_revision_details.provider            repository 
_pdbx_audit_revision_details.type                'Initial release' 
_pdbx_audit_revision_details.description         ? 
_pdbx_audit_revision_details.details             ? 
# 
_pdbx_database_status.status_code                     REL 
_pdbx_database_status.status_code_sf                  REL 
_pdbx_database_status.status_code_mr                  ? 
_pdbx_database_status.entry_id                        9NGB 
_pdbx_database_status.recvd_initial_deposition_date   2025-02-21 
_pdbx_database_status.SG_entry                        N 
_pdbx_database_status.deposit_site                    RCSB 
_pdbx_database_status.process_site                    RCSB 
_pdbx_database_status.status_code_cs                  ? 
_pdbx_database_status.status_code_nmr_data            ? 
_pdbx_database_status.methods_development_category    ? 
_pdbx_database_status.pdb_format_compatible           Y 
# 
loop_
_pdbx_contact_author.id 
_pdbx_contact_author.email 
_pdbx_contact_author.name_first 
_pdbx_contact_author.name_last 
_pdbx_contact_author.name_mi 
_pdbx_contact_author.role 
_pdbx_contact_author.identifier_ORCID 
2 geiger@chemistry.msu.edu James Geiger H 'principal investigator/group leader' 0000-0002-9443-4488 
3 draths@chemistry.msu.edu Karen Draths ? 'principal investigator/group leader' 0000-0001-7852-1090 
# 
loop_
_audit_author.name 
_audit_author.pdbx_ordinal 
_audit_author.identifier_ORCID 
'Silva, K.'    1 ? 
'Geiger, J.H.' 2 ? 
'Draths, K.'   3 ? 
# 
_citation.abstract                  ? 
_citation.abstract_id_CAS           ? 
_citation.book_id_ISBN              ? 
_citation.book_publisher            ? 
_citation.book_publisher_city       ? 
_citation.book_title                ? 
_citation.coordinate_linkage        ? 
_citation.country                   ? 
_citation.database_id_Medline       ? 
_citation.details                   ? 
_citation.id                        primary 
_citation.journal_abbrev            'To Be Published' 
_citation.journal_id_ASTM           ? 
_citation.journal_id_CSD            0353 
_citation.journal_id_ISSN           ? 
_citation.journal_full              ? 
_citation.journal_issue             ? 
_citation.journal_volume            ? 
_citation.language                  ? 
_citation.page_first                ? 
_citation.page_last                 ? 
_citation.title                     'truncated cis-CaaD' 
_citation.year                      ? 
_citation.database_id_CSD           ? 
_citation.pdbx_database_id_DOI      ? 
_citation.pdbx_database_id_PubMed   ? 
_citation.pdbx_database_id_patent   ? 
_citation.unpublished_flag          ? 
# 
loop_
_citation_author.citation_id 
_citation_author.name 
_citation_author.ordinal 
_citation_author.identifier_ORCID 
primary 'Silva, K.'    1 ? 
primary 'Geiger, J.H.' 2 ? 
primary 'Draths, K.'   3 ? 
# 
loop_
_entity.id 
_entity.type 
_entity.src_method 
_entity.pdbx_description 
_entity.formula_weight 
_entity.pdbx_number_of_molecules 
_entity.pdbx_ec 
_entity.pdbx_mutation 
_entity.pdbx_fragment 
_entity.details 
1 polymer     man 'Cis-3-chloroacrylic acid dehalogenase' 15130.965 1  ? ? ? ? 
2 non-polymer syn 'SULFATE ION'                           96.063    1  ? ? ? ? 
3 water       nat water                                   18.015    27 ? ? ? ? 
# 
_entity_poly.entity_id                      1 
_entity_poly.type                           'polypeptide(L)' 
_entity_poly.nstd_linkage                   no 
_entity_poly.nstd_monomer                   no 
_entity_poly.pdbx_seq_one_letter_code       
;PVYMVYVSQDRLTPSAKHAVAKAITDAHRGLTGTQHFLAQVNFQEQPAGNVFLGGVQQGGDTIFVHGLHREGRSADLKGQ
LAQRIVDDVSVAAEIDRKHIWVYFGEMPAQQMVEYGRFLENLYFQGLEHHHHHH
;
_entity_poly.pdbx_seq_one_letter_code_can   
;PVYMVYVSQDRLTPSAKHAVAKAITDAHRGLTGTQHFLAQVNFQEQPAGNVFLGGVQQGGDTIFVHGLHREGRSADLKGQ
LAQRIVDDVSVAAEIDRKHIWVYFGEMPAQQMVEYGRFLENLYFQGLEHHHHHH
;
_entity_poly.pdbx_strand_id                 A 
_entity_poly.pdbx_target_identifier         ? 
# 
loop_
_pdbx_entity_nonpoly.entity_id 
_pdbx_entity_nonpoly.name 
_pdbx_entity_nonpoly.comp_id 
2 'SULFATE ION' SO4 
3 water         HOH 
# 
loop_
_entity_poly_seq.entity_id 
_entity_poly_seq.num 
_entity_poly_seq.mon_id 
_entity_poly_seq.hetero 
1 1   PRO n 
1 2   VAL n 
1 3   TYR n 
1 4   MET n 
1 5   VAL n 
1 6   TYR n 
1 7   VAL n 
1 8   SER n 
1 9   GLN n 
1 10  ASP n 
1 11  ARG n 
1 12  LEU n 
1 13  THR n 
1 14  PRO n 
1 15  SER n 
1 16  ALA n 
1 17  LYS n 
1 18  HIS n 
1 19  ALA n 
1 20  VAL n 
1 21  ALA n 
1 22  LYS n 
1 23  ALA n 
1 24  ILE n 
1 25  THR n 
1 26  ASP n 
1 27  ALA n 
1 28  HIS n 
1 29  ARG n 
1 30  GLY n 
1 31  LEU n 
1 32  THR n 
1 33  GLY n 
1 34  THR n 
1 35  GLN n 
1 36  HIS n 
1 37  PHE n 
1 38  LEU n 
1 39  ALA n 
1 40  GLN n 
1 41  VAL n 
1 42  ASN n 
1 43  PHE n 
1 44  GLN n 
1 45  GLU n 
1 46  GLN n 
1 47  PRO n 
1 48  ALA n 
1 49  GLY n 
1 50  ASN n 
1 51  VAL n 
1 52  PHE n 
1 53  LEU n 
1 54  GLY n 
1 55  GLY n 
1 56  VAL n 
1 57  GLN n 
1 58  GLN n 
1 59  GLY n 
1 60  GLY n 
1 61  ASP n 
1 62  THR n 
1 63  ILE n 
1 64  PHE n 
1 65  VAL n 
1 66  HIS n 
1 67  GLY n 
1 68  LEU n 
1 69  HIS n 
1 70  ARG n 
1 71  GLU n 
1 72  GLY n 
1 73  ARG n 
1 74  SER n 
1 75  ALA n 
1 76  ASP n 
1 77  LEU n 
1 78  LYS n 
1 79  GLY n 
1 80  GLN n 
1 81  LEU n 
1 82  ALA n 
1 83  GLN n 
1 84  ARG n 
1 85  ILE n 
1 86  VAL n 
1 87  ASP n 
1 88  ASP n 
1 89  VAL n 
1 90  SER n 
1 91  VAL n 
1 92  ALA n 
1 93  ALA n 
1 94  GLU n 
1 95  ILE n 
1 96  ASP n 
1 97  ARG n 
1 98  LYS n 
1 99  HIS n 
1 100 ILE n 
1 101 TRP n 
1 102 VAL n 
1 103 TYR n 
1 104 PHE n 
1 105 GLY n 
1 106 GLU n 
1 107 MET n 
1 108 PRO n 
1 109 ALA n 
1 110 GLN n 
1 111 GLN n 
1 112 MET n 
1 113 VAL n 
1 114 GLU n 
1 115 TYR n 
1 116 GLY n 
1 117 ARG n 
1 118 PHE n 
1 119 LEU n 
1 120 GLU n 
1 121 ASN n 
1 122 LEU n 
1 123 TYR n 
1 124 PHE n 
1 125 GLN n 
1 126 GLY n 
1 127 LEU n 
1 128 GLU n 
1 129 HIS n 
1 130 HIS n 
1 131 HIS n 
1 132 HIS n 
1 133 HIS n 
1 134 HIS n 
# 
_entity_src_gen.entity_id                          1 
_entity_src_gen.pdbx_src_id                        1 
_entity_src_gen.pdbx_alt_source_flag               sample 
_entity_src_gen.pdbx_seq_type                      'Biological sequence' 
_entity_src_gen.pdbx_beg_seq_num                   1 
_entity_src_gen.pdbx_end_seq_num                   134 
_entity_src_gen.gene_src_common_name               ? 
_entity_src_gen.gene_src_genus                     ? 
_entity_src_gen.pdbx_gene_src_gene                 cis-caaD 
_entity_src_gen.gene_src_species                   ? 
_entity_src_gen.gene_src_strain                    ? 
_entity_src_gen.gene_src_tissue                    ? 
_entity_src_gen.gene_src_tissue_fraction           ? 
_entity_src_gen.gene_src_details                   ? 
_entity_src_gen.pdbx_gene_src_fragment             ? 
_entity_src_gen.pdbx_gene_src_scientific_name      'coryneform bacterium' 
_entity_src_gen.pdbx_gene_src_ncbi_taxonomy_id     1728 
_entity_src_gen.pdbx_gene_src_variant              ? 
_entity_src_gen.pdbx_gene_src_cell_line            ? 
_entity_src_gen.pdbx_gene_src_atcc                 ? 
_entity_src_gen.pdbx_gene_src_organ                ? 
_entity_src_gen.pdbx_gene_src_organelle            ? 
_entity_src_gen.pdbx_gene_src_cell                 ? 
_entity_src_gen.pdbx_gene_src_cellular_location    ? 
_entity_src_gen.host_org_common_name               ? 
_entity_src_gen.pdbx_host_org_scientific_name      'Escherichia coli' 
_entity_src_gen.pdbx_host_org_ncbi_taxonomy_id     562 
_entity_src_gen.host_org_genus                     ? 
_entity_src_gen.pdbx_host_org_gene                 ? 
_entity_src_gen.pdbx_host_org_organ                ? 
_entity_src_gen.host_org_species                   ? 
_entity_src_gen.pdbx_host_org_tissue               ? 
_entity_src_gen.pdbx_host_org_tissue_fraction      ? 
_entity_src_gen.pdbx_host_org_strain               ? 
_entity_src_gen.pdbx_host_org_variant              ? 
_entity_src_gen.pdbx_host_org_cell_line            ? 
_entity_src_gen.pdbx_host_org_atcc                 ? 
_entity_src_gen.pdbx_host_org_culture_collection   ? 
_entity_src_gen.pdbx_host_org_cell                 ? 
_entity_src_gen.pdbx_host_org_organelle            ? 
_entity_src_gen.pdbx_host_org_cellular_location    ? 
_entity_src_gen.pdbx_host_org_vector_type          ? 
_entity_src_gen.pdbx_host_org_vector               ? 
_entity_src_gen.host_org_details                   ? 
_entity_src_gen.expression_system_id               ? 
_entity_src_gen.plasmid_name                       ? 
_entity_src_gen.plasmid_details                    ? 
_entity_src_gen.pdbx_description                   ? 
# 
loop_
_chem_comp.id 
_chem_comp.type 
_chem_comp.mon_nstd_flag 
_chem_comp.name 
_chem_comp.pdbx_synonyms 
_chem_comp.formula 
_chem_comp.formula_weight 
ALA 'L-peptide linking' y ALANINE         ? 'C3 H7 N O2'     89.093  
ARG 'L-peptide linking' y ARGININE        ? 'C6 H15 N4 O2 1' 175.209 
ASN 'L-peptide linking' y ASPARAGINE      ? 'C4 H8 N2 O3'    132.118 
ASP 'L-peptide linking' y 'ASPARTIC ACID' ? 'C4 H7 N O4'     133.103 
GLN 'L-peptide linking' y GLUTAMINE       ? 'C5 H10 N2 O3'   146.144 
GLU 'L-peptide linking' y 'GLUTAMIC ACID' ? 'C5 H9 N O4'     147.129 
GLY 'peptide linking'   y GLYCINE         ? 'C2 H5 N O2'     75.067  
HIS 'L-peptide linking' y HISTIDINE       ? 'C6 H10 N3 O2 1' 156.162 
HOH non-polymer         . WATER           ? 'H2 O'           18.015  
ILE 'L-peptide linking' y ISOLEUCINE      ? 'C6 H13 N O2'    131.173 
LEU 'L-peptide linking' y LEUCINE         ? 'C6 H13 N O2'    131.173 
LYS 'L-peptide linking' y LYSINE          ? 'C6 H15 N2 O2 1' 147.195 
MET 'L-peptide linking' y METHIONINE      ? 'C5 H11 N O2 S'  149.211 
PHE 'L-peptide linking' y PHENYLALANINE   ? 'C9 H11 N O2'    165.189 
PRO 'L-peptide linking' y PROLINE         ? 'C5 H9 N O2'     115.130 
SER 'L-peptide linking' y SERINE          ? 'C3 H7 N O3'     105.093 
SO4 non-polymer         . 'SULFATE ION'   ? 'O4 S -2'        96.063  
THR 'L-peptide linking' y THREONINE       ? 'C4 H9 N O3'     119.119 
TRP 'L-peptide linking' y TRYPTOPHAN      ? 'C11 H12 N2 O2'  204.225 
TYR 'L-peptide linking' y TYROSINE        ? 'C9 H11 N O3'    181.189 
VAL 'L-peptide linking' y VALINE          ? 'C5 H11 N O2'    117.146 
# 
loop_
_pdbx_poly_seq_scheme.asym_id 
_pdbx_poly_seq_scheme.entity_id 
_pdbx_poly_seq_scheme.seq_id 
_pdbx_poly_seq_scheme.mon_id 
_pdbx_poly_seq_scheme.ndb_seq_num 
_pdbx_poly_seq_scheme.pdb_seq_num 
_pdbx_poly_seq_scheme.auth_seq_num 
_pdbx_poly_seq_scheme.pdb_mon_id 
_pdbx_poly_seq_scheme.auth_mon_id 
_pdbx_poly_seq_scheme.pdb_strand_id 
_pdbx_poly_seq_scheme.pdb_ins_code 
_pdbx_poly_seq_scheme.hetero 
A 1 1   PRO 1   1   1   PRO PRO A . n 
A 1 2   VAL 2   2   2   VAL VAL A . n 
A 1 3   TYR 3   3   3   TYR TYR A . n 
A 1 4   MET 4   4   4   MET MET A . n 
A 1 5   VAL 5   5   5   VAL VAL A . n 
A 1 6   TYR 6   6   6   TYR TYR A . n 
A 1 7   VAL 7   7   7   VAL VAL A . n 
A 1 8   SER 8   8   8   SER SER A . n 
A 1 9   GLN 9   9   9   GLN GLN A . n 
A 1 10  ASP 10  10  10  ASP ASP A . n 
A 1 11  ARG 11  11  11  ARG ARG A . n 
A 1 12  LEU 12  12  12  LEU LEU A . n 
A 1 13  THR 13  13  13  THR THR A . n 
A 1 14  PRO 14  14  14  PRO PRO A . n 
A 1 15  SER 15  15  15  SER SER A . n 
A 1 16  ALA 16  16  16  ALA ALA A . n 
A 1 17  LYS 17  17  17  LYS LYS A . n 
A 1 18  HIS 18  18  18  HIS HIS A . n 
A 1 19  ALA 19  19  19  ALA ALA A . n 
A 1 20  VAL 20  20  20  VAL VAL A . n 
A 1 21  ALA 21  21  21  ALA ALA A . n 
A 1 22  LYS 22  22  22  LYS LYS A . n 
A 1 23  ALA 23  23  23  ALA ALA A . n 
A 1 24  ILE 24  24  24  ILE ILE A . n 
A 1 25  THR 25  25  25  THR THR A . n 
A 1 26  ASP 26  26  26  ASP ASP A . n 
A 1 27  ALA 27  27  27  ALA ALA A . n 
A 1 28  HIS 28  28  28  HIS HIS A . n 
A 1 29  ARG 29  29  29  ARG ARG A . n 
A 1 30  GLY 30  30  30  GLY GLY A . n 
A 1 31  LEU 31  31  31  LEU LEU A . n 
A 1 32  THR 32  32  32  THR THR A . n 
A 1 33  GLY 33  33  33  GLY GLY A . n 
A 1 34  THR 34  34  34  THR THR A . n 
A 1 35  GLN 35  35  35  GLN GLN A . n 
A 1 36  HIS 36  36  36  HIS HIS A . n 
A 1 37  PHE 37  37  37  PHE PHE A . n 
A 1 38  LEU 38  38  38  LEU LEU A . n 
A 1 39  ALA 39  39  39  ALA ALA A . n 
A 1 40  GLN 40  40  40  GLN GLN A . n 
A 1 41  VAL 41  41  41  VAL VAL A . n 
A 1 42  ASN 42  42  42  ASN ASN A . n 
A 1 43  PHE 43  43  43  PHE PHE A . n 
A 1 44  GLN 44  44  44  GLN GLN A . n 
A 1 45  GLU 45  45  45  GLU GLU A . n 
A 1 46  GLN 46  46  46  GLN GLN A . n 
A 1 47  PRO 47  47  47  PRO PRO A . n 
A 1 48  ALA 48  48  48  ALA ALA A . n 
A 1 49  GLY 49  49  49  GLY GLY A . n 
A 1 50  ASN 50  50  50  ASN ASN A . n 
A 1 51  VAL 51  51  51  VAL VAL A . n 
A 1 52  PHE 52  52  52  PHE PHE A . n 
A 1 53  LEU 53  53  53  LEU LEU A . n 
A 1 54  GLY 54  54  54  GLY GLY A . n 
A 1 55  GLY 55  55  55  GLY GLY A . n 
A 1 56  VAL 56  56  56  VAL VAL A . n 
A 1 57  GLN 57  57  57  GLN GLN A . n 
A 1 58  GLN 58  58  58  GLN GLN A . n 
A 1 59  GLY 59  59  59  GLY GLY A . n 
A 1 60  GLY 60  60  60  GLY GLY A . n 
A 1 61  ASP 61  61  61  ASP ASP A . n 
A 1 62  THR 62  62  62  THR THR A . n 
A 1 63  ILE 63  63  63  ILE ILE A . n 
A 1 64  PHE 64  64  64  PHE PHE A . n 
A 1 65  VAL 65  65  65  VAL VAL A . n 
A 1 66  HIS 66  66  66  HIS HIS A . n 
A 1 67  GLY 67  67  67  GLY GLY A . n 
A 1 68  LEU 68  68  68  LEU LEU A . n 
A 1 69  HIS 69  69  69  HIS HIS A . n 
A 1 70  ARG 70  70  70  ARG ARG A . n 
A 1 71  GLU 71  71  71  GLU GLU A . n 
A 1 72  GLY 72  72  72  GLY GLY A . n 
A 1 73  ARG 73  73  73  ARG ARG A . n 
A 1 74  SER 74  74  74  SER SER A . n 
A 1 75  ALA 75  75  75  ALA ALA A . n 
A 1 76  ASP 76  76  76  ASP ASP A . n 
A 1 77  LEU 77  77  77  LEU LEU A . n 
A 1 78  LYS 78  78  78  LYS LYS A . n 
A 1 79  GLY 79  79  79  GLY GLY A . n 
A 1 80  GLN 80  80  80  GLN GLN A . n 
A 1 81  LEU 81  81  81  LEU LEU A . n 
A 1 82  ALA 82  82  82  ALA ALA A . n 
A 1 83  GLN 83  83  83  GLN GLN A . n 
A 1 84  ARG 84  84  84  ARG ARG A . n 
A 1 85  ILE 85  85  85  ILE ILE A . n 
A 1 86  VAL 86  86  86  VAL VAL A . n 
A 1 87  ASP 87  87  87  ASP ASP A . n 
A 1 88  ASP 88  88  88  ASP ASP A . n 
A 1 89  VAL 89  89  89  VAL VAL A . n 
A 1 90  SER 90  90  90  SER SER A . n 
A 1 91  VAL 91  91  91  VAL VAL A . n 
A 1 92  ALA 92  92  92  ALA ALA A . n 
A 1 93  ALA 93  93  93  ALA ALA A . n 
A 1 94  GLU 94  94  94  GLU GLU A . n 
A 1 95  ILE 95  95  95  ILE ILE A . n 
A 1 96  ASP 96  96  96  ASP ASP A . n 
A 1 97  ARG 97  97  97  ARG ARG A . n 
A 1 98  LYS 98  98  98  LYS LYS A . n 
A 1 99  HIS 99  99  99  HIS HIS A . n 
A 1 100 ILE 100 100 100 ILE ILE A . n 
A 1 101 TRP 101 101 101 TRP TRP A . n 
A 1 102 VAL 102 102 102 VAL VAL A . n 
A 1 103 TYR 103 103 103 TYR TYR A . n 
A 1 104 PHE 104 104 104 PHE PHE A . n 
A 1 105 GLY 105 105 105 GLY GLY A . n 
A 1 106 GLU 106 106 106 GLU GLU A . n 
A 1 107 MET 107 107 107 MET MET A . n 
A 1 108 PRO 108 108 108 PRO PRO A . n 
A 1 109 ALA 109 109 109 ALA ALA A . n 
A 1 110 GLN 110 110 110 GLN GLN A . n 
A 1 111 GLN 111 111 111 GLN GLN A . n 
A 1 112 MET 112 112 112 MET MET A . n 
A 1 113 VAL 113 113 113 VAL VAL A . n 
A 1 114 GLU 114 114 114 GLU GLU A . n 
A 1 115 TYR 115 115 115 TYR TYR A . n 
A 1 116 GLY 116 116 116 GLY GLY A . n 
A 1 117 ARG 117 117 117 ARG ARG A . n 
A 1 118 PHE 118 118 118 PHE PHE A . n 
A 1 119 LEU 119 119 119 LEU LEU A . n 
A 1 120 GLU 120 120 ?   ?   ?   A . n 
A 1 121 ASN 121 121 ?   ?   ?   A . n 
A 1 122 LEU 122 122 ?   ?   ?   A . n 
A 1 123 TYR 123 123 ?   ?   ?   A . n 
A 1 124 PHE 124 124 ?   ?   ?   A . n 
A 1 125 GLN 125 125 ?   ?   ?   A . n 
A 1 126 GLY 126 126 ?   ?   ?   A . n 
A 1 127 LEU 127 127 ?   ?   ?   A . n 
A 1 128 GLU 128 128 ?   ?   ?   A . n 
A 1 129 HIS 129 129 ?   ?   ?   A . n 
A 1 130 HIS 130 130 ?   ?   ?   A . n 
A 1 131 HIS 131 131 ?   ?   ?   A . n 
A 1 132 HIS 132 132 ?   ?   ?   A . n 
A 1 133 HIS 133 133 ?   ?   ?   A . n 
A 1 134 HIS 134 134 ?   ?   ?   A . n 
# 
loop_
_pdbx_nonpoly_scheme.asym_id 
_pdbx_nonpoly_scheme.entity_id 
_pdbx_nonpoly_scheme.mon_id 
_pdbx_nonpoly_scheme.ndb_seq_num 
_pdbx_nonpoly_scheme.pdb_seq_num 
_pdbx_nonpoly_scheme.auth_seq_num 
_pdbx_nonpoly_scheme.pdb_mon_id 
_pdbx_nonpoly_scheme.auth_mon_id 
_pdbx_nonpoly_scheme.pdb_strand_id 
_pdbx_nonpoly_scheme.pdb_ins_code 
B 2 SO4 1  201 1  SO4 SO4 A . 
C 3 HOH 1  301 21 HOH HOH A . 
C 3 HOH 2  302 25 HOH HOH A . 
C 3 HOH 3  303 18 HOH HOH A . 
C 3 HOH 4  304 19 HOH HOH A . 
C 3 HOH 5  305 11 HOH HOH A . 
C 3 HOH 6  306 4  HOH HOH A . 
C 3 HOH 7  307 9  HOH HOH A . 
C 3 HOH 8  308 2  HOH HOH A . 
C 3 HOH 9  309 5  HOH HOH A . 
C 3 HOH 10 310 8  HOH HOH A . 
C 3 HOH 11 311 24 HOH HOH A . 
C 3 HOH 12 312 10 HOH HOH A . 
C 3 HOH 13 313 13 HOH HOH A . 
C 3 HOH 14 314 14 HOH HOH A . 
C 3 HOH 15 315 7  HOH HOH A . 
C 3 HOH 16 316 16 HOH HOH A . 
C 3 HOH 17 317 3  HOH HOH A . 
C 3 HOH 18 318 28 HOH HOH A . 
C 3 HOH 19 319 1  HOH HOH A . 
C 3 HOH 20 320 12 HOH HOH A . 
C 3 HOH 21 321 6  HOH HOH A . 
C 3 HOH 22 322 23 HOH HOH A . 
C 3 HOH 23 323 20 HOH HOH A . 
C 3 HOH 24 324 15 HOH HOH A . 
C 3 HOH 25 325 17 HOH HOH A . 
C 3 HOH 26 326 27 HOH HOH A . 
C 3 HOH 27 327 26 HOH HOH A . 
# 
loop_
_software.citation_id 
_software.classification 
_software.compiler_name 
_software.compiler_version 
_software.contact_author 
_software.contact_author_email 
_software.date 
_software.description 
_software.dependencies 
_software.hardware 
_software.language 
_software.location 
_software.mods 
_software.name 
_software.os 
_software.os_version 
_software.type 
_software.version 
_software.pdbx_ordinal 
? refinement       ? ? ? ? ? ? ? ? ? ? ? PHENIX   ? ? ? 1.19.2_4158 1 
? refinement       ? ? ? ? ? ? ? ? ? ? ? PHENIX   ? ? ? 1.19.2_4158 2 
? 'data reduction' ? ? ? ? ? ? ? ? ? ? ? HKL-2000 ? ? ? .           3 
? 'data scaling'   ? ? ? ? ? ? ? ? ? ? ? HKL-2000 ? ? ? .           4 
? phasing          ? ? ? ? ? ? ? ? ? ? ? PHASER   ? ? ? .           5 
# 
_cell.angle_alpha                  90.000 
_cell.angle_alpha_esd              ? 
_cell.angle_beta                   90.000 
_cell.angle_beta_esd               ? 
_cell.angle_gamma                  120.000 
_cell.angle_gamma_esd              ? 
_cell.entry_id                     9NGB 
_cell.details                      ? 
_cell.formula_units_Z              ? 
_cell.length_a                     59.266 
_cell.length_a_esd                 ? 
_cell.length_b                     59.266 
_cell.length_b_esd                 ? 
_cell.length_c                     57.816 
_cell.length_c_esd                 ? 
_cell.volume                       175869.248 
_cell.volume_esd                   ? 
_cell.Z_PDB                        6 
_cell.reciprocal_angle_alpha       ? 
_cell.reciprocal_angle_beta        ? 
_cell.reciprocal_angle_gamma       ? 
_cell.reciprocal_angle_alpha_esd   ? 
_cell.reciprocal_angle_beta_esd    ? 
_cell.reciprocal_angle_gamma_esd   ? 
_cell.reciprocal_length_a          ? 
_cell.reciprocal_length_b          ? 
_cell.reciprocal_length_c          ? 
_cell.reciprocal_length_a_esd      ? 
_cell.reciprocal_length_b_esd      ? 
_cell.reciprocal_length_c_esd      ? 
_cell.pdbx_unique_axis             ? 
_cell.pdbx_esd_method              ? 
# 
_symmetry.entry_id                         9NGB 
_symmetry.cell_setting                     ? 
_symmetry.Int_Tables_number                173 
_symmetry.space_group_name_Hall            'P 6c' 
_symmetry.space_group_name_H-M             'P 63' 
_symmetry.pdbx_full_space_group_name_H-M   ? 
# 
_exptl.absorpt_coefficient_mu     ? 
_exptl.absorpt_correction_T_max   ? 
_exptl.absorpt_correction_T_min   ? 
_exptl.absorpt_correction_type    ? 
_exptl.absorpt_process_details    ? 
_exptl.entry_id                   9NGB 
_exptl.crystals_number            1 
_exptl.details                    ? 
_exptl.method                     'X-RAY DIFFRACTION' 
_exptl.method_details             ? 
# 
_exptl_crystal.colour                       ? 
_exptl_crystal.density_diffrn               ? 
_exptl_crystal.density_Matthews             1.94 
_exptl_crystal.density_method               ? 
_exptl_crystal.density_percent_sol          36.51 
_exptl_crystal.description                  ? 
_exptl_crystal.F_000                        ? 
_exptl_crystal.id                           1 
_exptl_crystal.preparation                  ? 
_exptl_crystal.size_max                     ? 
_exptl_crystal.size_mid                     ? 
_exptl_crystal.size_min                     ? 
_exptl_crystal.size_rad                     ? 
_exptl_crystal.colour_lustre                ? 
_exptl_crystal.colour_modifier              ? 
_exptl_crystal.colour_primary               ? 
_exptl_crystal.density_meas                 ? 
_exptl_crystal.density_meas_esd             ? 
_exptl_crystal.density_meas_gt              ? 
_exptl_crystal.density_meas_lt              ? 
_exptl_crystal.density_meas_temp            ? 
_exptl_crystal.density_meas_temp_esd        ? 
_exptl_crystal.density_meas_temp_gt         ? 
_exptl_crystal.density_meas_temp_lt         ? 
_exptl_crystal.pdbx_crystal_image_url       ? 
_exptl_crystal.pdbx_crystal_image_format    ? 
_exptl_crystal.pdbx_mosaicity               ? 
_exptl_crystal.pdbx_mosaicity_esd           ? 
_exptl_crystal.pdbx_mosaic_method           ? 
_exptl_crystal.pdbx_mosaic_block_size       ? 
_exptl_crystal.pdbx_mosaic_block_size_esd   ? 
# 
_exptl_crystal_grow.apparatus       ? 
_exptl_crystal_grow.atmosphere      ? 
_exptl_crystal_grow.crystal_id      1 
_exptl_crystal_grow.details         ? 
_exptl_crystal_grow.method          'VAPOR DIFFUSION, HANGING DROP' 
_exptl_crystal_grow.method_ref      ? 
_exptl_crystal_grow.pH              ? 
_exptl_crystal_grow.pressure        ? 
_exptl_crystal_grow.pressure_esd    ? 
_exptl_crystal_grow.seeding         ? 
_exptl_crystal_grow.seeding_ref     ? 
_exptl_crystal_grow.temp_details    ? 
_exptl_crystal_grow.temp_esd        ? 
_exptl_crystal_grow.time            ? 
_exptl_crystal_grow.pdbx_details    '0.2 M ammonium sulfate 20% w/v PEG 3,350' 
_exptl_crystal_grow.pdbx_pH_range   ? 
_exptl_crystal_grow.temp            296 
# 
_diffrn.ambient_environment              ? 
_diffrn.ambient_temp                     100 
_diffrn.ambient_temp_details             ? 
_diffrn.ambient_temp_esd                 ? 
_diffrn.crystal_id                       1 
_diffrn.crystal_support                  ? 
_diffrn.crystal_treatment                ? 
_diffrn.details                          ? 
_diffrn.id                               1 
_diffrn.ambient_pressure                 ? 
_diffrn.ambient_pressure_esd             ? 
_diffrn.ambient_pressure_gt              ? 
_diffrn.ambient_pressure_lt              ? 
_diffrn.ambient_temp_gt                  ? 
_diffrn.ambient_temp_lt                  ? 
_diffrn.pdbx_serial_crystal_experiment   N 
# 
_diffrn_detector.details                      ? 
_diffrn_detector.detector                     PIXEL 
_diffrn_detector.diffrn_id                    1 
_diffrn_detector.type                         'DECTRIS EIGER2 S 9M' 
_diffrn_detector.area_resol_mean              ? 
_diffrn_detector.dtime                        ? 
_diffrn_detector.pdbx_frames_total            ? 
_diffrn_detector.pdbx_collection_time_total   ? 
_diffrn_detector.pdbx_collection_date         2022-07-30 
_diffrn_detector.pdbx_frequency               ? 
_diffrn_detector.id                           ? 
_diffrn_detector.number_of_axes               ? 
# 
_diffrn_radiation.collimation                      ? 
_diffrn_radiation.diffrn_id                        1 
_diffrn_radiation.filter_edge                      ? 
_diffrn_radiation.inhomogeneity                    ? 
_diffrn_radiation.monochromator                    ? 
_diffrn_radiation.polarisn_norm                    ? 
_diffrn_radiation.polarisn_ratio                   ? 
_diffrn_radiation.probe                            ? 
_diffrn_radiation.type                             ? 
_diffrn_radiation.xray_symbol                      ? 
_diffrn_radiation.wavelength_id                    1 
_diffrn_radiation.pdbx_monochromatic_or_laue_m_l   M 
_diffrn_radiation.pdbx_wavelength_list             ? 
_diffrn_radiation.pdbx_wavelength                  ? 
_diffrn_radiation.pdbx_diffrn_protocol             'SINGLE WAVELENGTH' 
_diffrn_radiation.pdbx_analyzer                    ? 
_diffrn_radiation.pdbx_scattering_type             x-ray 
# 
_diffrn_radiation_wavelength.id           1 
_diffrn_radiation_wavelength.wavelength   0.98 
_diffrn_radiation_wavelength.wt           1.0 
# 
_diffrn_source.current                     ? 
_diffrn_source.details                     ? 
_diffrn_source.diffrn_id                   1 
_diffrn_source.power                       ? 
_diffrn_source.size                        ? 
_diffrn_source.source                      SYNCHROTRON 
_diffrn_source.target                      ? 
_diffrn_source.type                        'APS BEAMLINE 21-ID-D' 
_diffrn_source.voltage                     ? 
_diffrn_source.take-off_angle              ? 
_diffrn_source.pdbx_wavelength_list        0.98 
_diffrn_source.pdbx_wavelength             ? 
_diffrn_source.pdbx_synchrotron_beamline   21-ID-D 
_diffrn_source.pdbx_synchrotron_site       APS 
# 
_reflns.B_iso_Wilson_estimate                          33.72 
_reflns.entry_id                                       9NGB 
_reflns.data_reduction_details                         ? 
_reflns.data_reduction_method                          ? 
_reflns.d_resolution_high                              2.50 
_reflns.d_resolution_low                               50.00 
_reflns.details                                        ? 
_reflns.limit_h_max                                    ? 
_reflns.limit_h_min                                    ? 
_reflns.limit_k_max                                    ? 
_reflns.limit_k_min                                    ? 
_reflns.limit_l_max                                    ? 
_reflns.limit_l_min                                    ? 
_reflns.number_all                                     ? 
_reflns.number_obs                                     3682 
_reflns.observed_criterion                             ? 
_reflns.observed_criterion_F_max                       ? 
_reflns.observed_criterion_F_min                       ? 
_reflns.observed_criterion_I_max                       ? 
_reflns.observed_criterion_I_min                       ? 
_reflns.observed_criterion_sigma_F                     ? 
_reflns.observed_criterion_sigma_I                     ? 
_reflns.percent_possible_obs                           91.3 
_reflns.R_free_details                                 ? 
_reflns.Rmerge_F_all                                   ? 
_reflns.Rmerge_F_obs                                   ? 
_reflns.Friedel_coverage                               ? 
_reflns.number_gt                                      ? 
_reflns.threshold_expression                           ? 
_reflns.pdbx_redundancy                                13.1 
_reflns.pdbx_netI_over_av_sigmaI                       ? 
_reflns.pdbx_netI_over_sigmaI                          13.48 
_reflns.pdbx_res_netI_over_av_sigmaI_2                 ? 
_reflns.pdbx_res_netI_over_sigmaI_2                    ? 
_reflns.pdbx_chi_squared                               ? 
_reflns.pdbx_scaling_rejects                           ? 
_reflns.pdbx_d_res_high_opt                            ? 
_reflns.pdbx_d_res_low_opt                             ? 
_reflns.pdbx_d_res_opt_method                          ? 
_reflns.phase_calculation_details                      ? 
_reflns.pdbx_Rrim_I_all                                ? 
_reflns.pdbx_Rpim_I_all                                0.072 
_reflns.pdbx_d_opt                                     ? 
_reflns.pdbx_number_measured_all                       ? 
_reflns.pdbx_diffrn_id                                 1 
_reflns.pdbx_ordinal                                   1 
_reflns.pdbx_CC_half                                   ? 
_reflns.pdbx_CC_star                                   ? 
_reflns.pdbx_R_split                                   ? 
_reflns.pdbx_Rmerge_I_obs                              ? 
_reflns.pdbx_Rmerge_I_all                              ? 
_reflns.pdbx_Rsym_value                                ? 
_reflns.pdbx_CC_split_method                           ? 
_reflns.pdbx_aniso_diffraction_limit_axis_1_ortho[1]   ? 
_reflns.pdbx_aniso_diffraction_limit_axis_1_ortho[2]   ? 
_reflns.pdbx_aniso_diffraction_limit_axis_1_ortho[3]   ? 
_reflns.pdbx_aniso_diffraction_limit_axis_2_ortho[1]   ? 
_reflns.pdbx_aniso_diffraction_limit_axis_2_ortho[2]   ? 
_reflns.pdbx_aniso_diffraction_limit_axis_2_ortho[3]   ? 
_reflns.pdbx_aniso_diffraction_limit_axis_3_ortho[1]   ? 
_reflns.pdbx_aniso_diffraction_limit_axis_3_ortho[2]   ? 
_reflns.pdbx_aniso_diffraction_limit_axis_3_ortho[3]   ? 
_reflns.pdbx_aniso_diffraction_limit_1                 ? 
_reflns.pdbx_aniso_diffraction_limit_2                 ? 
_reflns.pdbx_aniso_diffraction_limit_3                 ? 
_reflns.pdbx_aniso_B_tensor_eigenvector_1_ortho[1]     ? 
_reflns.pdbx_aniso_B_tensor_eigenvector_1_ortho[2]     ? 
_reflns.pdbx_aniso_B_tensor_eigenvector_1_ortho[3]     ? 
_reflns.pdbx_aniso_B_tensor_eigenvector_2_ortho[1]     ? 
_reflns.pdbx_aniso_B_tensor_eigenvector_2_ortho[2]     ? 
_reflns.pdbx_aniso_B_tensor_eigenvector_2_ortho[3]     ? 
_reflns.pdbx_aniso_B_tensor_eigenvector_3_ortho[1]     ? 
_reflns.pdbx_aniso_B_tensor_eigenvector_3_ortho[2]     ? 
_reflns.pdbx_aniso_B_tensor_eigenvector_3_ortho[3]     ? 
_reflns.pdbx_aniso_B_tensor_eigenvalue_1               ? 
_reflns.pdbx_aniso_B_tensor_eigenvalue_2               ? 
_reflns.pdbx_aniso_B_tensor_eigenvalue_3               ? 
_reflns.pdbx_orthogonalization_convention              ? 
_reflns.pdbx_percent_possible_ellipsoidal              ? 
_reflns.pdbx_percent_possible_spherical                ? 
_reflns.pdbx_percent_possible_ellipsoidal_anomalous    ? 
_reflns.pdbx_percent_possible_spherical_anomalous      ? 
_reflns.pdbx_redundancy_anomalous                      ? 
_reflns.pdbx_CC_half_anomalous                         ? 
_reflns.pdbx_absDiff_over_sigma_anomalous              ? 
_reflns.pdbx_percent_possible_anomalous                ? 
_reflns.pdbx_observed_signal_threshold                 ? 
_reflns.pdbx_signal_type                               ? 
_reflns.pdbx_signal_details                            ? 
_reflns.pdbx_signal_software_id                        ? 
# 
_reflns_shell.d_res_high                                    2.50 
_reflns_shell.d_res_low                                     2.54 
_reflns_shell.meanI_over_sigI_all                           ? 
_reflns_shell.meanI_over_sigI_obs                           ? 
_reflns_shell.number_measured_all                           ? 
_reflns_shell.number_measured_obs                           ? 
_reflns_shell.number_possible                               ? 
_reflns_shell.number_unique_all                             ? 
_reflns_shell.number_unique_obs                             192 
_reflns_shell.percent_possible_obs                          ? 
_reflns_shell.Rmerge_F_all                                  ? 
_reflns_shell.Rmerge_F_obs                                  ? 
_reflns_shell.meanI_over_sigI_gt                            ? 
_reflns_shell.meanI_over_uI_all                             ? 
_reflns_shell.meanI_over_uI_gt                              ? 
_reflns_shell.number_measured_gt                            ? 
_reflns_shell.number_unique_gt                              ? 
_reflns_shell.percent_possible_gt                           ? 
_reflns_shell.Rmerge_F_gt                                   ? 
_reflns_shell.Rmerge_I_gt                                   ? 
_reflns_shell.pdbx_redundancy                               ? 
_reflns_shell.pdbx_chi_squared                              ? 
_reflns_shell.pdbx_netI_over_sigmaI_all                     ? 
_reflns_shell.pdbx_netI_over_sigmaI_obs                     ? 
_reflns_shell.pdbx_Rrim_I_all                               ? 
_reflns_shell.pdbx_Rpim_I_all                               0.227 
_reflns_shell.pdbx_rejects                                  ? 
_reflns_shell.pdbx_ordinal                                  1 
_reflns_shell.pdbx_diffrn_id                                1 
_reflns_shell.pdbx_CC_half                                  ? 
_reflns_shell.pdbx_CC_star                                  ? 
_reflns_shell.pdbx_R_split                                  ? 
_reflns_shell.percent_possible_all                          ? 
_reflns_shell.Rmerge_I_all                                  ? 
_reflns_shell.Rmerge_I_obs                                  ? 
_reflns_shell.pdbx_Rsym_value                               ? 
_reflns_shell.pdbx_percent_possible_ellipsoidal             ? 
_reflns_shell.pdbx_percent_possible_spherical               ? 
_reflns_shell.pdbx_percent_possible_ellipsoidal_anomalous   ? 
_reflns_shell.pdbx_percent_possible_spherical_anomalous     ? 
_reflns_shell.pdbx_redundancy_anomalous                     ? 
_reflns_shell.pdbx_CC_half_anomalous                        ? 
_reflns_shell.pdbx_absDiff_over_sigma_anomalous             ? 
_reflns_shell.pdbx_percent_possible_anomalous               ? 
# 
_refine.aniso_B[1][1]                            ? 
_refine.aniso_B[1][2]                            ? 
_refine.aniso_B[1][3]                            ? 
_refine.aniso_B[2][2]                            ? 
_refine.aniso_B[2][3]                            ? 
_refine.aniso_B[3][3]                            ? 
_refine.B_iso_max                                ? 
_refine.B_iso_mean                               38.28 
_refine.B_iso_min                                ? 
_refine.correlation_coeff_Fo_to_Fc               ? 
_refine.correlation_coeff_Fo_to_Fc_free          ? 
_refine.details                                  ? 
_refine.diff_density_max                         ? 
_refine.diff_density_max_esd                     ? 
_refine.diff_density_min                         ? 
_refine.diff_density_min_esd                     ? 
_refine.diff_density_rms                         ? 
_refine.diff_density_rms_esd                     ? 
_refine.entry_id                                 9NGB 
_refine.pdbx_refine_id                           'X-RAY DIFFRACTION' 
_refine.ls_abs_structure_details                 ? 
_refine.ls_abs_structure_Flack                   ? 
_refine.ls_abs_structure_Flack_esd               ? 
_refine.ls_abs_structure_Rogers                  ? 
_refine.ls_abs_structure_Rogers_esd              ? 
_refine.ls_d_res_high                            2.50 
_refine.ls_d_res_low                             29.63 
_refine.ls_extinction_coef                       ? 
_refine.ls_extinction_coef_esd                   ? 
_refine.ls_extinction_expression                 ? 
_refine.ls_extinction_method                     ? 
_refine.ls_goodness_of_fit_all                   ? 
_refine.ls_goodness_of_fit_all_esd               ? 
_refine.ls_goodness_of_fit_obs                   ? 
_refine.ls_goodness_of_fit_obs_esd               ? 
_refine.ls_hydrogen_treatment                    ? 
_refine.ls_matrix_type                           ? 
_refine.ls_number_constraints                    ? 
_refine.ls_number_parameters                     ? 
_refine.ls_number_reflns_all                     ? 
_refine.ls_number_reflns_obs                     3661 
_refine.ls_number_reflns_R_free                  693 
_refine.ls_number_reflns_R_work                  6154 
_refine.ls_number_restraints                     ? 
_refine.ls_percent_reflns_obs                    87 
_refine.ls_percent_reflns_R_free                 10.12 
_refine.ls_R_factor_all                          ? 
_refine.ls_R_factor_obs                          0.2185 
_refine.ls_R_factor_R_free                       0.3010 
_refine.ls_R_factor_R_free_error                 ? 
_refine.ls_R_factor_R_free_error_details         ? 
_refine.ls_R_factor_R_work                       0.2093 
_refine.ls_R_Fsqd_factor_obs                     ? 
_refine.ls_R_I_factor_obs                        ? 
_refine.ls_redundancy_reflns_all                 ? 
_refine.ls_redundancy_reflns_obs                 ? 
_refine.ls_restrained_S_all                      ? 
_refine.ls_restrained_S_obs                      ? 
_refine.ls_shift_over_esd_max                    ? 
_refine.ls_shift_over_esd_mean                   ? 
_refine.ls_structure_factor_coef                 ? 
_refine.ls_weighting_details                     ? 
_refine.ls_weighting_scheme                      ? 
_refine.ls_wR_factor_all                         ? 
_refine.ls_wR_factor_obs                         ? 
_refine.ls_wR_factor_R_free                      ? 
_refine.ls_wR_factor_R_work                      ? 
_refine.occupancy_max                            ? 
_refine.occupancy_min                            ? 
_refine.solvent_model_details                    'FLAT BULK SOLVENT MODEL' 
_refine.solvent_model_param_bsol                 ? 
_refine.solvent_model_param_ksol                 ? 
_refine.correlation_coeff_I_to_Fcsqd_work        ? 
_refine.correlation_coeff_I_to_Fcsqd_free        ? 
_refine.pdbx_R_complete                          ? 
_refine.ls_R_factor_gt                           ? 
_refine.ls_goodness_of_fit_gt                    ? 
_refine.ls_goodness_of_fit_ref                   ? 
_refine.ls_shift_over_su_max                     ? 
_refine.ls_shift_over_su_max_lt                  ? 
_refine.ls_shift_over_su_mean                    ? 
_refine.ls_shift_over_su_mean_lt                 ? 
_refine.pdbx_ls_sigma_I                          ? 
_refine.pdbx_ls_sigma_F                          1.36 
_refine.pdbx_ls_sigma_Fsqd                       ? 
_refine.pdbx_data_cutoff_high_absF               ? 
_refine.pdbx_data_cutoff_high_rms_absF           ? 
_refine.pdbx_data_cutoff_low_absF                ? 
_refine.pdbx_isotropic_thermal_model             ? 
_refine.pdbx_ls_cross_valid_method               'FREE R-VALUE' 
_refine.pdbx_method_to_determine_struct          'MOLECULAR REPLACEMENT' 
_refine.pdbx_starting_model                      ? 
_refine.pdbx_stereochemistry_target_values       'GeoStd + Monomer Library + CDL v1.2' 
_refine.pdbx_R_Free_selection_details            ? 
_refine.pdbx_stereochem_target_val_spec_case     ? 
_refine.pdbx_overall_ESU_R                       ? 
_refine.pdbx_overall_ESU_R_Free                  ? 
_refine.pdbx_solvent_vdw_probe_radii             1.1100 
_refine.pdbx_solvent_ion_probe_radii             ? 
_refine.pdbx_solvent_shrinkage_radii             0.9000 
_refine.pdbx_real_space_R                        ? 
_refine.pdbx_density_correlation                 ? 
_refine.pdbx_pd_number_of_powder_patterns        ? 
_refine.pdbx_pd_number_of_points                 ? 
_refine.pdbx_pd_meas_number_of_points            ? 
_refine.pdbx_pd_proc_ls_prof_R_factor            ? 
_refine.pdbx_pd_proc_ls_prof_wR_factor           ? 
_refine.pdbx_pd_Marquardt_correlation_coeff      ? 
_refine.pdbx_pd_Fsqrd_R_factor                   ? 
_refine.pdbx_pd_ls_matrix_band_width             ? 
_refine.pdbx_overall_phase_error                 31.3761 
_refine.pdbx_overall_SU_R_free_Cruickshank_DPI   ? 
_refine.pdbx_overall_SU_R_free_Blow_DPI          ? 
_refine.pdbx_overall_SU_R_Blow_DPI               ? 
_refine.pdbx_TLS_residual_ADP_flag               ? 
_refine.pdbx_diffrn_id                           1 
_refine.overall_SU_B                             ? 
_refine.overall_SU_ML                            0.3746 
_refine.overall_SU_R_Cruickshank_DPI             ? 
_refine.overall_SU_R_free                        ? 
_refine.overall_FOM_free_R_set                   ? 
_refine.overall_FOM_work_R_set                   ? 
_refine.pdbx_average_fsc_overall                 ? 
_refine.pdbx_average_fsc_work                    ? 
_refine.pdbx_average_fsc_free                    ? 
# 
_refine_hist.pdbx_refine_id                   'X-RAY DIFFRACTION' 
_refine_hist.cycle_id                         LAST 
_refine_hist.details                          ? 
_refine_hist.d_res_high                       2.50 
_refine_hist.d_res_low                        29.63 
_refine_hist.number_atoms_solvent             27 
_refine_hist.number_atoms_total               963 
_refine_hist.number_reflns_all                ? 
_refine_hist.number_reflns_obs                ? 
_refine_hist.number_reflns_R_free             ? 
_refine_hist.number_reflns_R_work             ? 
_refine_hist.R_factor_all                     ? 
_refine_hist.R_factor_obs                     ? 
_refine_hist.R_factor_R_free                  ? 
_refine_hist.R_factor_R_work                  ? 
_refine_hist.pdbx_number_residues_total       ? 
_refine_hist.pdbx_B_iso_mean_ligand           ? 
_refine_hist.pdbx_B_iso_mean_solvent          ? 
_refine_hist.pdbx_number_atoms_protein        931 
_refine_hist.pdbx_number_atoms_nucleic_acid   0 
_refine_hist.pdbx_number_atoms_ligand         5 
_refine_hist.pdbx_number_atoms_lipid          ? 
_refine_hist.pdbx_number_atoms_carb           ? 
_refine_hist.pdbx_pseudo_atom_details         ? 
# 
loop_
_refine_ls_restr.pdbx_refine_id 
_refine_ls_restr.criterion 
_refine_ls_restr.dev_ideal 
_refine_ls_restr.dev_ideal_target 
_refine_ls_restr.number 
_refine_ls_restr.rejects 
_refine_ls_restr.type 
_refine_ls_restr.weight 
_refine_ls_restr.pdbx_restraint_function 
'X-RAY DIFFRACTION' ? 0.0079 ? 956  ? f_bond_d           ? ? 
'X-RAY DIFFRACTION' ? 0.8913 ? 1293 ? f_angle_d          ? ? 
'X-RAY DIFFRACTION' ? 0.0562 ? 138  ? f_chiral_restr     ? ? 
'X-RAY DIFFRACTION' ? 0.0092 ? 170  ? f_plane_restr      ? ? 
'X-RAY DIFFRACTION' ? 6.1621 ? 129  ? f_dihedral_angle_d ? ? 
# 
loop_
_refine_ls_shell.pdbx_refine_id 
_refine_ls_shell.d_res_high 
_refine_ls_shell.d_res_low 
_refine_ls_shell.number_reflns_all 
_refine_ls_shell.number_reflns_obs 
_refine_ls_shell.number_reflns_R_free 
_refine_ls_shell.number_reflns_R_work 
_refine_ls_shell.percent_reflns_obs 
_refine_ls_shell.percent_reflns_R_free 
_refine_ls_shell.R_factor_all 
_refine_ls_shell.R_factor_obs 
_refine_ls_shell.R_factor_R_free_error 
_refine_ls_shell.R_factor_R_work 
_refine_ls_shell.redundancy_reflns_all 
_refine_ls_shell.redundancy_reflns_obs 
_refine_ls_shell.wR_factor_all 
_refine_ls_shell.wR_factor_obs 
_refine_ls_shell.wR_factor_R_free 
_refine_ls_shell.wR_factor_R_work 
_refine_ls_shell.pdbx_R_complete 
_refine_ls_shell.correlation_coeff_Fo_to_Fc 
_refine_ls_shell.correlation_coeff_Fo_to_Fc_free 
_refine_ls_shell.correlation_coeff_I_to_Fcsqd_work 
_refine_ls_shell.correlation_coeff_I_to_Fcsqd_free 
_refine_ls_shell.pdbx_total_number_of_bins_used 
_refine_ls_shell.pdbx_phase_error 
_refine_ls_shell.pdbx_fsc_work 
_refine_ls_shell.pdbx_fsc_free 
_refine_ls_shell.R_factor_R_free 
'X-RAY DIFFRACTION' 2.50 2.70  . . 142 1308 92.83 . . . . 0.2306 . . . . . . . . . . . . . . . 0.2876 
'X-RAY DIFFRACTION' 2.70 2.97  . . 162 1386 99.81 . . . . 0.2067 . . . . . . . . . . . . . . . 0.3033 
'X-RAY DIFFRACTION' 2.97 3.40  . . 149 1385 97.89 . . . . 0.1905 . . . . . . . . . . . . . . . 0.2834 
'X-RAY DIFFRACTION' 3.40 4.28  . . 135 1149 82.10 . . . . 0.2058 . . . . . . . . . . . . . . . 0.2944 
'X-RAY DIFFRACTION' 4.28 29.63 . . 105 926  65.59 . . . . 0.2211 . . . . . . . . . . . . . . . 0.3254 
# 
_struct.entry_id                     9NGB 
_struct.title                        'truncated cis-CaaD' 
_struct.pdbx_model_details           ? 
_struct.pdbx_formula_weight          ? 
_struct.pdbx_formula_weight_method   ? 
_struct.pdbx_model_type_details      ? 
_struct.pdbx_CASP_flag               N 
# 
_struct_keywords.entry_id        9NGB 
_struct_keywords.text            'Tautomerase, cis-CaaD, HYDROLASE' 
_struct_keywords.pdbx_keywords   HYDROLASE 
# 
loop_
_struct_asym.id 
_struct_asym.pdbx_blank_PDB_chainid_flag 
_struct_asym.pdbx_modified 
_struct_asym.entity_id 
_struct_asym.details 
A N N 1 ? 
B N N 2 ? 
C N N 3 ? 
# 
_struct_ref.id                         1 
_struct_ref.db_name                    UNP 
_struct_ref.db_code                    Q6VPE5_9CORY 
_struct_ref.pdbx_db_accession          Q6VPE5 
_struct_ref.pdbx_db_isoform            ? 
_struct_ref.entity_id                  1 
_struct_ref.pdbx_seq_one_letter_code   
;PVYMVYVSQDRLTPSAKHAVAKAITDAHRGLTGTQHFLAQVNFQEQPAGNVFLGGVQQGGDTIFVHGLHREGRSADLKGQ
LAQRIVDDVSVAAEIDRKHIWVYFGEMPAQQMVEYGRFL
;
_struct_ref.pdbx_align_begin           2 
# 
_struct_ref_seq.align_id                      1 
_struct_ref_seq.ref_id                        1 
_struct_ref_seq.pdbx_PDB_id_code              9NGB 
_struct_ref_seq.pdbx_strand_id                A 
_struct_ref_seq.seq_align_beg                 1 
_struct_ref_seq.pdbx_seq_align_beg_ins_code   ? 
_struct_ref_seq.seq_align_end                 119 
_struct_ref_seq.pdbx_seq_align_end_ins_code   ? 
_struct_ref_seq.pdbx_db_accession             Q6VPE5 
_struct_ref_seq.db_align_beg                  2 
_struct_ref_seq.pdbx_db_align_beg_ins_code    ? 
_struct_ref_seq.db_align_end                  120 
_struct_ref_seq.pdbx_db_align_end_ins_code    ? 
_struct_ref_seq.pdbx_auth_seq_align_beg       1 
_struct_ref_seq.pdbx_auth_seq_align_end       119 
# 
loop_
_struct_ref_seq_dif.align_id 
_struct_ref_seq_dif.pdbx_pdb_id_code 
_struct_ref_seq_dif.mon_id 
_struct_ref_seq_dif.pdbx_pdb_strand_id 
_struct_ref_seq_dif.seq_num 
_struct_ref_seq_dif.pdbx_pdb_ins_code 
_struct_ref_seq_dif.pdbx_seq_db_name 
_struct_ref_seq_dif.pdbx_seq_db_accession_code 
_struct_ref_seq_dif.db_mon_id 
_struct_ref_seq_dif.pdbx_seq_db_seq_num 
_struct_ref_seq_dif.details 
_struct_ref_seq_dif.pdbx_auth_seq_num 
_struct_ref_seq_dif.pdbx_ordinal 
1 9NGB GLU A 120 ? UNP Q6VPE5 ? ? 'expression tag' 120 1  
1 9NGB ASN A 121 ? UNP Q6VPE5 ? ? 'expression tag' 121 2  
1 9NGB LEU A 122 ? UNP Q6VPE5 ? ? 'expression tag' 122 3  
1 9NGB TYR A 123 ? UNP Q6VPE5 ? ? 'expression tag' 123 4  
1 9NGB PHE A 124 ? UNP Q6VPE5 ? ? 'expression tag' 124 5  
1 9NGB GLN A 125 ? UNP Q6VPE5 ? ? 'expression tag' 125 6  
1 9NGB GLY A 126 ? UNP Q6VPE5 ? ? 'expression tag' 126 7  
1 9NGB LEU A 127 ? UNP Q6VPE5 ? ? 'expression tag' 127 8  
1 9NGB GLU A 128 ? UNP Q6VPE5 ? ? 'expression tag' 128 9  
1 9NGB HIS A 129 ? UNP Q6VPE5 ? ? 'expression tag' 129 10 
1 9NGB HIS A 130 ? UNP Q6VPE5 ? ? 'expression tag' 130 11 
1 9NGB HIS A 131 ? UNP Q6VPE5 ? ? 'expression tag' 131 12 
1 9NGB HIS A 132 ? UNP Q6VPE5 ? ? 'expression tag' 132 13 
1 9NGB HIS A 133 ? UNP Q6VPE5 ? ? 'expression tag' 133 14 
1 9NGB HIS A 134 ? UNP Q6VPE5 ? ? 'expression tag' 134 15 
# 
_pdbx_struct_assembly.id                   1 
_pdbx_struct_assembly.details              author_and_software_defined_assembly 
_pdbx_struct_assembly.method_details       PISA 
_pdbx_struct_assembly.oligomeric_details   trimeric 
_pdbx_struct_assembly.oligomeric_count     3 
# 
loop_
_pdbx_struct_assembly_prop.biol_id 
_pdbx_struct_assembly_prop.type 
_pdbx_struct_assembly_prop.value 
_pdbx_struct_assembly_prop.details 
1 'ABSA (A^2)' 8110  ? 
1 MORE         -98   ? 
1 'SSA (A^2)'  13480 ? 
# 
_pdbx_struct_assembly_gen.assembly_id       1 
_pdbx_struct_assembly_gen.oper_expression   1,2,3 
_pdbx_struct_assembly_gen.asym_id_list      A,B,C 
# 
_pdbx_struct_assembly_auth_evidence.id                     1 
_pdbx_struct_assembly_auth_evidence.assembly_id            1 
_pdbx_struct_assembly_auth_evidence.experimental_support   'gel filtration' 
_pdbx_struct_assembly_auth_evidence.details                ? 
# 
loop_
_pdbx_struct_oper_list.id 
_pdbx_struct_oper_list.type 
_pdbx_struct_oper_list.name 
_pdbx_struct_oper_list.symmetry_operation 
_pdbx_struct_oper_list.matrix[1][1] 
_pdbx_struct_oper_list.matrix[1][2] 
_pdbx_struct_oper_list.matrix[1][3] 
_pdbx_struct_oper_list.vector[1] 
_pdbx_struct_oper_list.matrix[2][1] 
_pdbx_struct_oper_list.matrix[2][2] 
_pdbx_struct_oper_list.matrix[2][3] 
_pdbx_struct_oper_list.vector[2] 
_pdbx_struct_oper_list.matrix[3][1] 
_pdbx_struct_oper_list.matrix[3][2] 
_pdbx_struct_oper_list.matrix[3][3] 
_pdbx_struct_oper_list.vector[3] 
1 'identity operation'         1_555 x,y,z       1.0000000000  0.0000000000  0.0000000000  0.0000000000  0.0000000000  1.0000000000 0.0000000000  0.0000000000 0.0000000000  0.0000000000  1.0000000000  0.0000000000  
2 'crystal symmetry operation' 2_545 -y,x-y-1,z  -0.4898770378 -0.1162948218 -0.8640000013 18.6668448282 -0.1293155272 0.9897922684 -0.0599062593 1.4758953560 0.8621473090  0.0823819148  -0.4999152306 8.3296922312  
3 'crystal symmetry operation' 3_655 -x+y+1,-x,z -0.4898770378 -0.1293155272 0.8621473090  2.1538930937  -0.1162948218 0.9897922684 0.0823819148  0.0238115858 -0.8640000013 -0.0599062593 -0.4999152306 20.3807093385 
# 
loop_
_struct_conf.conf_type_id 
_struct_conf.id 
_struct_conf.pdbx_PDB_helix_id 
_struct_conf.beg_label_comp_id 
_struct_conf.beg_label_asym_id 
_struct_conf.beg_label_seq_id 
_struct_conf.pdbx_beg_PDB_ins_code 
_struct_conf.end_label_comp_id 
_struct_conf.end_label_asym_id 
_struct_conf.end_label_seq_id 
_struct_conf.pdbx_end_PDB_ins_code 
_struct_conf.beg_auth_comp_id 
_struct_conf.beg_auth_asym_id 
_struct_conf.beg_auth_seq_id 
_struct_conf.end_auth_comp_id 
_struct_conf.end_auth_asym_id 
_struct_conf.end_auth_seq_id 
_struct_conf.pdbx_PDB_helix_class 
_struct_conf.details 
_struct_conf.pdbx_PDB_helix_length 
HELX_P HELX_P1 AA1 THR A 13  ? GLY A 33  ? THR A 13  GLY A 33  1 ? 21 
HELX_P HELX_P2 AA2 GLN A 35  ? ALA A 39  ? GLN A 35  ALA A 39  5 ? 5  
HELX_P HELX_P3 AA3 SER A 74  ? GLU A 94  ? SER A 74  GLU A 94  1 ? 21 
HELX_P HELX_P4 AA4 ASP A 96  ? LYS A 98  ? ASP A 96  LYS A 98  5 ? 3  
HELX_P HELX_P5 AA5 PRO A 108 ? GLN A 111 ? PRO A 108 GLN A 111 5 ? 4  
# 
_struct_conf_type.id          HELX_P 
_struct_conf_type.criteria    ? 
_struct_conf_type.reference   ? 
# 
loop_
_struct_sheet.id 
_struct_sheet.type 
_struct_sheet.number_strands 
_struct_sheet.details 
AA1 ? 4 ? 
AA2 ? 2 ? 
AA3 ? 2 ? 
# 
loop_
_struct_sheet_order.sheet_id 
_struct_sheet_order.range_id_1 
_struct_sheet_order.range_id_2 
_struct_sheet_order.offset 
_struct_sheet_order.sense 
AA1 1 2 ? parallel      
AA1 2 3 ? anti-parallel 
AA1 3 4 ? parallel      
AA2 1 2 ? anti-parallel 
AA3 1 2 ? anti-parallel 
# 
loop_
_struct_sheet_range.sheet_id 
_struct_sheet_range.id 
_struct_sheet_range.beg_label_comp_id 
_struct_sheet_range.beg_label_asym_id 
_struct_sheet_range.beg_label_seq_id 
_struct_sheet_range.pdbx_beg_PDB_ins_code 
_struct_sheet_range.end_label_comp_id 
_struct_sheet_range.end_label_asym_id 
_struct_sheet_range.end_label_seq_id 
_struct_sheet_range.pdbx_end_PDB_ins_code 
_struct_sheet_range.beg_auth_comp_id 
_struct_sheet_range.beg_auth_asym_id 
_struct_sheet_range.beg_auth_seq_id 
_struct_sheet_range.end_auth_comp_id 
_struct_sheet_range.end_auth_asym_id 
_struct_sheet_range.end_auth_seq_id 
AA1 1 GLN A 40  ? GLN A 46  ? GLN A 40  GLN A 46  
AA1 2 VAL A 2   ? SER A 8   ? VAL A 2   SER A 8   
AA1 3 ILE A 63  ? ARG A 70  ? ILE A 63  ARG A 70  
AA1 4 ILE A 100 ? MET A 107 ? ILE A 100 MET A 107 
AA2 1 PHE A 52  ? LEU A 53  ? PHE A 52  LEU A 53  
AA2 2 VAL A 56  ? GLN A 57  ? VAL A 56  GLN A 57  
AA3 1 VAL A 113 ? GLU A 114 ? VAL A 113 GLU A 114 
AA3 2 ARG A 117 ? PHE A 118 ? ARG A 117 PHE A 118 
# 
loop_
_pdbx_struct_sheet_hbond.sheet_id 
_pdbx_struct_sheet_hbond.range_id_1 
_pdbx_struct_sheet_hbond.range_id_2 
_pdbx_struct_sheet_hbond.range_1_label_atom_id 
_pdbx_struct_sheet_hbond.range_1_label_comp_id 
_pdbx_struct_sheet_hbond.range_1_label_asym_id 
_pdbx_struct_sheet_hbond.range_1_label_seq_id 
_pdbx_struct_sheet_hbond.range_1_PDB_ins_code 
_pdbx_struct_sheet_hbond.range_1_auth_atom_id 
_pdbx_struct_sheet_hbond.range_1_auth_comp_id 
_pdbx_struct_sheet_hbond.range_1_auth_asym_id 
_pdbx_struct_sheet_hbond.range_1_auth_seq_id 
_pdbx_struct_sheet_hbond.range_2_label_atom_id 
_pdbx_struct_sheet_hbond.range_2_label_comp_id 
_pdbx_struct_sheet_hbond.range_2_label_asym_id 
_pdbx_struct_sheet_hbond.range_2_label_seq_id 
_pdbx_struct_sheet_hbond.range_2_PDB_ins_code 
_pdbx_struct_sheet_hbond.range_2_auth_atom_id 
_pdbx_struct_sheet_hbond.range_2_auth_comp_id 
_pdbx_struct_sheet_hbond.range_2_auth_asym_id 
_pdbx_struct_sheet_hbond.range_2_auth_seq_id 
AA1 1 2 O GLN A 44  ? O GLN A 44  N VAL A 5   ? N VAL A 5   
AA1 2 3 N MET A 4   ? N MET A 4   O HIS A 66  ? O HIS A 66  
AA1 3 4 N HIS A 69  ? N HIS A 69  O GLY A 105 ? O GLY A 105 
AA2 1 2 N LEU A 53  ? N LEU A 53  O VAL A 56  ? O VAL A 56  
AA3 1 2 N GLU A 114 ? N GLU A 114 O ARG A 117 ? O ARG A 117 
# 
_pdbx_entry_details.entry_id                   9NGB 
_pdbx_entry_details.nonpolymer_details         ? 
_pdbx_entry_details.sequence_details           ? 
_pdbx_entry_details.compound_details           ? 
_pdbx_entry_details.source_details             ? 
_pdbx_entry_details.has_ligand_of_interest     N 
_pdbx_entry_details.has_protein_modification   N 
# 
loop_
_pdbx_validate_close_contact.id 
_pdbx_validate_close_contact.PDB_model_num 
_pdbx_validate_close_contact.auth_atom_id_1 
_pdbx_validate_close_contact.auth_asym_id_1 
_pdbx_validate_close_contact.auth_comp_id_1 
_pdbx_validate_close_contact.auth_seq_id_1 
_pdbx_validate_close_contact.PDB_ins_code_1 
_pdbx_validate_close_contact.label_alt_id_1 
_pdbx_validate_close_contact.auth_atom_id_2 
_pdbx_validate_close_contact.auth_asym_id_2 
_pdbx_validate_close_contact.auth_comp_id_2 
_pdbx_validate_close_contact.auth_seq_id_2 
_pdbx_validate_close_contact.PDB_ins_code_2 
_pdbx_validate_close_contact.label_alt_id_2 
_pdbx_validate_close_contact.dist 
1 1 NH1 A ARG 84 ? ? OD2 A ASP 88  ? ? 2.06 
2 1 OE1 A GLN 80 ? ? O   A HOH 301 ? ? 2.18 
3 1 OD2 A ASP 76 ? ? O   A HOH 302 ? ? 2.18 
# 
_pdbx_validate_symm_contact.id                1 
_pdbx_validate_symm_contact.PDB_model_num     1 
_pdbx_validate_symm_contact.auth_atom_id_1    O 
_pdbx_validate_symm_contact.auth_asym_id_1    A 
_pdbx_validate_symm_contact.auth_comp_id_1    HOH 
_pdbx_validate_symm_contact.auth_seq_id_1     301 
_pdbx_validate_symm_contact.PDB_ins_code_1    ? 
_pdbx_validate_symm_contact.label_alt_id_1    ? 
_pdbx_validate_symm_contact.site_symmetry_1   1_555 
_pdbx_validate_symm_contact.auth_atom_id_2    O 
_pdbx_validate_symm_contact.auth_asym_id_2    A 
_pdbx_validate_symm_contact.auth_comp_id_2    HOH 
_pdbx_validate_symm_contact.auth_seq_id_2     326 
_pdbx_validate_symm_contact.PDB_ins_code_2    ? 
_pdbx_validate_symm_contact.label_alt_id_2    ? 
_pdbx_validate_symm_contact.site_symmetry_2   5_554 
_pdbx_validate_symm_contact.dist              2.17 
# 
_pdbx_validate_torsion.id              1 
_pdbx_validate_torsion.PDB_model_num   1 
_pdbx_validate_torsion.auth_comp_id    ALA 
_pdbx_validate_torsion.auth_asym_id    A 
_pdbx_validate_torsion.auth_seq_id     16 
_pdbx_validate_torsion.PDB_ins_code    ? 
_pdbx_validate_torsion.label_alt_id    ? 
_pdbx_validate_torsion.phi             164.22 
_pdbx_validate_torsion.psi             -41.52 
# 
_pdbx_struct_special_symmetry.id              1 
_pdbx_struct_special_symmetry.PDB_model_num   1 
_pdbx_struct_special_symmetry.auth_asym_id    A 
_pdbx_struct_special_symmetry.auth_comp_id    HOH 
_pdbx_struct_special_symmetry.auth_seq_id     319 
_pdbx_struct_special_symmetry.PDB_ins_code    ? 
_pdbx_struct_special_symmetry.label_asym_id   C 
_pdbx_struct_special_symmetry.label_comp_id   HOH 
_pdbx_struct_special_symmetry.label_seq_id    . 
# 
loop_
_space_group_symop.id 
_space_group_symop.operation_xyz 
1 x,y,z        
2 x-y,x,z+1/2  
3 y,-x+y,z+1/2 
4 -y,x-y,z     
5 -x+y,-x,z    
6 -x,-y,z+1/2  
# 
loop_
_pdbx_unobs_or_zero_occ_residues.id 
_pdbx_unobs_or_zero_occ_residues.PDB_model_num 
_pdbx_unobs_or_zero_occ_residues.polymer_flag 
_pdbx_unobs_or_zero_occ_residues.occupancy_flag 
_pdbx_unobs_or_zero_occ_residues.auth_asym_id 
_pdbx_unobs_or_zero_occ_residues.auth_comp_id 
_pdbx_unobs_or_zero_occ_residues.auth_seq_id 
_pdbx_unobs_or_zero_occ_residues.PDB_ins_code 
_pdbx_unobs_or_zero_occ_residues.label_asym_id 
_pdbx_unobs_or_zero_occ_residues.label_comp_id 
_pdbx_unobs_or_zero_occ_residues.label_seq_id 
1  1 Y 1 A GLU 120 ? A GLU 120 
2  1 Y 1 A ASN 121 ? A ASN 121 
3  1 Y 1 A LEU 122 ? A LEU 122 
4  1 Y 1 A TYR 123 ? A TYR 123 
5  1 Y 1 A PHE 124 ? A PHE 124 
6  1 Y 1 A GLN 125 ? A GLN 125 
7  1 Y 1 A GLY 126 ? A GLY 126 
8  1 Y 1 A LEU 127 ? A LEU 127 
9  1 Y 1 A GLU 128 ? A GLU 128 
10 1 Y 1 A HIS 129 ? A HIS 129 
11 1 Y 1 A HIS 130 ? A HIS 130 
12 1 Y 1 A HIS 131 ? A HIS 131 
13 1 Y 1 A HIS 132 ? A HIS 132 
14 1 Y 1 A HIS 133 ? A HIS 133 
15 1 Y 1 A HIS 134 ? A HIS 134 
# 
loop_
_chem_comp_atom.comp_id 
_chem_comp_atom.atom_id 
_chem_comp_atom.type_symbol 
_chem_comp_atom.pdbx_aromatic_flag 
_chem_comp_atom.pdbx_stereo_config 
_chem_comp_atom.pdbx_ordinal 
ALA N    N N N 1   
ALA CA   C N S 2   
ALA C    C N N 3   
ALA O    O N N 4   
ALA CB   C N N 5   
ALA OXT  O N N 6   
ALA H    H N N 7   
ALA H2   H N N 8   
ALA HA   H N N 9   
ALA HB1  H N N 10  
ALA HB2  H N N 11  
ALA HB3  H N N 12  
ALA HXT  H N N 13  
ARG N    N N N 14  
ARG CA   C N S 15  
ARG C    C N N 16  
ARG O    O N N 17  
ARG CB   C N N 18  
ARG CG   C N N 19  
ARG CD   C N N 20  
ARG NE   N N N 21  
ARG CZ   C N N 22  
ARG NH1  N N N 23  
ARG NH2  N N N 24  
ARG OXT  O N N 25  
ARG H    H N N 26  
ARG H2   H N N 27  
ARG HA   H N N 28  
ARG HB2  H N N 29  
ARG HB3  H N N 30  
ARG HG2  H N N 31  
ARG HG3  H N N 32  
ARG HD2  H N N 33  
ARG HD3  H N N 34  
ARG HE   H N N 35  
ARG HH11 H N N 36  
ARG HH12 H N N 37  
ARG HH21 H N N 38  
ARG HH22 H N N 39  
ARG HXT  H N N 40  
ASN N    N N N 41  
ASN CA   C N S 42  
ASN C    C N N 43  
ASN O    O N N 44  
ASN CB   C N N 45  
ASN CG   C N N 46  
ASN OD1  O N N 47  
ASN ND2  N N N 48  
ASN OXT  O N N 49  
ASN H    H N N 50  
ASN H2   H N N 51  
ASN HA   H N N 52  
ASN HB2  H N N 53  
ASN HB3  H N N 54  
ASN HD21 H N N 55  
ASN HD22 H N N 56  
ASN HXT  H N N 57  
ASP N    N N N 58  
ASP CA   C N S 59  
ASP C    C N N 60  
ASP O    O N N 61  
ASP CB   C N N 62  
ASP CG   C N N 63  
ASP OD1  O N N 64  
ASP OD2  O N N 65  
ASP OXT  O N N 66  
ASP H    H N N 67  
ASP H2   H N N 68  
ASP HA   H N N 69  
ASP HB2  H N N 70  
ASP HB3  H N N 71  
ASP HD2  H N N 72  
ASP HXT  H N N 73  
GLN N    N N N 74  
GLN CA   C N S 75  
GLN C    C N N 76  
GLN O    O N N 77  
GLN CB   C N N 78  
GLN CG   C N N 79  
GLN CD   C N N 80  
GLN OE1  O N N 81  
GLN NE2  N N N 82  
GLN OXT  O N N 83  
GLN H    H N N 84  
GLN H2   H N N 85  
GLN HA   H N N 86  
GLN HB2  H N N 87  
GLN HB3  H N N 88  
GLN HG2  H N N 89  
GLN HG3  H N N 90  
GLN HE21 H N N 91  
GLN HE22 H N N 92  
GLN HXT  H N N 93  
GLU N    N N N 94  
GLU CA   C N S 95  
GLU C    C N N 96  
GLU O    O N N 97  
GLU CB   C N N 98  
GLU CG   C N N 99  
GLU CD   C N N 100 
GLU OE1  O N N 101 
GLU OE2  O N N 102 
GLU OXT  O N N 103 
GLU H    H N N 104 
GLU H2   H N N 105 
GLU HA   H N N 106 
GLU HB2  H N N 107 
GLU HB3  H N N 108 
GLU HG2  H N N 109 
GLU HG3  H N N 110 
GLU HE2  H N N 111 
GLU HXT  H N N 112 
GLY N    N N N 113 
GLY CA   C N N 114 
GLY C    C N N 115 
GLY O    O N N 116 
GLY OXT  O N N 117 
GLY H    H N N 118 
GLY H2   H N N 119 
GLY HA2  H N N 120 
GLY HA3  H N N 121 
GLY HXT  H N N 122 
HIS N    N N N 123 
HIS CA   C N S 124 
HIS C    C N N 125 
HIS O    O N N 126 
HIS CB   C N N 127 
HIS CG   C Y N 128 
HIS ND1  N Y N 129 
HIS CD2  C Y N 130 
HIS CE1  C Y N 131 
HIS NE2  N Y N 132 
HIS OXT  O N N 133 
HIS H    H N N 134 
HIS H2   H N N 135 
HIS HA   H N N 136 
HIS HB2  H N N 137 
HIS HB3  H N N 138 
HIS HD1  H N N 139 
HIS HD2  H N N 140 
HIS HE1  H N N 141 
HIS HE2  H N N 142 
HIS HXT  H N N 143 
HOH O    O N N 144 
HOH H1   H N N 145 
HOH H2   H N N 146 
ILE N    N N N 147 
ILE CA   C N S 148 
ILE C    C N N 149 
ILE O    O N N 150 
ILE CB   C N S 151 
ILE CG1  C N N 152 
ILE CG2  C N N 153 
ILE CD1  C N N 154 
ILE OXT  O N N 155 
ILE H    H N N 156 
ILE H2   H N N 157 
ILE HA   H N N 158 
ILE HB   H N N 159 
ILE HG12 H N N 160 
ILE HG13 H N N 161 
ILE HG21 H N N 162 
ILE HG22 H N N 163 
ILE HG23 H N N 164 
ILE HD11 H N N 165 
ILE HD12 H N N 166 
ILE HD13 H N N 167 
ILE HXT  H N N 168 
LEU N    N N N 169 
LEU CA   C N S 170 
LEU C    C N N 171 
LEU O    O N N 172 
LEU CB   C N N 173 
LEU CG   C N N 174 
LEU CD1  C N N 175 
LEU CD2  C N N 176 
LEU OXT  O N N 177 
LEU H    H N N 178 
LEU H2   H N N 179 
LEU HA   H N N 180 
LEU HB2  H N N 181 
LEU HB3  H N N 182 
LEU HG   H N N 183 
LEU HD11 H N N 184 
LEU HD12 H N N 185 
LEU HD13 H N N 186 
LEU HD21 H N N 187 
LEU HD22 H N N 188 
LEU HD23 H N N 189 
LEU HXT  H N N 190 
LYS N    N N N 191 
LYS CA   C N S 192 
LYS C    C N N 193 
LYS O    O N N 194 
LYS CB   C N N 195 
LYS CG   C N N 196 
LYS CD   C N N 197 
LYS CE   C N N 198 
LYS NZ   N N N 199 
LYS OXT  O N N 200 
LYS H    H N N 201 
LYS H2   H N N 202 
LYS HA   H N N 203 
LYS HB2  H N N 204 
LYS HB3  H N N 205 
LYS HG2  H N N 206 
LYS HG3  H N N 207 
LYS HD2  H N N 208 
LYS HD3  H N N 209 
LYS HE2  H N N 210 
LYS HE3  H N N 211 
LYS HZ1  H N N 212 
LYS HZ2  H N N 213 
LYS HZ3  H N N 214 
LYS HXT  H N N 215 
MET N    N N N 216 
MET CA   C N S 217 
MET C    C N N 218 
MET O    O N N 219 
MET CB   C N N 220 
MET CG   C N N 221 
MET SD   S N N 222 
MET CE   C N N 223 
MET OXT  O N N 224 
MET H    H N N 225 
MET H2   H N N 226 
MET HA   H N N 227 
MET HB2  H N N 228 
MET HB3  H N N 229 
MET HG2  H N N 230 
MET HG3  H N N 231 
MET HE1  H N N 232 
MET HE2  H N N 233 
MET HE3  H N N 234 
MET HXT  H N N 235 
PHE N    N N N 236 
PHE CA   C N S 237 
PHE C    C N N 238 
PHE O    O N N 239 
PHE CB   C N N 240 
PHE CG   C Y N 241 
PHE CD1  C Y N 242 
PHE CD2  C Y N 243 
PHE CE1  C Y N 244 
PHE CE2  C Y N 245 
PHE CZ   C Y N 246 
PHE OXT  O N N 247 
PHE H    H N N 248 
PHE H2   H N N 249 
PHE HA   H N N 250 
PHE HB2  H N N 251 
PHE HB3  H N N 252 
PHE HD1  H N N 253 
PHE HD2  H N N 254 
PHE HE1  H N N 255 
PHE HE2  H N N 256 
PHE HZ   H N N 257 
PHE HXT  H N N 258 
PRO N    N N N 259 
PRO CA   C N S 260 
PRO C    C N N 261 
PRO O    O N N 262 
PRO CB   C N N 263 
PRO CG   C N N 264 
PRO CD   C N N 265 
PRO OXT  O N N 266 
PRO H    H N N 267 
PRO HA   H N N 268 
PRO HB2  H N N 269 
PRO HB3  H N N 270 
PRO HG2  H N N 271 
PRO HG3  H N N 272 
PRO HD2  H N N 273 
PRO HD3  H N N 274 
PRO HXT  H N N 275 
SER N    N N N 276 
SER CA   C N S 277 
SER C    C N N 278 
SER O    O N N 279 
SER CB   C N N 280 
SER OG   O N N 281 
SER OXT  O N N 282 
SER H    H N N 283 
SER H2   H N N 284 
SER HA   H N N 285 
SER HB2  H N N 286 
SER HB3  H N N 287 
SER HG   H N N 288 
SER HXT  H N N 289 
SO4 S    S N N 290 
SO4 O1   O N N 291 
SO4 O2   O N N 292 
SO4 O3   O N N 293 
SO4 O4   O N N 294 
THR N    N N N 295 
THR CA   C N S 296 
THR C    C N N 297 
THR O    O N N 298 
THR CB   C N R 299 
THR OG1  O N N 300 
THR CG2  C N N 301 
THR OXT  O N N 302 
THR H    H N N 303 
THR H2   H N N 304 
THR HA   H N N 305 
THR HB   H N N 306 
THR HG1  H N N 307 
THR HG21 H N N 308 
THR HG22 H N N 309 
THR HG23 H N N 310 
THR HXT  H N N 311 
TRP N    N N N 312 
TRP CA   C N S 313 
TRP C    C N N 314 
TRP O    O N N 315 
TRP CB   C N N 316 
TRP CG   C Y N 317 
TRP CD1  C Y N 318 
TRP CD2  C Y N 319 
TRP NE1  N Y N 320 
TRP CE2  C Y N 321 
TRP CE3  C Y N 322 
TRP CZ2  C Y N 323 
TRP CZ3  C Y N 324 
TRP CH2  C Y N 325 
TRP OXT  O N N 326 
TRP H    H N N 327 
TRP H2   H N N 328 
TRP HA   H N N 329 
TRP HB2  H N N 330 
TRP HB3  H N N 331 
TRP HD1  H N N 332 
TRP HE1  H N N 333 
TRP HE3  H N N 334 
TRP HZ2  H N N 335 
TRP HZ3  H N N 336 
TRP HH2  H N N 337 
TRP HXT  H N N 338 
TYR N    N N N 339 
TYR CA   C N S 340 
TYR C    C N N 341 
TYR O    O N N 342 
TYR CB   C N N 343 
TYR CG   C Y N 344 
TYR CD1  C Y N 345 
TYR CD2  C Y N 346 
TYR CE1  C Y N 347 
TYR CE2  C Y N 348 
TYR CZ   C Y N 349 
TYR OH   O N N 350 
TYR OXT  O N N 351 
TYR H    H N N 352 
TYR H2   H N N 353 
TYR HA   H N N 354 
TYR HB2  H N N 355 
TYR HB3  H N N 356 
TYR HD1  H N N 357 
TYR HD2  H N N 358 
TYR HE1  H N N 359 
TYR HE2  H N N 360 
TYR HH   H N N 361 
TYR HXT  H N N 362 
VAL N    N N N 363 
VAL CA   C N S 364 
VAL C    C N N 365 
VAL O    O N N 366 
VAL CB   C N N 367 
VAL CG1  C N N 368 
VAL CG2  C N N 369 
VAL OXT  O N N 370 
VAL H    H N N 371 
VAL H2   H N N 372 
VAL HA   H N N 373 
VAL HB   H N N 374 
VAL HG11 H N N 375 
VAL HG12 H N N 376 
VAL HG13 H N N 377 
VAL HG21 H N N 378 
VAL HG22 H N N 379 
VAL HG23 H N N 380 
VAL HXT  H N N 381 
# 
loop_
_chem_comp_bond.comp_id 
_chem_comp_bond.atom_id_1 
_chem_comp_bond.atom_id_2 
_chem_comp_bond.value_order 
_chem_comp_bond.pdbx_aromatic_flag 
_chem_comp_bond.pdbx_stereo_config 
_chem_comp_bond.pdbx_ordinal 
ALA N   CA   sing N N 1   
ALA N   H    sing N N 2   
ALA N   H2   sing N N 3   
ALA CA  C    sing N N 4   
ALA CA  CB   sing N N 5   
ALA CA  HA   sing N N 6   
ALA C   O    doub N N 7   
ALA C   OXT  sing N N 8   
ALA CB  HB1  sing N N 9   
ALA CB  HB2  sing N N 10  
ALA CB  HB3  sing N N 11  
ALA OXT HXT  sing N N 12  
ARG N   CA   sing N N 13  
ARG N   H    sing N N 14  
ARG N   H2   sing N N 15  
ARG CA  C    sing N N 16  
ARG CA  CB   sing N N 17  
ARG CA  HA   sing N N 18  
ARG C   O    doub N N 19  
ARG C   OXT  sing N N 20  
ARG CB  CG   sing N N 21  
ARG CB  HB2  sing N N 22  
ARG CB  HB3  sing N N 23  
ARG CG  CD   sing N N 24  
ARG CG  HG2  sing N N 25  
ARG CG  HG3  sing N N 26  
ARG CD  NE   sing N N 27  
ARG CD  HD2  sing N N 28  
ARG CD  HD3  sing N N 29  
ARG NE  CZ   sing N N 30  
ARG NE  HE   sing N N 31  
ARG CZ  NH1  sing N N 32  
ARG CZ  NH2  doub N N 33  
ARG NH1 HH11 sing N N 34  
ARG NH1 HH12 sing N N 35  
ARG NH2 HH21 sing N N 36  
ARG NH2 HH22 sing N N 37  
ARG OXT HXT  sing N N 38  
ASN N   CA   sing N N 39  
ASN N   H    sing N N 40  
ASN N   H2   sing N N 41  
ASN CA  C    sing N N 42  
ASN CA  CB   sing N N 43  
ASN CA  HA   sing N N 44  
ASN C   O    doub N N 45  
ASN C   OXT  sing N N 46  
ASN CB  CG   sing N N 47  
ASN CB  HB2  sing N N 48  
ASN CB  HB3  sing N N 49  
ASN CG  OD1  doub N N 50  
ASN CG  ND2  sing N N 51  
ASN ND2 HD21 sing N N 52  
ASN ND2 HD22 sing N N 53  
ASN OXT HXT  sing N N 54  
ASP N   CA   sing N N 55  
ASP N   H    sing N N 56  
ASP N   H2   sing N N 57  
ASP CA  C    sing N N 58  
ASP CA  CB   sing N N 59  
ASP CA  HA   sing N N 60  
ASP C   O    doub N N 61  
ASP C   OXT  sing N N 62  
ASP CB  CG   sing N N 63  
ASP CB  HB2  sing N N 64  
ASP CB  HB3  sing N N 65  
ASP CG  OD1  doub N N 66  
ASP CG  OD2  sing N N 67  
ASP OD2 HD2  sing N N 68  
ASP OXT HXT  sing N N 69  
GLN N   CA   sing N N 70  
GLN N   H    sing N N 71  
GLN N   H2   sing N N 72  
GLN CA  C    sing N N 73  
GLN CA  CB   sing N N 74  
GLN CA  HA   sing N N 75  
GLN C   O    doub N N 76  
GLN C   OXT  sing N N 77  
GLN CB  CG   sing N N 78  
GLN CB  HB2  sing N N 79  
GLN CB  HB3  sing N N 80  
GLN CG  CD   sing N N 81  
GLN CG  HG2  sing N N 82  
GLN CG  HG3  sing N N 83  
GLN CD  OE1  doub N N 84  
GLN CD  NE2  sing N N 85  
GLN NE2 HE21 sing N N 86  
GLN NE2 HE22 sing N N 87  
GLN OXT HXT  sing N N 88  
GLU N   CA   sing N N 89  
GLU N   H    sing N N 90  
GLU N   H2   sing N N 91  
GLU CA  C    sing N N 92  
GLU CA  CB   sing N N 93  
GLU CA  HA   sing N N 94  
GLU C   O    doub N N 95  
GLU C   OXT  sing N N 96  
GLU CB  CG   sing N N 97  
GLU CB  HB2  sing N N 98  
GLU CB  HB3  sing N N 99  
GLU CG  CD   sing N N 100 
GLU CG  HG2  sing N N 101 
GLU CG  HG3  sing N N 102 
GLU CD  OE1  doub N N 103 
GLU CD  OE2  sing N N 104 
GLU OE2 HE2  sing N N 105 
GLU OXT HXT  sing N N 106 
GLY N   CA   sing N N 107 
GLY N   H    sing N N 108 
GLY N   H2   sing N N 109 
GLY CA  C    sing N N 110 
GLY CA  HA2  sing N N 111 
GLY CA  HA3  sing N N 112 
GLY C   O    doub N N 113 
GLY C   OXT  sing N N 114 
GLY OXT HXT  sing N N 115 
HIS N   CA   sing N N 116 
HIS N   H    sing N N 117 
HIS N   H2   sing N N 118 
HIS CA  C    sing N N 119 
HIS CA  CB   sing N N 120 
HIS CA  HA   sing N N 121 
HIS C   O    doub N N 122 
HIS C   OXT  sing N N 123 
HIS CB  CG   sing N N 124 
HIS CB  HB2  sing N N 125 
HIS CB  HB3  sing N N 126 
HIS CG  ND1  sing Y N 127 
HIS CG  CD2  doub Y N 128 
HIS ND1 CE1  doub Y N 129 
HIS ND1 HD1  sing N N 130 
HIS CD2 NE2  sing Y N 131 
HIS CD2 HD2  sing N N 132 
HIS CE1 NE2  sing Y N 133 
HIS CE1 HE1  sing N N 134 
HIS NE2 HE2  sing N N 135 
HIS OXT HXT  sing N N 136 
HOH O   H1   sing N N 137 
HOH O   H2   sing N N 138 
ILE N   CA   sing N N 139 
ILE N   H    sing N N 140 
ILE N   H2   sing N N 141 
ILE CA  C    sing N N 142 
ILE CA  CB   sing N N 143 
ILE CA  HA   sing N N 144 
ILE C   O    doub N N 145 
ILE C   OXT  sing N N 146 
ILE CB  CG1  sing N N 147 
ILE CB  CG2  sing N N 148 
ILE CB  HB   sing N N 149 
ILE CG1 CD1  sing N N 150 
ILE CG1 HG12 sing N N 151 
ILE CG1 HG13 sing N N 152 
ILE CG2 HG21 sing N N 153 
ILE CG2 HG22 sing N N 154 
ILE CG2 HG23 sing N N 155 
ILE CD1 HD11 sing N N 156 
ILE CD1 HD12 sing N N 157 
ILE CD1 HD13 sing N N 158 
ILE OXT HXT  sing N N 159 
LEU N   CA   sing N N 160 
LEU N   H    sing N N 161 
LEU N   H2   sing N N 162 
LEU CA  C    sing N N 163 
LEU CA  CB   sing N N 164 
LEU CA  HA   sing N N 165 
LEU C   O    doub N N 166 
LEU C   OXT  sing N N 167 
LEU CB  CG   sing N N 168 
LEU CB  HB2  sing N N 169 
LEU CB  HB3  sing N N 170 
LEU CG  CD1  sing N N 171 
LEU CG  CD2  sing N N 172 
LEU CG  HG   sing N N 173 
LEU CD1 HD11 sing N N 174 
LEU CD1 HD12 sing N N 175 
LEU CD1 HD13 sing N N 176 
LEU CD2 HD21 sing N N 177 
LEU CD2 HD22 sing N N 178 
LEU CD2 HD23 sing N N 179 
LEU OXT HXT  sing N N 180 
LYS N   CA   sing N N 181 
LYS N   H    sing N N 182 
LYS N   H2   sing N N 183 
LYS CA  C    sing N N 184 
LYS CA  CB   sing N N 185 
LYS CA  HA   sing N N 186 
LYS C   O    doub N N 187 
LYS C   OXT  sing N N 188 
LYS CB  CG   sing N N 189 
LYS CB  HB2  sing N N 190 
LYS CB  HB3  sing N N 191 
LYS CG  CD   sing N N 192 
LYS CG  HG2  sing N N 193 
LYS CG  HG3  sing N N 194 
LYS CD  CE   sing N N 195 
LYS CD  HD2  sing N N 196 
LYS CD  HD3  sing N N 197 
LYS CE  NZ   sing N N 198 
LYS CE  HE2  sing N N 199 
LYS CE  HE3  sing N N 200 
LYS NZ  HZ1  sing N N 201 
LYS NZ  HZ2  sing N N 202 
LYS NZ  HZ3  sing N N 203 
LYS OXT HXT  sing N N 204 
MET N   CA   sing N N 205 
MET N   H    sing N N 206 
MET N   H2   sing N N 207 
MET CA  C    sing N N 208 
MET CA  CB   sing N N 209 
MET CA  HA   sing N N 210 
MET C   O    doub N N 211 
MET C   OXT  sing N N 212 
MET CB  CG   sing N N 213 
MET CB  HB2  sing N N 214 
MET CB  HB3  sing N N 215 
MET CG  SD   sing N N 216 
MET CG  HG2  sing N N 217 
MET CG  HG3  sing N N 218 
MET SD  CE   sing N N 219 
MET CE  HE1  sing N N 220 
MET CE  HE2  sing N N 221 
MET CE  HE3  sing N N 222 
MET OXT HXT  sing N N 223 
PHE N   CA   sing N N 224 
PHE N   H    sing N N 225 
PHE N   H2   sing N N 226 
PHE CA  C    sing N N 227 
PHE CA  CB   sing N N 228 
PHE CA  HA   sing N N 229 
PHE C   O    doub N N 230 
PHE C   OXT  sing N N 231 
PHE CB  CG   sing N N 232 
PHE CB  HB2  sing N N 233 
PHE CB  HB3  sing N N 234 
PHE CG  CD1  doub Y N 235 
PHE CG  CD2  sing Y N 236 
PHE CD1 CE1  sing Y N 237 
PHE CD1 HD1  sing N N 238 
PHE CD2 CE2  doub Y N 239 
PHE CD2 HD2  sing N N 240 
PHE CE1 CZ   doub Y N 241 
PHE CE1 HE1  sing N N 242 
PHE CE2 CZ   sing Y N 243 
PHE CE2 HE2  sing N N 244 
PHE CZ  HZ   sing N N 245 
PHE OXT HXT  sing N N 246 
PRO N   CA   sing N N 247 
PRO N   CD   sing N N 248 
PRO N   H    sing N N 249 
PRO CA  C    sing N N 250 
PRO CA  CB   sing N N 251 
PRO CA  HA   sing N N 252 
PRO C   O    doub N N 253 
PRO C   OXT  sing N N 254 
PRO CB  CG   sing N N 255 
PRO CB  HB2  sing N N 256 
PRO CB  HB3  sing N N 257 
PRO CG  CD   sing N N 258 
PRO CG  HG2  sing N N 259 
PRO CG  HG3  sing N N 260 
PRO CD  HD2  sing N N 261 
PRO CD  HD3  sing N N 262 
PRO OXT HXT  sing N N 263 
SER N   CA   sing N N 264 
SER N   H    sing N N 265 
SER N   H2   sing N N 266 
SER CA  C    sing N N 267 
SER CA  CB   sing N N 268 
SER CA  HA   sing N N 269 
SER C   O    doub N N 270 
SER C   OXT  sing N N 271 
SER CB  OG   sing N N 272 
SER CB  HB2  sing N N 273 
SER CB  HB3  sing N N 274 
SER OG  HG   sing N N 275 
SER OXT HXT  sing N N 276 
SO4 S   O1   doub N N 277 
SO4 S   O2   doub N N 278 
SO4 S   O3   sing N N 279 
SO4 S   O4   sing N N 280 
THR N   CA   sing N N 281 
THR N   H    sing N N 282 
THR N   H2   sing N N 283 
THR CA  C    sing N N 284 
THR CA  CB   sing N N 285 
THR CA  HA   sing N N 286 
THR C   O    doub N N 287 
THR C   OXT  sing N N 288 
THR CB  OG1  sing N N 289 
THR CB  CG2  sing N N 290 
THR CB  HB   sing N N 291 
THR OG1 HG1  sing N N 292 
THR CG2 HG21 sing N N 293 
THR CG2 HG22 sing N N 294 
THR CG2 HG23 sing N N 295 
THR OXT HXT  sing N N 296 
TRP N   CA   sing N N 297 
TRP N   H    sing N N 298 
TRP N   H2   sing N N 299 
TRP CA  C    sing N N 300 
TRP CA  CB   sing N N 301 
TRP CA  HA   sing N N 302 
TRP C   O    doub N N 303 
TRP C   OXT  sing N N 304 
TRP CB  CG   sing N N 305 
TRP CB  HB2  sing N N 306 
TRP CB  HB3  sing N N 307 
TRP CG  CD1  doub Y N 308 
TRP CG  CD2  sing Y N 309 
TRP CD1 NE1  sing Y N 310 
TRP CD1 HD1  sing N N 311 
TRP CD2 CE2  doub Y N 312 
TRP CD2 CE3  sing Y N 313 
TRP NE1 CE2  sing Y N 314 
TRP NE1 HE1  sing N N 315 
TRP CE2 CZ2  sing Y N 316 
TRP CE3 CZ3  doub Y N 317 
TRP CE3 HE3  sing N N 318 
TRP CZ2 CH2  doub Y N 319 
TRP CZ2 HZ2  sing N N 320 
TRP CZ3 CH2  sing Y N 321 
TRP CZ3 HZ3  sing N N 322 
TRP CH2 HH2  sing N N 323 
TRP OXT HXT  sing N N 324 
TYR N   CA   sing N N 325 
TYR N   H    sing N N 326 
TYR N   H2   sing N N 327 
TYR CA  C    sing N N 328 
TYR CA  CB   sing N N 329 
TYR CA  HA   sing N N 330 
TYR C   O    doub N N 331 
TYR C   OXT  sing N N 332 
TYR CB  CG   sing N N 333 
TYR CB  HB2  sing N N 334 
TYR CB  HB3  sing N N 335 
TYR CG  CD1  doub Y N 336 
TYR CG  CD2  sing Y N 337 
TYR CD1 CE1  sing Y N 338 
TYR CD1 HD1  sing N N 339 
TYR CD2 CE2  doub Y N 340 
TYR CD2 HD2  sing N N 341 
TYR CE1 CZ   doub Y N 342 
TYR CE1 HE1  sing N N 343 
TYR CE2 CZ   sing Y N 344 
TYR CE2 HE2  sing N N 345 
TYR CZ  OH   sing N N 346 
TYR OH  HH   sing N N 347 
TYR OXT HXT  sing N N 348 
VAL N   CA   sing N N 349 
VAL N   H    sing N N 350 
VAL N   H2   sing N N 351 
VAL CA  C    sing N N 352 
VAL CA  CB   sing N N 353 
VAL CA  HA   sing N N 354 
VAL C   O    doub N N 355 
VAL C   OXT  sing N N 356 
VAL CB  CG1  sing N N 357 
VAL CB  CG2  sing N N 358 
VAL CB  HB   sing N N 359 
VAL CG1 HG11 sing N N 360 
VAL CG1 HG12 sing N N 361 
VAL CG1 HG13 sing N N 362 
VAL CG2 HG21 sing N N 363 
VAL CG2 HG22 sing N N 364 
VAL CG2 HG23 sing N N 365 
VAL OXT HXT  sing N N 366 
# 
_pdbx_audit_support.funding_organization   'Not funded' 
_pdbx_audit_support.country                ? 
_pdbx_audit_support.grant_number           ? 
_pdbx_audit_support.ordinal                1 
# 
_pdbx_initial_refinement_model.id               1 
_pdbx_initial_refinement_model.entity_id_list   ? 
_pdbx_initial_refinement_model.type             'experimental model' 
_pdbx_initial_refinement_model.source_name      PDB 
_pdbx_initial_refinement_model.accession_code   3MF8 
_pdbx_initial_refinement_model.details          ? 
# 
_space_group.name_H-M_alt     'P 63' 
_space_group.name_Hall        'P 6c' 
_space_group.IT_number        173 
_space_group.crystal_system   hexagonal 
_space_group.id               1 
# 
_atom_sites.entry_id                    9NGB 
_atom_sites.Cartn_transf_matrix[1][1]   ? 
_atom_sites.Cartn_transf_matrix[1][2]   ? 
_atom_sites.Cartn_transf_matrix[1][3]   ? 
_atom_sites.Cartn_transf_matrix[2][1]   ? 
_atom_sites.Cartn_transf_matrix[2][2]   ? 
_atom_sites.Cartn_transf_matrix[2][3]   ? 
_atom_sites.Cartn_transf_matrix[3][1]   ? 
_atom_sites.Cartn_transf_matrix[3][2]   ? 
_atom_sites.Cartn_transf_matrix[3][3]   ? 
_atom_sites.Cartn_transf_vector[1]      ? 
_atom_sites.Cartn_transf_vector[2]      ? 
_atom_sites.Cartn_transf_vector[3]      ? 
_atom_sites.Cartn_transform_axes        ? 
_atom_sites.fract_transf_matrix[1][1]   0.00155238 
_atom_sites.fract_transf_matrix[1][2]   -0.00001854 
_atom_sites.fract_transf_matrix[1][3]   0.01942150 
_atom_sites.fract_transf_matrix[2][1]   -0.01598557 
_atom_sites.fract_transf_matrix[2][2]   -0.00140105 
_atom_sites.fract_transf_matrix[2][3]   0.01104925 
_atom_sites.fract_transf_matrix[3][1]   0.00142087 
_atom_sites.fract_transf_matrix[3][2]   -0.01723705 
_atom_sites.fract_transf_matrix[3][3]   -0.00013002 
_atom_sites.fract_transf_vector[1]      0.136695 
_atom_sites.fract_transf_vector[2]      -0.327426 
_atom_sites.fract_transf_vector[3]      0.230311 
_atom_sites.solution_primary            ? 
_atom_sites.solution_secondary          ? 
_atom_sites.solution_hydrogens          ? 
_atom_sites.special_details             ? 
# 
loop_
_atom_type.symbol 
_atom_type.scat_dispersion_real 
_atom_type.scat_dispersion_imag 
_atom_type.scat_Cromer_Mann_a1 
_atom_type.scat_Cromer_Mann_a2 
_atom_type.scat_Cromer_Mann_a3 
_atom_type.scat_Cromer_Mann_a4 
_atom_type.scat_Cromer_Mann_b1 
_atom_type.scat_Cromer_Mann_b2 
_atom_type.scat_Cromer_Mann_b3 
_atom_type.scat_Cromer_Mann_b4 
_atom_type.scat_Cromer_Mann_c 
_atom_type.scat_source 
_atom_type.scat_dispersion_source 
C ? ? 3.54356 2.42580 ? ? 25.62398 1.50364  ? ? 0.0 
;2-Gaussian fit: Grosse-Kunstleve RW, Sauter NK, Adams PD: Newsletter of the IUCr Commission on Crystallographic Computing 2004, 3, 22-31.
;
? 
N ? ? 4.01032 2.96436 ? ? 19.97189 1.75589  ? ? 0.0 
;2-Gaussian fit: Grosse-Kunstleve RW, Sauter NK, Adams PD: Newsletter of the IUCr Commission on Crystallographic Computing 2004, 3, 22-31.
;
? 
O ? ? 4.49882 3.47563 ? ? 15.80542 1.70748  ? ? 0.0 
;2-Gaussian fit: Grosse-Kunstleve RW, Sauter NK, Adams PD: Newsletter of the IUCr Commission on Crystallographic Computing 2004, 3, 22-31.
;
? 
S ? ? 9.55732 6.39887 ? ? 1.23737  29.19336 ? ? 0.0 
;2-Gaussian fit: Grosse-Kunstleve RW, Sauter NK, Adams PD: Newsletter of the IUCr Commission on Crystallographic Computing 2004, 3, 22-31.
;
? 
# 
loop_
_atom_site.group_PDB 
_atom_site.id 
_atom_site.type_symbol 
_atom_site.label_atom_id 
_atom_site.label_alt_id 
_atom_site.label_comp_id 
_atom_site.label_asym_id 
_atom_site.label_entity_id 
_atom_site.label_seq_id 
_atom_site.pdbx_PDB_ins_code 
_atom_site.Cartn_x 
_atom_site.Cartn_y 
_atom_site.Cartn_z 
_atom_site.occupancy 
_atom_site.B_iso_or_equiv 
_atom_site.pdbx_formal_charge 
_atom_site.auth_seq_id 
_atom_site.auth_comp_id 
_atom_site.auth_asym_id 
_atom_site.auth_atom_id 
_atom_site.pdbx_PDB_model_num 
ATOM   1   N N   . PRO A 1 1   ? 8.06048   6.27160   -4.27765  1.000 39.39602 ? 1   PRO A N   1 
ATOM   2   C CA  . PRO A 1 1   ? 7.41748   5.84602   -3.03373  1.000 34.99990 ? 1   PRO A CA  1 
ATOM   3   C C   . PRO A 1 1   ? 7.70410   4.39560   -2.64174  1.000 36.08203 ? 1   PRO A C   1 
ATOM   4   O O   . PRO A 1 1   ? 8.09842   3.57739   -3.48009  1.000 35.59052 ? 1   PRO A O   1 
ATOM   5   C CB  . PRO A 1 1   ? 5.92619   6.01632   -3.35145  1.000 32.86535 ? 1   PRO A CB  1 
ATOM   6   C CG  . PRO A 1 1   ? 5.86098   5.73606   -4.78660  1.000 37.05397 ? 1   PRO A CG  1 
ATOM   7   C CD  . PRO A 1 1   ? 7.06856   6.42429   -5.35497  1.000 36.61731 ? 1   PRO A CD  1 
ATOM   8   N N   . VAL A 1 2   ? 7.48999   4.10036   -1.35980  1.000 29.83468 ? 2   VAL A N   1 
ATOM   9   C CA  . VAL A 1 2   ? 7.58770   2.76030   -0.80576  1.000 26.82635 ? 2   VAL A CA  1 
ATOM   10  C C   . VAL A 1 2   ? 6.29021   2.46231   -0.06726  1.000 30.83747 ? 2   VAL A C   1 
ATOM   11  O O   . VAL A 1 2   ? 5.87884   3.22260   0.81805   1.000 25.71060 ? 2   VAL A O   1 
ATOM   12  C CB  . VAL A 1 2   ? 8.78641   2.61470   0.14406   1.000 31.17253 ? 2   VAL A CB  1 
ATOM   13  C CG1 . VAL A 1 2   ? 8.67371   1.31282   0.95097   1.000 26.15343 ? 2   VAL A CG1 1 
ATOM   14  C CG2 . VAL A 1 2   ? 10.06871  2.66045   -0.63202  1.000 31.32257 ? 2   VAL A CG2 1 
ATOM   15  N N   . TYR A 1 3   ? 5.64175   1.36738   -0.44157  1.000 29.65804 ? 3   TYR A N   1 
ATOM   16  C CA  . TYR A 1 3   ? 4.35826   0.98555   0.12424   1.000 26.94426 ? 3   TYR A CA  1 
ATOM   17  C C   . TYR A 1 3   ? 4.59519   -0.26344  0.96208   1.000 30.46983 ? 3   TYR A C   1 
ATOM   18  O O   . TYR A 1 3   ? 4.88265   -1.33691  0.41963   1.000 36.13484 ? 3   TYR A O   1 
ATOM   19  C CB  . TYR A 1 3   ? 3.32472   0.75098   -0.97420  1.000 22.67989 ? 3   TYR A CB  1 
ATOM   20  C CG  . TYR A 1 3   ? 2.73724   2.02116   -1.57048  1.000 26.14205 ? 3   TYR A CG  1 
ATOM   21  C CD1 . TYR A 1 3   ? 1.62553   2.63971   -0.98987  1.000 31.38505 ? 3   TYR A CD1 1 
ATOM   22  C CD2 . TYR A 1 3   ? 3.28463   2.59749   -2.71009  1.000 22.38243 ? 3   TYR A CD2 1 
ATOM   23  C CE1 . TYR A 1 3   ? 1.09214   3.80135   -1.51543  1.000 30.41731 ? 3   TYR A CE1 1 
ATOM   24  C CE2 . TYR A 1 3   ? 2.75392   3.73835   -3.24739  1.000 27.91645 ? 3   TYR A CE2 1 
ATOM   25  C CZ  . TYR A 1 3   ? 1.65092   4.34304   -2.64891  1.000 33.53193 ? 3   TYR A CZ  1 
ATOM   26  O OH  . TYR A 1 3   ? 1.09988   5.49680   -3.17908  1.000 35.37175 ? 3   TYR A OH  1 
ATOM   27  N N   . MET A 1 4   ? 4.50516   -0.11940  2.28075   1.000 28.68563 ? 4   MET A N   1 
ATOM   28  C CA  . MET A 1 4   ? 4.62483   -1.25711  3.17882   1.000 31.93530 ? 4   MET A CA  1 
ATOM   29  C C   . MET A 1 4   ? 3.21546   -1.83547  3.32403   1.000 31.57002 ? 4   MET A C   1 
ATOM   30  O O   . MET A 1 4   ? 2.29318   -1.13496  3.77676   1.000 31.62015 ? 4   MET A O   1 
ATOM   31  C CB  . MET A 1 4   ? 5.21001   -0.81915  4.52374   1.000 29.65044 ? 4   MET A CB  1 
ATOM   32  C CG  . MET A 1 4   ? 6.66164   -0.28084  4.41615   1.000 28.22823 ? 4   MET A CG  1 
ATOM   33  S SD  . MET A 1 4   ? 8.03906   -1.37568  3.93929   1.000 40.09750 ? 4   MET A SD  1 
ATOM   34  C CE  . MET A 1 4   ? 7.85044   -2.72303  5.07813   1.000 31.53592 ? 4   MET A CE  1 
ATOM   35  N N   . VAL A 1 5   ? 3.03146   -3.07959  2.87572   1.000 31.15003 ? 5   VAL A N   1 
ATOM   36  C CA  . VAL A 1 5   ? 1.71339   -3.70876  2.76726   1.000 29.17939 ? 5   VAL A CA  1 
ATOM   37  C C   . VAL A 1 5   ? 1.68544   -4.89931  3.71908   1.000 30.22816 ? 5   VAL A C   1 
ATOM   38  O O   . VAL A 1 5   ? 2.39993   -5.89209  3.50866   1.000 28.76362 ? 5   VAL A O   1 
ATOM   39  C CB  . VAL A 1 5   ? 1.39162   -4.14275  1.32595   1.000 30.71231 ? 5   VAL A CB  1 
ATOM   40  C CG1 . VAL A 1 5   ? 0.02477   -4.85499  1.25998   1.000 22.57703 ? 5   VAL A CG1 1 
ATOM   41  C CG2 . VAL A 1 5   ? 1.44815   -2.94979  0.37789   1.000 27.37686 ? 5   VAL A CG2 1 
ATOM   42  N N   . TYR A 1 6   ? 0.83552   -4.81004  4.74771   1.000 29.96883 ? 6   TYR A N   1 
ATOM   43  C CA  . TYR A 1 6   ? 0.83864   -5.71400  5.89153   1.000 24.83930 ? 6   TYR A CA  1 
ATOM   44  C C   . TYR A 1 6   ? -0.36486  -6.64593  5.80332   1.000 27.59235 ? 6   TYR A C   1 
ATOM   45  O O   . TYR A 1 6   ? -1.51169  -6.20658  5.96380   1.000 27.03381 ? 6   TYR A O   1 
ATOM   46  C CB  . TYR A 1 6   ? 0.82656   -4.90969  7.19155   1.000 24.36035 ? 6   TYR A CB  1 
ATOM   47  C CG  . TYR A 1 6   ? 2.06260   -4.05011  7.42048   1.000 25.17754 ? 6   TYR A CG  1 
ATOM   48  C CD1 . TYR A 1 6   ? 3.20011   -4.58885  8.00809   1.000 30.36719 ? 6   TYR A CD1 1 
ATOM   49  C CD2 . TYR A 1 6   ? 2.08736   -2.69787  7.07462   1.000 23.31523 ? 6   TYR A CD2 1 
ATOM   50  C CE1 . TYR A 1 6   ? 4.33783   -3.82454  8.22689   1.000 23.21858 ? 6   TYR A CE1 1 
ATOM   51  C CE2 . TYR A 1 6   ? 3.21817   -1.92145  7.30160   1.000 27.54328 ? 6   TYR A CE2 1 
ATOM   52  C CZ  . TYR A 1 6   ? 4.34320   -2.50089  7.89125   1.000 28.45282 ? 6   TYR A CZ  1 
ATOM   53  O OH  . TYR A 1 6   ? 5.48843   -1.77101  8.13037   1.000 32.81637 ? 6   TYR A OH  1 
ATOM   54  N N   . VAL A 1 7   ? -0.09540  -7.93538  5.56997   1.000 24.48485 ? 7   VAL A N   1 
ATOM   55  C CA  . VAL A 1 7   ? -1.11429  -8.95821  5.34058   1.000 25.84853 ? 7   VAL A CA  1 
ATOM   56  C C   . VAL A 1 7   ? -0.76264  -10.21054 6.13594   1.000 28.08079 ? 7   VAL A C   1 
ATOM   57  O O   . VAL A 1 7   ? 0.35373   -10.37431 6.62568   1.000 30.14406 ? 7   VAL A O   1 
ATOM   58  C CB  . VAL A 1 7   ? -1.26653  -9.30878  3.84096   1.000 29.40058 ? 7   VAL A CB  1 
ATOM   59  C CG1 . VAL A 1 7   ? -1.54776  -8.06190  3.02615   1.000 29.21221 ? 7   VAL A CG1 1 
ATOM   60  C CG2 . VAL A 1 7   ? 0.01240   -9.98536  3.32601   1.000 29.92599 ? 7   VAL A CG2 1 
ATOM   61  N N   . SER A 1 8   ? -1.72855  -11.11227 6.24969   1.000 29.45342 ? 8   SER A N   1 
ATOM   62  C CA  . SER A 1 8   ? -1.48077  -12.36714 6.94429   1.000 32.62726 ? 8   SER A CA  1 
ATOM   63  C C   . SER A 1 8   ? -0.91244  -13.40841 5.98517   1.000 29.61395 ? 8   SER A C   1 
ATOM   64  O O   . SER A 1 8   ? -1.20240  -13.39556 4.79056   1.000 35.96078 ? 8   SER A O   1 
ATOM   65  C CB  . SER A 1 8   ? -2.76027  -12.88334 7.59999   1.000 35.37511 ? 8   SER A CB  1 
ATOM   66  O OG  . SER A 1 8   ? -3.02507  -12.15588 8.79420   1.000 40.10362 ? 8   SER A OG  1 
ATOM   67  N N   . GLN A 1 9   ? -0.06914  -14.29150 6.52192   1.000 32.57613 ? 9   GLN A N   1 
ATOM   68  C CA  . GLN A 1 9   ? 0.51609   -15.37500 5.73973   1.000 37.12725 ? 9   GLN A CA  1 
ATOM   69  C C   . GLN A 1 9   ? -0.56227  -16.21886 5.06484   1.000 40.56273 ? 9   GLN A C   1 
ATOM   70  O O   . GLN A 1 9   ? -1.56247  -16.59364 5.69002   1.000 38.00562 ? 9   GLN A O   1 
ATOM   71  C CB  . GLN A 1 9   ? 1.37771   -16.26294 6.63954   1.000 41.06458 ? 9   GLN A CB  1 
ATOM   72  C CG  . GLN A 1 9   ? 2.84470   -15.85993 6.74080   1.000 47.87857 ? 9   GLN A CG  1 
ATOM   73  C CD  . GLN A 1 9   ? 3.78805   -16.89768 6.12149   1.000 65.27758 ? 9   GLN A CD  1 
ATOM   74  O OE1 . GLN A 1 9   ? 3.83303   -18.05592 6.55193   1.000 55.89487 ? 9   GLN A OE1 1 
ATOM   75  N NE2 . GLN A 1 9   ? 4.54429   -16.47984 5.10195   1.000 63.91733 ? 9   GLN A NE2 1 
ATOM   76  N N   . ASP A 1 10  ? -0.34882  -16.51445 3.77910   1.000 42.57111 ? 10  ASP A N   1 
ATOM   77  C CA  . ASP A 1 10  ? -1.17612  -17.42336 2.98556   1.000 41.47207 ? 10  ASP A CA  1 
ATOM   78  C C   . ASP A 1 10  ? -2.57820  -16.88274 2.70271   1.000 41.03868 ? 10  ASP A C   1 
ATOM   79  O O   . ASP A 1 10  ? -3.48400  -17.65704 2.37765   1.000 46.42658 ? 10  ASP A O   1 
ATOM   80  C CB  . ASP A 1 10  ? -1.27680  -18.80039 3.65360   1.000 45.74381 ? 10  ASP A CB  1 
ATOM   81  C CG  . ASP A 1 10  ? 0.04809   -19.52318 3.68645   1.000 48.60760 ? 10  ASP A CG  1 
ATOM   82  O OD1 . ASP A 1 10  ? 0.99527   -19.05757 3.02097   1.000 55.31832 ? 10  ASP A OD1 1 
ATOM   83  O OD2 . ASP A 1 10  ? 0.15517   -20.54147 4.39749   1.000 61.38726 ? 10  ASP A OD2 1 
ATOM   84  N N   . ARG A 1 11  ? -2.80306  -15.57603 2.83440   1.000 37.32361 ? 11  ARG A N   1 
ATOM   85  C CA  . ARG A 1 11  ? -4.04236  -14.97856 2.34503   1.000 39.69804 ? 11  ARG A CA  1 
ATOM   86  C C   . ARG A 1 11  ? -3.91836  -14.50873 0.90280   1.000 40.69582 ? 11  ARG A C   1 
ATOM   87  O O   . ARG A 1 11  ? -4.93316  -14.36525 0.21168   1.000 41.49256 ? 11  ARG A O   1 
ATOM   88  C CB  . ARG A 1 11  ? -4.46904  -13.79630 3.23668   1.000 35.15811 ? 11  ARG A CB  1 
ATOM   89  C CG  . ARG A 1 11  ? -5.78425  -13.09869 2.82631   1.000 42.60124 ? 11  ARG A CG  1 
ATOM   90  C CD  . ARG A 1 11  ? -7.07193  -13.93705 3.13375   1.000 47.77096 ? 11  ARG A CD  1 
ATOM   91  N NE  . ARG A 1 11  ? -7.03888  -15.30011 2.59710   1.000 56.93830 ? 11  ARG A NE  1 
ATOM   92  C CZ  . ARG A 1 11  ? -7.81337  -16.30183 3.00146   1.000 59.94826 ? 11  ARG A CZ  1 
ATOM   93  N NH1 . ARG A 1 11  ? -8.73401  -16.13235 3.94454   1.000 57.13374 ? 11  ARG A NH1 1 
ATOM   94  N NH2 . ARG A 1 11  ? -7.65764  -17.50532 2.44904   1.000 52.48201 ? 11  ARG A NH2 1 
ATOM   95  N N   . LEU A 1 12  ? -2.69467  -14.26349 0.44739   1.000 36.22996 ? 12  LEU A N   1 
ATOM   96  C CA  . LEU A 1 12  ? -2.39945  -13.88006 -0.92163  1.000 36.79732 ? 12  LEU A CA  1 
ATOM   97  C C   . LEU A 1 12  ? -1.42474  -14.90213 -1.49048  1.000 40.43801 ? 12  LEU A C   1 
ATOM   98  O O   . LEU A 1 12  ? -0.29657  -15.03392 -0.99179  1.000 35.56237 ? 12  LEU A O   1 
ATOM   99  C CB  . LEU A 1 12  ? -1.79745  -12.47364 -0.98280  1.000 32.95564 ? 12  LEU A CB  1 
ATOM   100 C CG  . LEU A 1 12  ? -2.59024  -11.32397 -0.37567  1.000 37.56275 ? 12  LEU A CG  1 
ATOM   101 C CD1 . LEU A 1 12  ? -1.75386  -10.04384 -0.43422  1.000 38.39579 ? 12  LEU A CD1 1 
ATOM   102 C CD2 . LEU A 1 12  ? -3.94408  -11.14926 -1.08565  1.000 40.76176 ? 12  LEU A CD2 1 
ATOM   103 N N   . THR A 1 13  ? -1.87150  -15.64133 -2.50591  1.000 33.23863 ? 13  THR A N   1 
ATOM   104 C CA  . THR A 1 13  ? -0.96201  -16.46054 -3.26957  1.000 38.63197 ? 13  THR A CA  1 
ATOM   105 C C   . THR A 1 13  ? 0.10531   -15.56406 -3.88738  1.000 42.45563 ? 13  THR A C   1 
ATOM   106 O O   . THR A 1 13  ? -0.05794  -14.34247 -3.94511  1.000 36.87541 ? 13  THR A O   1 
ATOM   107 C CB  . THR A 1 13  ? -1.69589  -17.19624 -4.38270  1.000 40.68316 ? 13  THR A CB  1 
ATOM   108 O OG1 . THR A 1 13  ? -1.84361  -16.30674 -5.49488  1.000 34.94795 ? 13  THR A OG1 1 
ATOM   109 C CG2 . THR A 1 13  ? -3.07701  -17.69214 -3.91450  1.000 38.37259 ? 13  THR A CG2 1 
ATOM   110 N N   . PRO A 1 14  ? 1.21519   -16.14399 -4.34747  1.000 40.67819 ? 14  PRO A N   1 
ATOM   111 C CA  . PRO A 1 14  ? 2.18922   -15.33347 -5.09762  1.000 35.09482 ? 14  PRO A CA  1 
ATOM   112 C C   . PRO A 1 14  ? 1.55710   -14.57252 -6.25237  1.000 36.60840 ? 14  PRO A C   1 
ATOM   113 O O   . PRO A 1 14  ? 1.85947   -13.39262 -6.46321  1.000 37.80541 ? 14  PRO A O   1 
ATOM   114 C CB  . PRO A 1 14  ? 3.20868   -16.37795 -5.57082  1.000 33.32077 ? 14  PRO A CB  1 
ATOM   115 C CG  . PRO A 1 14  ? 3.14854   -17.43714 -4.55520  1.000 36.29049 ? 14  PRO A CG  1 
ATOM   116 C CD  . PRO A 1 14  ? 1.72289   -17.49324 -4.05668  1.000 37.32642 ? 14  PRO A CD  1 
ATOM   117 N N   . SER A 1 15  ? 0.66855   -15.21761 -7.00180  1.000 43.59647 ? 15  SER A N   1 
ATOM   118 C CA  . SER A 1 15  ? -0.14539  -14.54271 -8.01414  1.000 38.23126 ? 15  SER A CA  1 
ATOM   119 C C   . SER A 1 15  ? -1.37714  -13.95450 -7.33631  1.000 42.56681 ? 15  SER A C   1 
ATOM   120 O O   . SER A 1 15  ? -2.43154  -14.58160 -7.26938  1.000 46.70336 ? 15  SER A O   1 
ATOM   121 C CB  . SER A 1 15  ? -0.53462  -15.51593 -9.11407  1.000 41.46706 ? 15  SER A CB  1 
ATOM   122 O OG  . SER A 1 15  ? -1.77566  -15.16054 -9.67893  1.000 46.76079 ? 15  SER A OG  1 
ATOM   123 N N   . ALA A 1 16  ? -1.22360  -12.73676 -6.82524  1.000 36.65940 ? 16  ALA A N   1 
ATOM   124 C CA  . ALA A 1 16  ? -2.23676  -11.91245 -6.16484  1.000 39.26544 ? 16  ALA A CA  1 
ATOM   125 C C   . ALA A 1 16  ? -1.45194  -10.82977 -5.43988  1.000 37.32647 ? 16  ALA A C   1 
ATOM   126 O O   . ALA A 1 16  ? -1.82825  -9.65443  -5.43103  1.000 33.72973 ? 16  ALA A O   1 
ATOM   127 C CB  . ALA A 1 16  ? -3.12001  -12.68665 -5.18782  1.000 32.07766 ? 16  ALA A CB  1 
ATOM   128 N N   . LYS A 1 17  ? -0.34593  -11.24931 -4.82982  1.000 33.25514 ? 17  LYS A N   1 
ATOM   129 C CA  . LYS A 1 17  ? 0.70444   -10.32101 -4.45945  1.000 31.66737 ? 17  LYS A CA  1 
ATOM   130 C C   . LYS A 1 17  ? 1.10816   -9.47463  -5.65360  1.000 31.57320 ? 17  LYS A C   1 
ATOM   131 O O   . LYS A 1 17  ? 1.24653   -8.24572  -5.55113  1.000 32.51031 ? 17  LYS A O   1 
ATOM   132 C CB  . LYS A 1 17  ? 1.90926   -11.09870 -3.93644  1.000 31.67044 ? 17  LYS A CB  1 
ATOM   133 C CG  . LYS A 1 17  ? 2.02685   -11.11907 -2.44430  1.000 35.66560 ? 17  LYS A CG  1 
ATOM   134 C CD  . LYS A 1 17  ? 2.94459   -12.25081 -1.97201  1.000 40.16299 ? 17  LYS A CD  1 
ATOM   135 C CE  . LYS A 1 17  ? 2.78913   -12.51606 -0.47842  1.000 35.07052 ? 17  LYS A CE  1 
ATOM   136 N NZ  . LYS A 1 17  ? 3.46755   -13.78490 -0.09279  1.000 45.59571 ? 17  LYS A NZ  1 
ATOM   137 N N   . HIS A 1 18  ? 1.31134   -10.11995 -6.79809  1.000 33.16710 ? 18  HIS A N   1 
ATOM   138 C CA  . HIS A 1 18  ? 1.71510   -9.38177  -7.98684  1.000 33.07867 ? 18  HIS A CA  1 
ATOM   139 C C   . HIS A 1 18  ? 0.59839   -8.46357  -8.46265  1.000 33.01834 ? 18  HIS A C   1 
ATOM   140 O O   . HIS A 1 18  ? 0.85747   -7.32636  -8.87868  1.000 35.11385 ? 18  HIS A O   1 
ATOM   141 C CB  . HIS A 1 18  ? 2.15016   -10.35133 -9.08910  1.000 29.39784 ? 18  HIS A CB  1 
ATOM   142 C CG  . HIS A 1 18  ? 2.84541   -9.67294  -10.22426 1.000 40.26753 ? 18  HIS A CG  1 
ATOM   143 N ND1 . HIS A 1 18  ? 2.41189   -9.75649  -11.52782 1.000 37.72613 ? 18  HIS A ND1 1 
ATOM   144 C CD2 . HIS A 1 18  ? 3.90856   -8.83361  -10.23431 1.000 41.25371 ? 18  HIS A CD2 1 
ATOM   145 C CE1 . HIS A 1 18  ? 3.20225   -9.03145  -12.29773 1.000 39.04920 ? 18  HIS A CE1 1 
ATOM   146 N NE2 . HIS A 1 18  ? 4.11355   -8.45502  -11.53585 1.000 42.32465 ? 18  HIS A NE2 1 
ATOM   147 N N   . ALA A 1 19  ? -0.65234  -8.92563  -8.36005  1.000 31.87608 ? 19  ALA A N   1 
ATOM   148 C CA  . ALA A 1 19  ? -1.79364  -8.11114  -8.76429  1.000 31.97583 ? 19  ALA A CA  1 
ATOM   149 C C   . ALA A 1 19  ? -1.97869  -6.89566  -7.84769  1.000 34.02662 ? 19  ALA A C   1 
ATOM   150 O O   . ALA A 1 19  ? -2.36434  -5.81120  -8.30945  1.000 33.14350 ? 19  ALA A O   1 
ATOM   151 C CB  . ALA A 1 19  ? -3.05559  -8.97838  -8.79864  1.000 26.56253 ? 19  ALA A CB  1 
ATOM   152 N N   . VAL A 1 20  ? -1.70052  -7.05563  -6.54967  1.000 33.46341 ? 20  VAL A N   1 
ATOM   153 C CA  . VAL A 1 20  ? -1.83975  -5.96329  -5.58579  1.000 29.66626 ? 20  VAL A CA  1 
ATOM   154 C C   . VAL A 1 20  ? -0.70765  -4.95579  -5.73296  1.000 30.71252 ? 20  VAL A C   1 
ATOM   155 O O   . VAL A 1 20  ? -0.93715  -3.74692  -5.64944  1.000 33.04554 ? 20  VAL A O   1 
ATOM   156 C CB  . VAL A 1 20  ? -1.90500  -6.52321  -4.15405  1.000 31.96001 ? 20  VAL A CB  1 
ATOM   157 C CG1 . VAL A 1 20  ? -1.60179  -5.42203  -3.11887  1.000 26.74366 ? 20  VAL A CG1 1 
ATOM   158 C CG2 . VAL A 1 20  ? -3.25714  -7.18299  -3.90234  1.000 34.55495 ? 20  VAL A CG2 1 
ATOM   159 N N   . ALA A 1 21  ? 0.52920   -5.43529  -5.92686  1.000 32.43900 ? 21  ALA A N   1 
ATOM   160 C CA  . ALA A 1 21  ? 1.64079   -4.52959  -6.21037  1.000 33.75672 ? 21  ALA A CA  1 
ATOM   161 C C   . ALA A 1 21  ? 1.41251   -3.79701  -7.52437  1.000 31.92376 ? 21  ALA A C   1 
ATOM   162 O O   . ALA A 1 21  ? 1.69781   -2.59849  -7.63341  1.000 29.52292 ? 21  ALA A O   1 
ATOM   163 C CB  . ALA A 1 21  ? 2.97619   -5.28861  -6.23914  1.000 26.37661 ? 21  ALA A CB  1 
ATOM   164 N N   . LYS A 1 22  ? 0.88531   -4.50343  -8.52572  1.000 33.09846 ? 22  LYS A N   1 
ATOM   165 C CA  . LYS A 1 22  ? 0.54159   -3.87143  -9.79939  1.000 42.11959 ? 22  LYS A CA  1 
ATOM   166 C C   . LYS A 1 22  ? -0.54692  -2.81261  -9.61829  1.000 39.36159 ? 22  LYS A C   1 
ATOM   167 O O   . LYS A 1 22  ? -0.43041  -1.68957  -10.12214 1.000 43.76832 ? 22  LYS A O   1 
ATOM   168 C CB  . LYS A 1 22  ? 0.10721   -4.94334  -10.81244 1.000 38.89006 ? 22  LYS A CB  1 
ATOM   169 C CG  . LYS A 1 22  ? -0.46765  -4.40291  -12.12064 1.000 44.51274 ? 22  LYS A CG  1 
ATOM   170 C CD  . LYS A 1 22  ? -1.78463  -5.10254  -12.52964 1.000 54.12670 ? 22  LYS A CD  1 
ATOM   171 C CE  . LYS A 1 22  ? -3.05551  -4.46336  -11.92391 1.000 55.93235 ? 22  LYS A CE  1 
ATOM   172 N NZ  . LYS A 1 22  ? -4.23953  -5.39831  -11.85940 1.000 46.35825 ? 22  LYS A NZ  1 
ATOM   173 N N   . ALA A 1 23  ? -1.61329  -3.15217  -8.89497  1.000 36.30573 ? 23  ALA A N   1 
ATOM   174 C CA  . ALA A 1 23  ? -2.68377  -2.19052  -8.67457  1.000 34.28175 ? 23  ALA A CA  1 
ATOM   175 C C   . ALA A 1 23  ? -2.16203  -0.95539  -7.95843  1.000 41.12611 ? 23  ALA A C   1 
ATOM   176 O O   . ALA A 1 23  ? -2.37701  0.17952   -8.40653  1.000 45.92746 ? 23  ALA A O   1 
ATOM   177 C CB  . ALA A 1 23  ? -3.81644  -2.84273  -7.88120  1.000 41.57810 ? 23  ALA A CB  1 
ATOM   178 N N   . ILE A 1 24  ? -1.45796  -1.16136  -6.84319  1.000 41.64256 ? 24  ILE A N   1 
ATOM   179 C CA  . ILE A 1 24  ? -0.89809  -0.04090  -6.09330  1.000 36.91813 ? 24  ILE A CA  1 
ATOM   180 C C   . ILE A 1 24  ? -0.00958  0.80140   -6.99464  1.000 35.20240 ? 24  ILE A C   1 
ATOM   181 O O   . ILE A 1 24  ? -0.16758  2.02167   -7.08604  1.000 37.25508 ? 24  ILE A O   1 
ATOM   182 C CB  . ILE A 1 24  ? -0.11973  -0.54881  -4.86569  1.000 29.95265 ? 24  ILE A CB  1 
ATOM   183 C CG1 . ILE A 1 24  ? -1.07607  -1.09874  -3.80306  1.000 27.02570 ? 24  ILE A CG1 1 
ATOM   184 C CG2 . ILE A 1 24  ? 0.68065   0.58495   -4.27122  1.000 28.56347 ? 24  ILE A CG2 1 
ATOM   185 C CD1 . ILE A 1 24  ? -0.37910  -1.70499  -2.60902  1.000 21.85111 ? 24  ILE A CD1 1 
ATOM   186 N N   . THR A 1 25  ? 0.94223   0.15535   -7.67004  1.000 35.31198 ? 25  THR A N   1 
ATOM   187 C CA  . THR A 1 25  ? 1.91698   0.88134   -8.47506  1.000 35.83729 ? 25  THR A CA  1 
ATOM   188 C C   . THR A 1 25  ? 1.24169   1.70597   -9.56103  1.000 44.26059 ? 25  THR A C   1 
ATOM   189 O O   . THR A 1 25  ? 1.58302   2.87535   -9.76060  1.000 44.65701 ? 25  THR A O   1 
ATOM   190 C CB  . THR A 1 25  ? 2.92158   -0.08956  -9.10487  1.000 40.77353 ? 25  THR A CB  1 
ATOM   191 O OG1 . THR A 1 25  ? 3.39439   -1.01795  -8.11998  1.000 36.17654 ? 25  THR A OG1 1 
ATOM   192 C CG2 . THR A 1 25  ? 4.09942   0.67282   -9.72463  1.000 42.60650 ? 25  THR A CG2 1 
ATOM   193 N N   . ASP A 1 26  ? 0.29093   1.10857   -10.28553 1.000 39.35464 ? 26  ASP A N   1 
ATOM   194 C CA  . ASP A 1 26  ? -0.36744  1.83542   -11.36434 1.000 43.17908 ? 26  ASP A CA  1 
ATOM   195 C C   . ASP A 1 26  ? -1.14499  3.02888   -10.82358 1.000 44.91609 ? 26  ASP A C   1 
ATOM   196 O O   . ASP A 1 26  ? -1.05295  4.14046   -11.36050 1.000 42.98972 ? 26  ASP A O   1 
ATOM   197 C CB  . ASP A 1 26  ? -1.27990  0.90084   -12.16586 1.000 38.48017 ? 26  ASP A CB  1 
ATOM   198 C CG  . ASP A 1 26  ? -0.49398  -0.05516  -13.08429 1.000 51.15976 ? 26  ASP A CG  1 
ATOM   199 O OD1 . ASP A 1 26  ? 0.75925   0.00652   -13.12363 1.000 51.44685 ? 26  ASP A OD1 1 
ATOM   200 O OD2 . ASP A 1 26  ? -1.13224  -0.84340  -13.81021 1.000 45.95173 ? 26  ASP A OD2 1 
ATOM   201 N N   . ALA A 1 27  ? -1.91222  2.81554   -9.75100  1.000 46.54214 ? 27  ALA A N   1 
ATOM   202 C CA  . ALA A 1 27  ? -2.64170  3.90726   -9.11041  1.000 44.34773 ? 27  ALA A CA  1 
ATOM   203 C C   . ALA A 1 27  ? -1.71714  5.07243   -8.78383  1.000 46.78405 ? 27  ALA A C   1 
ATOM   204 O O   . ALA A 1 27  ? -2.08420  6.24599   -8.94708  1.000 36.76916 ? 27  ALA A O   1 
ATOM   205 C CB  . ALA A 1 27  ? -3.31640  3.39903   -7.83816  1.000 39.63975 ? 27  ALA A CB  1 
ATOM   206 N N   . HIS A 1 28  ? -0.49998  4.76255   -8.33613  1.000 43.55863 ? 28  HIS A N   1 
ATOM   207 C CA  . HIS A 1 28  ? 0.41424   5.81760   -7.93704  1.000 42.44402 ? 28  HIS A CA  1 
ATOM   208 C C   . HIS A 1 28  ? 0.94951   6.58221   -9.13975  1.000 42.66403 ? 28  HIS A C   1 
ATOM   209 O O   . HIS A 1 28  ? 1.04330   7.81381   -9.09929  1.000 41.79769 ? 28  HIS A O   1 
ATOM   210 C CB  . HIS A 1 28  ? 1.56159   5.24414   -7.12298  1.000 42.28588 ? 28  HIS A CB  1 
ATOM   211 C CG  . HIS A 1 28  ? 2.42399   6.29975   -6.51149  1.000 42.10336 ? 28  HIS A CG  1 
ATOM   212 N ND1 . HIS A 1 28  ? 2.20422   6.79711   -5.24558  1.000 35.58267 ? 28  HIS A ND1 1 
ATOM   213 C CD2 . HIS A 1 28  ? 3.49266   6.97001   -7.00246  1.000 40.99530 ? 28  HIS A CD2 1 
ATOM   214 C CE1 . HIS A 1 28  ? 3.10869   7.72202   -4.97924  1.000 43.48737 ? 28  HIS A CE1 1 
ATOM   215 N NE2 . HIS A 1 28  ? 3.89847   7.85101   -6.03133  1.000 40.05769 ? 28  HIS A NE2 1 
ATOM   216 N N   . ARG A 1 29  ? 1.31613   5.88004   -10.21606 1.000 40.44417 ? 29  ARG A N   1 
ATOM   217 C CA  . ARG A 1 29  ? 1.86658   6.58987   -11.36363 1.000 43.24766 ? 29  ARG A CA  1 
ATOM   218 C C   . ARG A 1 29  ? 0.77471   7.32201   -12.13646 1.000 45.78611 ? 29  ARG A C   1 
ATOM   219 O O   . ARG A 1 29  ? 1.02026   8.40383   -12.67829 1.000 39.42751 ? 29  ARG A O   1 
ATOM   220 C CB  . ARG A 1 29  ? 2.64785   5.62750   -12.26721 1.000 50.92541 ? 29  ARG A CB  1 
ATOM   221 C CG  . ARG A 1 29  ? 1.81854   4.58750   -12.98489 1.000 61.68434 ? 29  ARG A CG  1 
ATOM   222 C CD  . ARG A 1 29  ? 2.69227   3.59629   -13.76345 1.000 69.79395 ? 29  ARG A CD  1 
ATOM   223 N NE  . ARG A 1 29  ? 1.87755   2.57200   -14.41199 1.000 75.41593 ? 29  ARG A NE  1 
ATOM   224 C CZ  . ARG A 1 29  ? 1.41752   2.65359   -15.65494 1.000 81.81248 ? 29  ARG A CZ  1 
ATOM   225 N NH1 . ARG A 1 29  ? 1.73292   3.67231   -16.44468 1.000 78.20371 ? 29  ARG A NH1 1 
ATOM   226 N NH2 . ARG A 1 29  ? 0.62524   1.68727   -16.11972 1.000 78.05875 ? 29  ARG A NH2 1 
ATOM   227 N N   . GLY A 1 30  ? -0.44356  6.77811   -12.15540 1.000 48.01286 ? 30  GLY A N   1 
ATOM   228 C CA  . GLY A 1 30  ? -1.51225  7.41267   -12.90026 1.000 44.41982 ? 30  GLY A CA  1 
ATOM   229 C C   . GLY A 1 30  ? -2.02725  8.67107   -12.23982 1.000 45.78230 ? 30  GLY A C   1 
ATOM   230 O O   . GLY A 1 30  ? -2.56760  9.55457   -12.91312 1.000 46.69109 ? 30  GLY A O   1 
ATOM   231 N N   . LEU A 1 31  ? -1.86598  8.78043   -10.92408 1.000 43.19005 ? 31  LEU A N   1 
ATOM   232 C CA  . LEU A 1 31  ? -2.42161  9.91054   -10.19804 1.000 47.27770 ? 31  LEU A CA  1 
ATOM   233 C C   . LEU A 1 31  ? -1.38059  10.93127  -9.78585  1.000 43.75200 ? 31  LEU A C   1 
ATOM   234 O O   . LEU A 1 31  ? -1.74220  12.08108  -9.52114  1.000 43.34537 ? 31  LEU A O   1 
ATOM   235 C CB  . LEU A 1 31  ? -3.15243  9.43067   -8.93998  1.000 45.71866 ? 31  LEU A CB  1 
ATOM   236 C CG  . LEU A 1 31  ? -4.66307  9.41273   -9.08403  1.000 46.63359 ? 31  LEU A CG  1 
ATOM   237 C CD1 . LEU A 1 31  ? -5.24671  9.35880   -7.70936  1.000 42.80333 ? 31  LEU A CD1 1 
ATOM   238 C CD2 . LEU A 1 31  ? -5.14317  10.64629  -9.85176  1.000 54.92299 ? 31  LEU A CD2 1 
ATOM   239 N N   . THR A 1 32  ? -0.10758  10.54092  -9.73447  1.000 39.33059 ? 32  THR A N   1 
ATOM   240 C CA  . THR A 1 32  ? 0.96964   11.42190  -9.32234  1.000 41.05364 ? 32  THR A CA  1 
ATOM   241 C C   . THR A 1 32  ? 1.94172   11.76549  -10.43459 1.000 45.07750 ? 32  THR A C   1 
ATOM   242 O O   . THR A 1 32  ? 2.53949   12.84599  -10.39471 1.000 49.68491 ? 32  THR A O   1 
ATOM   243 C CB  . THR A 1 32  ? 1.76345   10.79071  -8.17136  1.000 42.16694 ? 32  THR A CB  1 
ATOM   244 O OG1 . THR A 1 32  ? 2.64869   9.79438   -8.69779  1.000 40.40215 ? 32  THR A OG1 1 
ATOM   245 C CG2 . THR A 1 32  ? 0.82782   10.16986  -7.14297  1.000 42.71128 ? 32  THR A CG2 1 
ATOM   246 N N   . GLY A 1 33  ? 2.13672   10.87034  -11.40581 1.000 40.05796 ? 33  GLY A N   1 
ATOM   247 C CA  . GLY A 1 33  ? 3.12691   11.07000  -12.44018 1.000 40.47368 ? 33  GLY A CA  1 
ATOM   248 C C   . GLY A 1 33  ? 4.52102   10.57818  -12.11185 1.000 46.19263 ? 33  GLY A C   1 
ATOM   249 O O   . GLY A 1 33  ? 5.42104   10.72960  -12.94711 1.000 46.30346 ? 33  GLY A O   1 
ATOM   250 N N   . THR A 1 34  ? 4.73984   10.01316  -10.92146 1.000 50.10547 ? 34  THR A N   1 
ATOM   251 C CA  . THR A 1 34  ? 6.00554   9.34705   -10.63412 1.000 48.16391 ? 34  THR A CA  1 
ATOM   252 C C   . THR A 1 34  ? 6.11691   8.07492   -11.47009 1.000 46.89525 ? 34  THR A C   1 
ATOM   253 O O   . THR A 1 34  ? 5.16305   7.29942   -11.56745 1.000 42.24220 ? 34  THR A O   1 
ATOM   254 C CB  . THR A 1 34  ? 6.11980   9.03623   -9.13702  1.000 44.93719 ? 34  THR A CB  1 
ATOM   255 O OG1 . THR A 1 34  ? 6.26451   10.26150  -8.41275  1.000 49.76119 ? 34  THR A OG1 1 
ATOM   256 C CG2 . THR A 1 34  ? 7.31511   8.15078   -8.83713  1.000 38.81864 ? 34  THR A CG2 1 
ATOM   257 N N   . GLN A 1 35  ? 7.27640   7.88050   -12.09326 1.000 44.42573 ? 35  GLN A N   1 
ATOM   258 C CA  . GLN A 1 35  ? 7.46443   6.76100   -13.00443 1.000 43.32914 ? 35  GLN A CA  1 
ATOM   259 C C   . GLN A 1 35  ? 7.34864   5.43729   -12.25401 1.000 48.04134 ? 35  GLN A C   1 
ATOM   260 O O   . GLN A 1 35  ? 7.61232   5.34922   -11.04983 1.000 47.27723 ? 35  GLN A O   1 
ATOM   261 C CB  . GLN A 1 35  ? 8.82900   6.86049   -13.70335 1.000 44.44081 ? 35  GLN A CB  1 
ATOM   262 C CG  . GLN A 1 35  ? 9.11116   8.20584   -14.38986 1.000 48.84188 ? 35  GLN A CG  1 
ATOM   263 C CD  . GLN A 1 35  ? 9.44345   9.33573   -13.40096 1.000 49.67164 ? 35  GLN A CD  1 
ATOM   264 O OE1 . GLN A 1 35  ? 8.56667   10.10191  -13.00830 1.000 43.00710 ? 35  GLN A OE1 1 
ATOM   265 N NE2 . GLN A 1 35  ? 10.70962  9.44277   -13.01341 1.000 51.85031 ? 35  GLN A NE2 1 
ATOM   266 N N   . HIS A 1 36  ? 6.93817   4.40722   -12.99289 1.000 52.23719 ? 36  HIS A N   1 
ATOM   267 C CA  . HIS A 1 36  ? 6.75521   3.02524   -12.54576 1.000 52.32178 ? 36  HIS A CA  1 
ATOM   268 C C   . HIS A 1 36  ? 7.82401   2.52913   -11.57399 1.000 43.54810 ? 36  HIS A C   1 
ATOM   269 O O   . HIS A 1 36  ? 7.53958   2.26550   -10.40268 1.000 46.34951 ? 36  HIS A O   1 
ATOM   270 C CB  . HIS A 1 36  ? 6.74416   2.12011   -13.78381 1.000 63.38260 ? 36  HIS A CB  1 
ATOM   271 C CG  . HIS A 1 36  ? 5.76678   0.99129   -13.72368 1.000 62.62524 ? 36  HIS A CG  1 
ATOM   272 N ND1 . HIS A 1 36  ? 5.90379   -0.14353  -14.49763 1.000 75.68242 ? 36  HIS A ND1 1 
ATOM   273 C CD2 . HIS A 1 36  ? 4.62154   0.83143   -13.01950 1.000 65.35211 ? 36  HIS A CD2 1 
ATOM   274 C CE1 . HIS A 1 36  ? 4.89581   -0.96414  -14.25549 1.000 74.81618 ? 36  HIS A CE1 1 
ATOM   275 N NE2 . HIS A 1 36  ? 4.10517   -0.39827  -13.35915 1.000 76.34283 ? 36  HIS A NE2 1 
ATOM   276 N N   . PHE A 1 37  ? 9.05836   2.39743   -12.06111 1.000 37.25757 ? 37  PHE A N   1 
ATOM   277 C CA  . PHE A 1 37  ? 10.13963  1.74590   -11.33116 1.000 43.79185 ? 37  PHE A CA  1 
ATOM   278 C C   . PHE A 1 37  ? 10.48060  2.42605   -10.01154 1.000 49.24944 ? 37  PHE A C   1 
ATOM   279 O O   . PHE A 1 37  ? 11.30278  1.89498   -9.25143  1.000 44.09199 ? 37  PHE A O   1 
ATOM   280 C CB  . PHE A 1 37  ? 11.39791  1.69065   -12.20330 1.000 43.17473 ? 37  PHE A CB  1 
ATOM   281 C CG  . PHE A 1 37  ? 12.07416  3.02407   -12.38603 1.000 45.22992 ? 37  PHE A CG  1 
ATOM   282 C CD1 . PHE A 1 37  ? 11.49041  4.01703   -13.15777 1.000 42.99591 ? 37  PHE A CD1 1 
ATOM   283 C CD2 . PHE A 1 37  ? 13.29847  3.28407   -11.78421 1.000 45.44182 ? 37  PHE A CD2 1 
ATOM   284 C CE1 . PHE A 1 37  ? 12.11709  5.23854   -13.33355 1.000 48.06123 ? 37  PHE A CE1 1 
ATOM   285 C CE2 . PHE A 1 37  ? 13.93052  4.50747   -11.95235 1.000 40.99484 ? 37  PHE A CE2 1 
ATOM   286 C CZ  . PHE A 1 37  ? 13.33973  5.48720   -12.73068 1.000 44.88920 ? 37  PHE A CZ  1 
ATOM   287 N N   . LEU A 1 38  ? 9.89058   3.58075   -9.72692  1.000 47.71089 ? 38  LEU A N   1 
ATOM   288 C CA  . LEU A 1 38  ? 10.16852  4.31002   -8.50550  1.000 43.59995 ? 38  LEU A CA  1 
ATOM   289 C C   . LEU A 1 38  ? 9.23627   3.91621   -7.36964  1.000 41.30324 ? 38  LEU A C   1 
ATOM   290 O O   . LEU A 1 38  ? 9.40649   4.41521   -6.25528  1.000 42.84781 ? 38  LEU A O   1 
ATOM   291 C CB  . LEU A 1 38  ? 10.08036  5.82111   -8.77667  1.000 44.94503 ? 38  LEU A CB  1 
ATOM   292 C CG  . LEU A 1 38  ? 11.13602  6.39700   -9.73603  1.000 45.11232 ? 38  LEU A CG  1 
ATOM   293 C CD1 . LEU A 1 38  ? 10.70776  7.73969   -10.27041 1.000 49.85305 ? 38  LEU A CD1 1 
ATOM   294 C CD2 . LEU A 1 38  ? 12.51204  6.51211   -9.07858  1.000 43.93107 ? 38  LEU A CD2 1 
ATOM   295 N N   . ALA A 1 39  ? 8.26482   3.03418   -7.61789  1.000 41.28556 ? 39  ALA A N   1 
ATOM   296 C CA  . ALA A 1 39  ? 7.31444   2.59375   -6.59455  1.000 38.56056 ? 39  ALA A CA  1 
ATOM   297 C C   . ALA A 1 39  ? 7.70284   1.19335   -6.12303  1.000 35.04581 ? 39  ALA A C   1 
ATOM   298 O O   . ALA A 1 39  ? 7.59567   0.22722   -6.88150  1.000 31.00785 ? 39  ALA A O   1 
ATOM   299 C CB  . ALA A 1 39  ? 5.88135   2.60580   -7.12765  1.000 28.59624 ? 39  ALA A CB  1 
ATOM   300 N N   . GLN A 1 40  ? 8.15552   1.08626   -4.87744  1.000 27.26525 ? 40  GLN A N   1 
ATOM   301 C CA  . GLN A 1 40  ? 8.37967   -0.21047  -4.26307  1.000 32.63618 ? 40  GLN A CA  1 
ATOM   302 C C   . GLN A 1 40  ? 7.12664   -0.64954  -3.52602  1.000 27.07112 ? 40  GLN A C   1 
ATOM   303 O O   . GLN A 1 40  ? 6.47480   0.15197   -2.85868  1.000 27.86854 ? 40  GLN A O   1 
ATOM   304 C CB  . GLN A 1 40  ? 9.57243   -0.18457  -3.29616  1.000 29.95674 ? 40  GLN A CB  1 
ATOM   305 C CG  . GLN A 1 40  ? 9.75597   -1.49972  -2.51186  1.000 29.93802 ? 40  GLN A CG  1 
ATOM   306 C CD  . GLN A 1 40  ? 11.07294  -1.58747  -1.73328  1.000 32.17525 ? 40  GLN A CD  1 
ATOM   307 O OE1 . GLN A 1 40  ? 11.93483  -0.71141  -1.82838  1.000 36.87245 ? 40  GLN A OE1 1 
ATOM   308 N NE2 . GLN A 1 40  ? 11.24442  -2.67377  -0.99496  1.000 34.59056 ? 40  GLN A NE2 1 
ATOM   309 N N   . VAL A 1 41  ? 6.78895   -1.92748  -3.65544  1.000 31.27436 ? 41  VAL A N   1 
ATOM   310 C CA  . VAL A 1 41  ? 5.76126   -2.55266  -2.82686  1.000 33.41332 ? 41  VAL A CA  1 
ATOM   311 C C   . VAL A 1 41  ? 6.42753   -3.68935  -2.06105  1.000 29.91390 ? 41  VAL A C   1 
ATOM   312 O O   . VAL A 1 41  ? 6.91340   -4.64578  -2.67353  1.000 28.90674 ? 41  VAL A O   1 
ATOM   313 C CB  . VAL A 1 41  ? 4.57235   -3.05289  -3.66452  1.000 29.43243 ? 41  VAL A CB  1 
ATOM   314 C CG1 . VAL A 1 41  ? 3.53027   -3.73882  -2.77077  1.000 30.64000 ? 41  VAL A CG1 1 
ATOM   315 C CG2 . VAL A 1 41  ? 3.94000   -1.90118  -4.40331  1.000 29.30794 ? 41  VAL A CG2 1 
ATOM   316 N N   . ASN A 1 42  ? 6.47810   -3.56843  -0.73033  1.000 29.53493 ? 42  ASN A N   1 
ATOM   317 C CA  . ASN A 1 42  ? 7.14376   -4.53984  0.15582   1.000 31.71978 ? 42  ASN A CA  1 
ATOM   318 C C   . ASN A 1 42  ? 6.08127   -5.21381  1.01573   1.000 32.21756 ? 42  ASN A C   1 
ATOM   319 O O   . ASN A 1 42  ? 5.58738   -4.62486  1.98201   1.000 36.00007 ? 42  ASN A O   1 
ATOM   320 C CB  . ASN A 1 42  ? 8.19966   -3.85455  1.02662   1.000 26.74079 ? 42  ASN A CB  1 
ATOM   321 C CG  . ASN A 1 42  ? 9.30109   -4.80241  1.48855   1.000 32.89542 ? 42  ASN A CG  1 
ATOM   322 O OD1 . ASN A 1 42  ? 9.05486   -5.97499  1.79554   1.000 36.63640 ? 42  ASN A OD1 1 
ATOM   323 N ND2 . ASN A 1 42  ? 10.52836  -4.29519  1.53907   1.000 30.26554 ? 42  ASN A ND2 1 
ATOM   324 N N   . PHE A 1 43  ? 5.72043   -6.44131  0.66459   1.000 28.74805 ? 43  PHE A N   1 
ATOM   325 C CA  . PHE A 1 43  ? 4.73468   -7.16772  1.45831   1.000 29.45879 ? 43  PHE A CA  1 
ATOM   326 C C   . PHE A 1 43  ? 5.35347   -7.64693  2.76587   1.000 29.32737 ? 43  PHE A C   1 
ATOM   327 O O   . PHE A 1 43  ? 6.45461   -8.21465  2.77563   1.000 25.58593 ? 43  PHE A O   1 
ATOM   328 C CB  . PHE A 1 43  ? 4.18182   -8.36895  0.68177   1.000 30.78652 ? 43  PHE A CB  1 
ATOM   329 C CG  . PHE A 1 43  ? 3.20990   -8.00310  -0.39668  1.000 29.56261 ? 43  PHE A CG  1 
ATOM   330 C CD1 . PHE A 1 43  ? 1.88091   -7.74855  -0.09353  1.000 28.65255 ? 43  PHE A CD1 1 
ATOM   331 C CD2 . PHE A 1 43  ? 3.62030   -7.92555  -1.71821  1.000 27.62410 ? 43  PHE A CD2 1 
ATOM   332 C CE1 . PHE A 1 43  ? 0.98065   -7.41808  -1.09255  1.000 32.97591 ? 43  PHE A CE1 1 
ATOM   333 C CE2 . PHE A 1 43  ? 2.72406   -7.58590  -2.71803  1.000 27.10162 ? 43  PHE A CE2 1 
ATOM   334 C CZ  . PHE A 1 43  ? 1.40574   -7.33446  -2.40963  1.000 27.21258 ? 43  PHE A CZ  1 
ATOM   335 N N   . GLN A 1 44  ? 4.63367   -7.43699  3.86955   1.000 27.97069 ? 44  GLN A N   1 
ATOM   336 C CA  . GLN A 1 44  ? 5.05600   -7.89769  5.19380   1.000 27.53846 ? 44  GLN A CA  1 
ATOM   337 C C   . GLN A 1 44  ? 4.02011   -8.89645  5.71314   1.000 29.78834 ? 44  GLN A C   1 
ATOM   338 O O   . GLN A 1 44  ? 2.96385   -8.49324  6.19949   1.000 31.10537 ? 44  GLN A O   1 
ATOM   339 C CB  . GLN A 1 44  ? 5.21030   -6.71943  6.14604   1.000 28.13193 ? 44  GLN A CB  1 
ATOM   340 C CG  . GLN A 1 44  ? 6.25018   -5.69371  5.72236   1.000 28.26563 ? 44  GLN A CG  1 
ATOM   341 C CD  . GLN A 1 44  ? 7.66077   -6.19595  5.90403   1.000 30.79918 ? 44  GLN A CD  1 
ATOM   342 O OE1 . GLN A 1 44  ? 8.04216   -6.66922  6.98190   1.000 29.51087 ? 44  GLN A OE1 1 
ATOM   343 N NE2 . GLN A 1 44  ? 8.44133   -6.12756  4.83162   1.000 28.46527 ? 44  GLN A NE2 1 
ATOM   344 N N   . GLU A 1 45  ? 4.29616   -10.19220 5.60458   1.000 28.39287 ? 45  GLU A N   1 
ATOM   345 C CA  . GLU A 1 45  ? 3.35438   -11.18872 6.08850   1.000 32.29062 ? 45  GLU A CA  1 
ATOM   346 C C   . GLU A 1 45  ? 3.59926   -11.47729 7.56824   1.000 35.10431 ? 45  GLU A C   1 
ATOM   347 O O   . GLU A 1 45  ? 4.69731   -11.28430 8.09260   1.000 35.08702 ? 45  GLU A O   1 
ATOM   348 C CB  . GLU A 1 45  ? 3.43862   -12.48610 5.26657   1.000 40.80237 ? 45  GLU A CB  1 
ATOM   349 C CG  . GLU A 1 45  ? 2.86344   -12.37853 3.82975   1.000 38.42489 ? 45  GLU A CG  1 
ATOM   350 C CD  . GLU A 1 45  ? 3.22953   -13.55963 2.93509   1.000 45.34141 ? 45  GLU A CD  1 
ATOM   351 O OE1 . GLU A 1 45  ? 4.40799   -13.64884 2.53505   1.000 51.84078 ? 45  GLU A OE1 1 
ATOM   352 O OE2 . GLU A 1 45  ? 2.34975   -14.39962 2.62589   1.000 49.35557 ? 45  GLU A OE2 1 
ATOM   353 N N   . GLN A 1 46  ? 2.54461   -11.91537 8.24080   1.000 33.88620 ? 46  GLN A N   1 
ATOM   354 C CA  . GLN A 1 46  ? 2.56679   -12.29911 9.64503   1.000 29.57682 ? 46  GLN A CA  1 
ATOM   355 C C   . GLN A 1 46  ? 1.59436   -13.44503 9.79314   1.000 28.21056 ? 46  GLN A C   1 
ATOM   356 O O   . GLN A 1 46  ? 0.75773   -13.66995 8.91238   1.000 30.89495 ? 46  GLN A O   1 
ATOM   357 C CB  . GLN A 1 46  ? 2.17440   -11.12875 10.56417  1.000 28.46473 ? 46  GLN A CB  1 
ATOM   358 C CG  . GLN A 1 46  ? 3.29755   -10.18193 10.90983  1.000 27.25202 ? 46  GLN A CG  1 
ATOM   359 C CD  . GLN A 1 46  ? 4.38754   -10.85221 11.74596  1.000 32.91124 ? 46  GLN A CD  1 
ATOM   360 O OE1 . GLN A 1 46  ? 4.09872   -11.50851 12.74618  1.000 38.95340 ? 46  GLN A OE1 1 
ATOM   361 N NE2 . GLN A 1 46  ? 5.64219   -10.69977 11.32810  1.000 25.64349 ? 46  GLN A NE2 1 
ATOM   362 N N   . PRO A 1 47  ? 1.69609   -14.22257 10.86134  1.000 33.73600 ? 47  PRO A N   1 
ATOM   363 C CA  . PRO A 1 47  ? 0.76119   -15.34230 11.01845  1.000 34.35891 ? 47  PRO A CA  1 
ATOM   364 C C   . PRO A 1 47  ? -0.64402  -14.84729 11.30395  1.000 32.36221 ? 47  PRO A C   1 
ATOM   365 O O   . PRO A 1 47  ? -0.84828  -13.74916 11.82542  1.000 32.79176 ? 47  PRO A O   1 
ATOM   366 C CB  . PRO A 1 47  ? 1.33395   -16.14248 12.19358  1.000 34.44409 ? 47  PRO A CB  1 
ATOM   367 C CG  . PRO A 1 47  ? 2.37825   -15.25313 12.83262  1.000 38.60325 ? 47  PRO A CG  1 
ATOM   368 C CD  . PRO A 1 47  ? 2.85210   -14.30901 11.77239  1.000 33.37688 ? 47  PRO A CD  1 
ATOM   369 N N   . ALA A 1 48  ? -1.62112  -15.66131 10.90553  1.000 35.75330 ? 48  ALA A N   1 
ATOM   370 C CA  . ALA A 1 48  ? -3.00929  -15.37985 11.24094  1.000 36.38631 ? 48  ALA A CA  1 
ATOM   371 C C   . ALA A 1 48  ? -3.14349  -15.22871 12.74670  1.000 35.11838 ? 48  ALA A C   1 
ATOM   372 O O   . ALA A 1 48  ? -2.57423  -16.00670 13.51031  1.000 35.29424 ? 48  ALA A O   1 
ATOM   373 C CB  . ALA A 1 48  ? -3.91964  -16.49620 10.73661  1.000 39.02694 ? 48  ALA A CB  1 
ATOM   374 N N   . GLY A 1 49  ? -3.85802  -14.19936 13.17647  1.000 40.15306 ? 49  GLY A N   1 
ATOM   375 C CA  . GLY A 1 49  ? -3.99798  -13.92930 14.58980  1.000 38.99512 ? 49  GLY A CA  1 
ATOM   376 C C   . GLY A 1 49  ? -3.05685  -12.89359 15.16024  1.000 34.15532 ? 49  GLY A C   1 
ATOM   377 O O   . GLY A 1 49  ? -2.95559  -12.78506 16.38586  1.000 43.04702 ? 49  GLY A O   1 
ATOM   378 N N   . ASN A 1 50  ? -2.36381  -12.13609 14.32546  1.000 28.54441 ? 50  ASN A N   1 
ATOM   379 C CA  . ASN A 1 50  ? -1.50305  -11.07395 14.80985  1.000 29.01027 ? 50  ASN A CA  1 
ATOM   380 C C   . ASN A 1 50  ? -2.12260  -9.68322  14.66279  1.000 30.85559 ? 50  ASN A C   1 
ATOM   381 O O   . ASN A 1 50  ? -1.44487  -8.68971  14.94949  1.000 27.30351 ? 50  ASN A O   1 
ATOM   382 C CB  . ASN A 1 50  ? -0.15001  -11.13749 14.10536  1.000 27.07903 ? 50  ASN A CB  1 
ATOM   383 C CG  . ASN A 1 50  ? 0.83585   -12.02173 14.83348  1.000 29.91537 ? 50  ASN A CG  1 
ATOM   384 O OD1 . ASN A 1 50  ? 0.54121   -12.53671 15.91106  1.000 33.31453 ? 50  ASN A OD1 1 
ATOM   385 N ND2 . ASN A 1 50  ? 2.01757   -12.19440 14.25820  1.000 30.59829 ? 50  ASN A ND2 1 
ATOM   386 N N   . VAL A 1 51  ? -3.39258  -9.59502  14.24417  1.000 27.25718 ? 51  VAL A N   1 
ATOM   387 C CA  . VAL A 1 51  ? -4.09888  -8.32934  14.08010  1.000 27.50377 ? 51  VAL A CA  1 
ATOM   388 C C   . VAL A 1 51  ? -5.23622  -8.24772  15.08878  1.000 26.86494 ? 51  VAL A C   1 
ATOM   389 O O   . VAL A 1 51  ? -5.98259  -9.21246  15.28337  1.000 28.39878 ? 51  VAL A O   1 
ATOM   390 C CB  . VAL A 1 51  ? -4.63296  -8.15996  12.63933  1.000 38.05025 ? 51  VAL A CB  1 
ATOM   391 C CG1 . VAL A 1 51  ? -5.42645  -6.84558  12.49783  1.000 31.90591 ? 51  VAL A CG1 1 
ATOM   392 C CG2 . VAL A 1 51  ? -3.48792  -8.19201  11.63160  1.000 29.19019 ? 51  VAL A CG2 1 
ATOM   393 N N   . PHE A 1 52  ? -5.38539  -7.07956  15.70224  1.000 28.74006 ? 52  PHE A N   1 
ATOM   394 C CA  . PHE A 1 52  ? -6.39924  -6.81808  16.71526  1.000 27.56486 ? 52  PHE A CA  1 
ATOM   395 C C   . PHE A 1 52  ? -7.10520  -5.50250  16.41254  1.000 34.84487 ? 52  PHE A C   1 
ATOM   396 O O   . PHE A 1 52  ? -6.45378  -4.46682  16.22545  1.000 31.41627 ? 52  PHE A O   1 
ATOM   397 C CB  . PHE A 1 52  ? -5.78130  -6.75527  18.11043  1.000 32.57816 ? 52  PHE A CB  1 
ATOM   398 C CG  . PHE A 1 52  ? -5.21025  -8.06695  18.59407  1.000 37.02195 ? 52  PHE A CG  1 
ATOM   399 C CD1 . PHE A 1 52  ? -3.96878  -8.50361  18.15343  1.000 32.64374 ? 52  PHE A CD1 1 
ATOM   400 C CD2 . PHE A 1 52  ? -5.90378  -8.84952  19.50621  1.000 35.58350 ? 52  PHE A CD2 1 
ATOM   401 C CE1 . PHE A 1 52  ? -3.44364  -9.69258  18.59574  1.000 28.74976 ? 52  PHE A CE1 1 
ATOM   402 C CE2 . PHE A 1 52  ? -5.37310  -10.03905 19.95502  1.000 33.57174 ? 52  PHE A CE2 1 
ATOM   403 C CZ  . PHE A 1 52  ? -4.13561  -10.45135 19.50059  1.000 32.11709 ? 52  PHE A CZ  1 
ATOM   404 N N   . LEU A 1 53  ? -8.43526  -5.54782  16.36651  1.000 35.96785 ? 53  LEU A N   1 
ATOM   405 C CA  . LEU A 1 53  ? -9.27115  -4.37401  16.14755  1.000 32.97183 ? 53  LEU A CA  1 
ATOM   406 C C   . LEU A 1 53  ? -10.14756 -4.18677  17.37368  1.000 40.75985 ? 53  LEU A C   1 
ATOM   407 O O   . LEU A 1 53  ? -10.97570 -5.05426  17.68535  1.000 41.74601 ? 53  LEU A O   1 
ATOM   408 C CB  . LEU A 1 53  ? -10.12123 -4.52874  14.88516  1.000 34.58202 ? 53  LEU A CB  1 
ATOM   409 C CG  . LEU A 1 53  ? -9.33869  -4.78868  13.58838  1.000 39.13109 ? 53  LEU A CG  1 
ATOM   410 C CD1 . LEU A 1 53  ? -10.28354 -5.12499  12.44212  1.000 35.52559 ? 53  LEU A CD1 1 
ATOM   411 C CD2 . LEU A 1 53  ? -8.45328  -3.59094  13.24065  1.000 31.37280 ? 53  LEU A CD2 1 
ATOM   412 N N   . GLY A 1 54  ? -9.96361  -3.06159  18.06163  1.000 43.04742 ? 54  GLY A N   1 
ATOM   413 C CA  . GLY A 1 54  ? -10.59179 -2.84356  19.36046  1.000 45.30657 ? 54  GLY A CA  1 
ATOM   414 C C   . GLY A 1 54  ? -10.25014 -3.88476  20.40689  1.000 43.12211 ? 54  GLY A C   1 
ATOM   415 O O   . GLY A 1 54  ? -11.11365 -4.25415  21.21151  1.000 49.75465 ? 54  GLY A O   1 
ATOM   416 N N   . GLY A 1 55  ? -9.00885  -4.37150  20.41750  1.000 37.45963 ? 55  GLY A N   1 
ATOM   417 C CA  . GLY A 1 55  ? -8.63203  -5.46093  21.29678  1.000 35.66205 ? 55  GLY A CA  1 
ATOM   418 C C   . GLY A 1 55  ? -9.17014  -6.82657  20.91076  1.000 38.86641 ? 55  GLY A C   1 
ATOM   419 O O   . GLY A 1 55  ? -8.92423  -7.79841  21.63846  1.000 38.97652 ? 55  GLY A O   1 
ATOM   420 N N   . VAL A 1 56  ? -9.88376  -6.93826  19.78977  1.000 36.00730 ? 56  VAL A N   1 
ATOM   421 C CA  . VAL A 1 56  ? -10.50815 -8.18439  19.33920  1.000 34.79567 ? 56  VAL A CA  1 
ATOM   422 C C   . VAL A 1 56  ? -9.66198  -8.78809  18.22237  1.000 37.18772 ? 56  VAL A C   1 
ATOM   423 O O   . VAL A 1 56  ? -9.31881  -8.09687  17.25388  1.000 32.88402 ? 56  VAL A O   1 
ATOM   424 C CB  . VAL A 1 56  ? -11.94835 -7.92405  18.85645  1.000 38.53092 ? 56  VAL A CB  1 
ATOM   425 C CG1 . VAL A 1 56  ? -12.58740 -9.19359  18.34549  1.000 35.84895 ? 56  VAL A CG1 1 
ATOM   426 C CG2 . VAL A 1 56  ? -12.79164 -7.28792  19.96938  1.000 29.88153 ? 56  VAL A CG2 1 
ATOM   427 N N   . GLN A 1 57  ? -9.35426  -10.08273 18.33004  1.000 39.18568 ? 57  GLN A N   1 
ATOM   428 C CA  . GLN A 1 57  ? -8.37643  -10.69775 17.43494  1.000 34.53511 ? 57  GLN A CA  1 
ATOM   429 C C   . GLN A 1 57  ? -9.01562  -11.05738 16.09734  1.000 34.53149 ? 57  GLN A C   1 
ATOM   430 O O   . GLN A 1 57  ? -10.11856 -11.60067 16.05076  1.000 38.49243 ? 57  GLN A O   1 
ATOM   431 C CB  . GLN A 1 57  ? -7.75737  -11.93830 18.08872  1.000 33.07727 ? 57  GLN A CB  1 
ATOM   432 C CG  . GLN A 1 57  ? -6.53692  -12.47451 17.34102  1.000 38.05605 ? 57  GLN A CG  1 
ATOM   433 C CD  . GLN A 1 57  ? -5.90518  -13.69823 17.99577  1.000 46.22241 ? 57  GLN A CD  1 
ATOM   434 O OE1 . GLN A 1 57  ? -5.41881  -14.60123 17.31318  1.000 49.85948 ? 57  GLN A OE1 1 
ATOM   435 N NE2 . GLN A 1 57  ? -5.93039  -13.74423 19.32058  1.000 48.29705 ? 57  GLN A NE2 1 
ATOM   436 N N   . GLN A 1 58  ? -8.32756  -10.74122 15.00251  1.000 33.54608 ? 58  GLN A N   1 
ATOM   437 C CA  . GLN A 1 58  ? -8.87663  -10.96898 13.66766  1.000 34.72804 ? 58  GLN A CA  1 
ATOM   438 C C   . GLN A 1 58  ? -8.29469  -12.22561 13.02519  1.000 31.15239 ? 58  GLN A C   1 
ATOM   439 O O   . GLN A 1 58  ? -7.31580  -12.81202 13.49457  1.000 33.54961 ? 58  GLN A O   1 
ATOM   440 C CB  . GLN A 1 58  ? -8.63247  -9.75551  12.75749  1.000 32.57799 ? 58  GLN A CB  1 
ATOM   441 C CG  . GLN A 1 58  ? -9.03151  -8.41355  13.37787  1.000 33.34991 ? 58  GLN A CG  1 
ATOM   442 C CD  . GLN A 1 58  ? -10.51759 -8.32414  13.67593  1.000 33.68840 ? 58  GLN A CD  1 
ATOM   443 O OE1 . GLN A 1 58  ? -11.34320 -8.25806  12.76405  1.000 36.27399 ? 58  GLN A OE1 1 
ATOM   444 N NE2 . GLN A 1 58  ? -10.86576 -8.34597  14.96178  1.000 32.09525 ? 58  GLN A NE2 1 
ATOM   445 N N   . GLY A 1 59  ? -8.92166  -12.63855 11.92881  1.000 32.95922 ? 59  GLY A N   1 
ATOM   446 C CA  . GLY A 1 59  ? -8.39476  -13.72069 11.11969  1.000 34.52001 ? 59  GLY A CA  1 
ATOM   447 C C   . GLY A 1 59  ? -7.33595  -13.26768 10.12312  1.000 33.86331 ? 59  GLY A C   1 
ATOM   448 O O   . GLY A 1 59  ? -6.42988  -12.51107 10.47392  1.000 38.06952 ? 59  GLY A O   1 
ATOM   449 N N   . GLY A 1 60  ? -7.43128  -13.70560 8.87007   1.000 32.73814 ? 60  GLY A N   1 
ATOM   450 C CA  . GLY A 1 60  ? -6.44381  -13.34818 7.87578   1.000 29.57536 ? 60  GLY A CA  1 
ATOM   451 C C   . GLY A 1 60  ? -6.84377  -12.33291 6.83079   1.000 30.94348 ? 60  GLY A C   1 
ATOM   452 O O   . GLY A 1 60  ? -6.07418  -12.12047 5.88492   1.000 34.74642 ? 60  GLY A O   1 
ATOM   453 N N   . ASP A 1 61  ? -7.99007  -11.67019 6.95594   1.000 28.83708 ? 61  ASP A N   1 
ATOM   454 C CA  . ASP A 1 61  ? -8.48567  -10.87594 5.83763   1.000 35.99403 ? 61  ASP A CA  1 
ATOM   455 C C   . ASP A 1 61  ? -8.11055  -9.38601  5.88041   1.000 37.26667 ? 61  ASP A C   1 
ATOM   456 O O   . ASP A 1 61  ? -8.41506  -8.68124  4.91716   1.000 37.83567 ? 61  ASP A O   1 
ATOM   457 C CB  . ASP A 1 61  ? -10.00819 -11.02926 5.72834   1.000 36.87260 ? 61  ASP A CB  1 
ATOM   458 C CG  . ASP A 1 61  ? -10.40994 -12.22644 4.87335   1.000 46.72864 ? 61  ASP A CG  1 
ATOM   459 O OD1 . ASP A 1 61  ? -9.79095  -13.30523 5.04636   1.000 49.83561 ? 61  ASP A OD1 1 
ATOM   460 O OD2 . ASP A 1 61  ? -11.31907 -12.08611 4.01557   1.000 45.59756 ? 61  ASP A OD2 1 
ATOM   461 N N   . THR A 1 62  ? -7.44115  -8.88252  6.92561   1.000 32.02485 ? 62  THR A N   1 
ATOM   462 C CA  . THR A 1 62  ? -7.06830  -7.46732  6.95350   1.000 37.06781 ? 62  THR A CA  1 
ATOM   463 C C   . THR A 1 62  ? -5.84323  -7.17279  6.09589   1.000 33.76370 ? 62  THR A C   1 
ATOM   464 O O   . THR A 1 62  ? -4.89569  -7.95827  6.04731   1.000 35.02400 ? 62  THR A O   1 
ATOM   465 C CB  . THR A 1 62  ? -6.76143  -6.98301  8.37258   1.000 39.00546 ? 62  THR A CB  1 
ATOM   466 O OG1 . THR A 1 62  ? -7.60820  -7.64525  9.31441   1.000 38.87003 ? 62  THR A OG1 1 
ATOM   467 C CG2 . THR A 1 62  ? -6.96371  -5.47170  8.46841   1.000 32.96833 ? 62  THR A CG2 1 
ATOM   468 N N   . ILE A 1 63  ? -5.85217  -6.00681  5.45385   1.000 32.15880 ? 63  ILE A N   1 
ATOM   469 C CA  . ILE A 1 63  ? -4.70167  -5.46378  4.74368   1.000 27.99990 ? 63  ILE A CA  1 
ATOM   470 C C   . ILE A 1 63  ? -4.50721  -4.03042  5.21968   1.000 28.62693 ? 63  ILE A C   1 
ATOM   471 O O   . ILE A 1 63  ? -5.44091  -3.22801  5.16059   1.000 35.19952 ? 63  ILE A O   1 
ATOM   472 C CB  . ILE A 1 63  ? -4.89941  -5.50547  3.21678   1.000 35.96664 ? 63  ILE A CB  1 
ATOM   473 C CG1 . ILE A 1 63  ? -5.26501  -6.91802  2.75096   1.000 28.75990 ? 63  ILE A CG1 1 
ATOM   474 C CG2 . ILE A 1 63  ? -3.65937  -4.97155  2.46605   1.000 27.30335 ? 63  ILE A CG2 1 
ATOM   475 C CD1 . ILE A 1 63  ? -5.44953  -7.01085  1.25823   1.000 32.68784 ? 63  ILE A CD1 1 
ATOM   476 N N   . PHE A 1 64  ? -3.31872  -3.71533  5.71914   1.000 28.89542 ? 64  PHE A N   1 
ATOM   477 C CA  . PHE A 1 64  ? -2.93726  -2.34066  6.01490   1.000 32.33716 ? 64  PHE A CA  1 
ATOM   478 C C   . PHE A 1 64  ? -1.89769  -1.91111  4.98144   1.000 34.98679 ? 64  PHE A C   1 
ATOM   479 O O   . PHE A 1 64  ? -0.83886  -2.54488  4.85743   1.000 32.10624 ? 64  PHE A O   1 
ATOM   480 C CB  . PHE A 1 64  ? -2.39624  -2.18867  7.44288   1.000 27.84452 ? 64  PHE A CB  1 
ATOM   481 C CG  . PHE A 1 64  ? -1.86429  -0.78287  7.75415   1.000 28.42379 ? 64  PHE A CG  1 
ATOM   482 C CD1 . PHE A 1 64  ? -2.64068  0.34385   7.51980   1.000 30.87446 ? 64  PHE A CD1 1 
ATOM   483 C CD2 . PHE A 1 64  ? -0.60121  -0.59768  8.27485   1.000 28.92035 ? 64  PHE A CD2 1 
ATOM   484 C CE1 . PHE A 1 64  ? -2.16406  1.62547   7.80160   1.000 30.86007 ? 64  PHE A CE1 1 
ATOM   485 C CE2 . PHE A 1 64  ? -0.11726  0.68686   8.56064   1.000 29.84236 ? 64  PHE A CE2 1 
ATOM   486 C CZ  . PHE A 1 64  ? -0.90070  1.79305   8.31834   1.000 28.72044 ? 64  PHE A CZ  1 
ATOM   487 N N   . VAL A 1 65  ? -2.21771  -0.87073  4.21146   1.000 31.86307 ? 65  VAL A N   1 
ATOM   488 C CA  . VAL A 1 65  ? -1.28399  -0.28796  3.24792   1.000 29.28851 ? 65  VAL A CA  1 
ATOM   489 C C   . VAL A 1 65  ? -0.72794  0.99727   3.84724   1.000 33.21062 ? 65  VAL A C   1 
ATOM   490 O O   . VAL A 1 65  ? -1.46809  1.95937   4.09231   1.000 29.81765 ? 65  VAL A O   1 
ATOM   491 C CB  . VAL A 1 65  ? -1.95168  -0.00507  1.89442   1.000 29.40918 ? 65  VAL A CB  1 
ATOM   492 C CG1 . VAL A 1 65  ? -0.92000  0.53678   0.93095   1.000 29.81611 ? 65  VAL A CG1 1 
ATOM   493 C CG2 . VAL A 1 65  ? -2.62122  -1.23779  1.33687   1.000 22.19417 ? 65  VAL A CG2 1 
ATOM   494 N N   . HIS A 1 66  ? 0.56505   1.01855   4.10700   1.000 34.79029 ? 66  HIS A N   1 
ATOM   495 C CA  . HIS A 1 66  ? 1.21498   2.21845   4.61896   1.000 34.32872 ? 66  HIS A CA  1 
ATOM   496 C C   . HIS A 1 66  ? 2.17558   2.73716   3.54792   1.000 30.06732 ? 66  HIS A C   1 
ATOM   497 O O   . HIS A 1 66  ? 3.22518   2.12820   3.29893   1.000 31.27064 ? 66  HIS A O   1 
ATOM   498 C CB  . HIS A 1 66  ? 1.93160   1.91403   5.93161   1.000 30.57502 ? 66  HIS A CB  1 
ATOM   499 C CG  . HIS A 1 66  ? 2.49648   3.12205   6.61079   1.000 35.01208 ? 66  HIS A CG  1 
ATOM   500 N ND1 . HIS A 1 66  ? 1.95140   4.38239   6.47429   1.000 33.15335 ? 66  HIS A ND1 1 
ATOM   501 C CD2 . HIS A 1 66  ? 3.57229   3.26237   7.42035   1.000 28.90362 ? 66  HIS A CD2 1 
ATOM   502 C CE1 . HIS A 1 66  ? 2.66202   5.24214   7.18105   1.000 29.71989 ? 66  HIS A CE1 1 
ATOM   503 N NE2 . HIS A 1 66  ? 3.65267   4.58853   7.76120   1.000 28.38803 ? 66  HIS A NE2 1 
ATOM   504 N N   . GLY A 1 67  ? 1.80384   3.84427   2.90932   1.000 25.10965 ? 67  GLY A N   1 
ATOM   505 C CA  . GLY A 1 67  ? 2.65904   4.48521   1.91813   1.000 27.24808 ? 67  GLY A CA  1 
ATOM   506 C C   . GLY A 1 67  ? 3.58278   5.52436   2.53281   1.000 25.94135 ? 67  GLY A C   1 
ATOM   507 O O   . GLY A 1 67  ? 3.19323   6.28300   3.40976   1.000 33.37395 ? 67  GLY A O   1 
ATOM   508 N N   . LEU A 1 68  ? 4.81702   5.52980   2.07471   1.000 33.17402 ? 68  LEU A N   1 
ATOM   509 C CA  . LEU A 1 68  ? 5.82080   6.50685   2.49415   1.000 31.22728 ? 68  LEU A CA  1 
ATOM   510 C C   . LEU A 1 68  ? 6.12244   7.36823   1.27311   1.000 31.69502 ? 68  LEU A C   1 
ATOM   511 O O   . LEU A 1 68  ? 6.80500   6.92345   0.34721   1.000 32.15926 ? 68  LEU A O   1 
ATOM   512 C CB  . LEU A 1 68  ? 7.07432   5.81424   3.02209   1.000 28.49757 ? 68  LEU A CB  1 
ATOM   513 C CG  . LEU A 1 68  ? 6.86680   4.89033   4.22440   1.000 32.28177 ? 68  LEU A CG  1 
ATOM   514 C CD1 . LEU A 1 68  ? 8.18606   4.26035   4.64428   1.000 29.23729 ? 68  LEU A CD1 1 
ATOM   515 C CD2 . LEU A 1 68  ? 6.24785   5.67920   5.37654   1.000 32.97947 ? 68  LEU A CD2 1 
ATOM   516 N N   . HIS A 1 69  ? 5.61584   8.59713   1.27882   1.000 31.24823 ? 69  HIS A N   1 
ATOM   517 C CA  . HIS A 1 69  ? 5.67835   9.49104   0.13047   1.000 34.06028 ? 69  HIS A CA  1 
ATOM   518 C C   . HIS A 1 69  ? 6.58409   10.69424  0.38552   1.000 34.67506 ? 69  HIS A C   1 
ATOM   519 O O   . HIS A 1 69  ? 6.86163   11.07785  1.52350   1.000 35.51550 ? 69  HIS A O   1 
ATOM   520 C CB  . HIS A 1 69  ? 4.28199   10.00855  -0.23175  1.000 35.29082 ? 69  HIS A CB  1 
ATOM   521 C CG  . HIS A 1 69  ? 3.33253   8.94892   -0.69941  1.000 36.94012 ? 69  HIS A CG  1 
ATOM   522 N ND1 . HIS A 1 69  ? 1.97403   9.16599   -0.80573  1.000 34.04439 ? 69  HIS A ND1 1 
ATOM   523 C CD2 . HIS A 1 69  ? 3.53969   7.67121   -1.09345  1.000 35.49986 ? 69  HIS A CD2 1 
ATOM   524 C CE1 . HIS A 1 69  ? 1.38700   8.06773   -1.24190  1.000 32.14792 ? 69  HIS A CE1 1 
ATOM   525 N NE2 . HIS A 1 69  ? 2.31430   7.14719   -1.42827  1.000 35.13381 ? 69  HIS A NE2 1 
ATOM   526 N N   . ARG A 1 70  ? 7.02670   11.29399  -0.71198  1.000 37.93290 ? 70  ARG A N   1 
ATOM   527 C CA  . ARG A 1 70  ? 7.57212   12.64371  -0.68360  1.000 39.82454 ? 70  ARG A CA  1 
ATOM   528 C C   . ARG A 1 70  ? 6.48603   13.64624  -0.32124  1.000 37.15350 ? 70  ARG A C   1 
ATOM   529 O O   . ARG A 1 70  ? 5.33588   13.52096  -0.74988  1.000 34.74575 ? 70  ARG A O   1 
ATOM   530 C CB  . ARG A 1 70  ? 8.16124   13.01022  -2.04737  1.000 39.44828 ? 70  ARG A CB  1 
ATOM   531 C CG  . ARG A 1 70  ? 9.15993   14.13260  -1.98574  1.000 40.67945 ? 70  ARG A CG  1 
ATOM   532 C CD  . ARG A 1 70  ? 8.68000   15.41702  -2.64324  1.000 42.60043 ? 70  ARG A CD  1 
ATOM   533 N NE  . ARG A 1 70  ? 9.59955   16.53388  -2.40869  1.000 52.43277 ? 70  ARG A NE  1 
ATOM   534 C CZ  . ARG A 1 70  ? 9.89421   17.05110  -1.21937  1.000 40.84945 ? 70  ARG A CZ  1 
ATOM   535 N NH1 . ARG A 1 70  ? 9.35899   16.58093  -0.10801  1.000 42.93644 ? 70  ARG A NH1 1 
ATOM   536 N NH2 . ARG A 1 70  ? 10.74877  18.06831  -1.14495  1.000 42.14844 ? 70  ARG A NH2 1 
ATOM   537 N N   . GLU A 1 71  ? 6.86700   14.65277  0.46076   1.000 37.46329 ? 71  GLU A N   1 
ATOM   538 C CA  . GLU A 1 71  ? 5.97628   15.73936  0.85046   1.000 36.24601 ? 71  GLU A CA  1 
ATOM   539 C C   . GLU A 1 71  ? 5.57451   16.60321  -0.34862  1.000 36.43058 ? 71  GLU A C   1 
ATOM   540 O O   . GLU A 1 71  ? 6.28057   16.67049  -1.35982  1.000 30.39793 ? 71  GLU A O   1 
ATOM   541 C CB  . GLU A 1 71  ? 6.65484   16.63399  1.88996   1.000 34.12352 ? 71  GLU A CB  1 
ATOM   542 C CG  . GLU A 1 71  ? 6.68546   16.05691  3.28163   1.000 40.07300 ? 71  GLU A CG  1 
ATOM   543 C CD  . GLU A 1 71  ? 7.63329   16.79692  4.19187   1.000 48.14139 ? 71  GLU A CD  1 
ATOM   544 O OE1 . GLU A 1 71  ? 8.24881   17.78311  3.71382   1.000 48.71444 ? 71  GLU A OE1 1 
ATOM   545 O OE2 . GLU A 1 71  ? 7.73893   16.40594  5.37978   1.000 44.54667 ? 71  GLU A OE2 1 
ATOM   546 N N   . GLY A 1 72  ? 4.43289   17.29886  -0.20585  1.000 32.53893 ? 72  GLY A N   1 
ATOM   547 C CA  . GLY A 1 72  ? 4.09124   18.36522  -1.12848  1.000 32.12093 ? 72  GLY A CA  1 
ATOM   548 C C   . GLY A 1 72  ? 2.97049   18.06023  -2.09464  1.000 37.21718 ? 72  GLY A C   1 
ATOM   549 O O   . GLY A 1 72  ? 2.94488   18.56092  -3.22140  1.000 39.33099 ? 72  GLY A O   1 
ATOM   550 N N   . ARG A 1 73  ? 2.03073   17.24572  -1.64837  1.000 36.01467 ? 73  ARG A N   1 
ATOM   551 C CA  . ARG A 1 73  ? 0.91556   16.76480  -2.44831  1.000 34.80432 ? 73  ARG A CA  1 
ATOM   552 C C   . ARG A 1 73  ? -0.36383  17.34809  -1.88059  1.000 34.15923 ? 73  ARG A C   1 
ATOM   553 O O   . ARG A 1 73  ? -0.58579  17.28696  -0.66558  1.000 33.06890 ? 73  ARG A O   1 
ATOM   554 C CB  . ARG A 1 73  ? 0.83227   15.25144  -2.36166  1.000 44.90128 ? 73  ARG A CB  1 
ATOM   555 C CG  . ARG A 1 73  ? 1.85708   14.51693  -3.11811  1.000 43.49192 ? 73  ARG A CG  1 
ATOM   556 C CD  . ARG A 1 73  ? 1.26218   13.87598  -4.30218  1.000 37.41118 ? 73  ARG A CD  1 
ATOM   557 N NE  . ARG A 1 73  ? 2.34016   13.36694  -5.12626  1.000 44.37802 ? 73  ARG A NE  1 
ATOM   558 C CZ  . ARG A 1 73  ? 2.47190   13.61839  -6.41815  1.000 55.16317 ? 73  ARG A CZ  1 
ATOM   559 N NH1 . ARG A 1 73  ? 1.55070   14.29339  -7.08987  1.000 55.49506 ? 73  ARG A NH1 1 
ATOM   560 N NH2 . ARG A 1 73  ? 3.54930   13.17345  -7.05682  1.000 60.70079 ? 73  ARG A NH2 1 
ATOM   561 N N   . SER A 1 74  ? -1.21850  17.88156  -2.74202  1.000 31.28780 ? 74  SER A N   1 
ATOM   562 C CA  . SER A 1 74  ? -2.42659  18.47646  -2.20407  1.000 30.43199 ? 74  SER A CA  1 
ATOM   563 C C   . SER A 1 74  ? -3.22508  17.41983  -1.43981  1.000 35.48491 ? 74  SER A C   1 
ATOM   564 O O   . SER A 1 74  ? -3.03964  16.20539  -1.60582  1.000 38.44896 ? 74  SER A O   1 
ATOM   565 C CB  . SER A 1 74  ? -3.24746  19.12925  -3.31680  1.000 32.11322 ? 74  SER A CB  1 
ATOM   566 O OG  . SER A 1 74  ? -4.20930  18.26225  -3.86151  1.000 41.01021 ? 74  SER A OG  1 
ATOM   567 N N   . ALA A 1 75  ? -4.07309  17.89098  -0.53199  1.000 35.74592 ? 75  ALA A N   1 
ATOM   568 C CA  . ALA A 1 75  ? -4.94275  16.96195  0.17515   1.000 32.77576 ? 75  ALA A CA  1 
ATOM   569 C C   . ALA A 1 75  ? -5.89069  16.26664  -0.79682  1.000 36.53144 ? 75  ALA A C   1 
ATOM   570 O O   . ALA A 1 75  ? -6.15824  15.06301  -0.66446  1.000 34.70626 ? 75  ALA A O   1 
ATOM   571 C CB  . ALA A 1 75  ? -5.71165  17.69545  1.26866   1.000 30.85935 ? 75  ALA A CB  1 
ATOM   572 N N   . ASP A 1 76  ? -6.39213  17.01187  -1.79177  1.000 39.68721 ? 76  ASP A N   1 
ATOM   573 C CA  . ASP A 1 76  ? -7.24765  16.43400  -2.82332  1.000 40.20569 ? 76  ASP A CA  1 
ATOM   574 C C   . ASP A 1 76  ? -6.55547  15.25232  -3.48520  1.000 41.21763 ? 76  ASP A C   1 
ATOM   575 O O   . ASP A 1 76  ? -7.13802  14.17401  -3.64249  1.000 39.77345 ? 76  ASP A O   1 
ATOM   576 C CB  . ASP A 1 76  ? -7.60134  17.49119  -3.88305  1.000 47.57067 ? 76  ASP A CB  1 
ATOM   577 C CG  . ASP A 1 76  ? -8.80722  18.34167  -3.50736  1.000 53.39014 ? 76  ASP A CG  1 
ATOM   578 O OD1 . ASP A 1 76  ? -9.42257  18.06663  -2.45336  1.000 55.49272 ? 76  ASP A OD1 1 
ATOM   579 O OD2 . ASP A 1 76  ? -9.13607  19.29029  -4.26620  1.000 45.39895 ? 76  ASP A OD2 1 
ATOM   580 N N   . LEU A 1 77  ? -5.29923  15.43894  -3.87547  1.000 35.43819 ? 77  LEU A N   1 
ATOM   581 C CA  . LEU A 1 77  ? -4.59070  14.37606  -4.56258  1.000 36.34209 ? 77  LEU A CA  1 
ATOM   582 C C   . LEU A 1 77  ? -4.46816  13.13648  -3.68083  1.000 38.24515 ? 77  LEU A C   1 
ATOM   583 O O   . LEU A 1 77  ? -4.84937  12.03063  -4.08745  1.000 31.45531 ? 77  LEU A O   1 
ATOM   584 C CB  . LEU A 1 77  ? -3.22228  14.88177  -4.99793  1.000 34.86008 ? 77  LEU A CB  1 
ATOM   585 C CG  . LEU A 1 77  ? -2.48443  13.91346  -5.90857  1.000 40.55344 ? 77  LEU A CG  1 
ATOM   586 C CD1 . LEU A 1 77  ? -3.44933  13.22679  -6.85454  1.000 34.89580 ? 77  LEU A CD1 1 
ATOM   587 C CD2 . LEU A 1 77  ? -1.48466  14.72856  -6.66879  1.000 37.80852 ? 77  LEU A CD2 1 
ATOM   588 N N   . LYS A 1 78  ? -3.94360  13.31102  -2.45966  1.000 39.63980 ? 78  LYS A N   1 
ATOM   589 C CA  . LYS A 1 78  ? -3.70695  12.17876  -1.56701  1.000 30.57356 ? 78  LYS A CA  1 
ATOM   590 C C   . LYS A 1 78  ? -4.98880  11.41441  -1.27225  1.000 32.24576 ? 78  LYS A C   1 
ATOM   591 O O   . LYS A 1 78  ? -4.95654  10.19388  -1.08701  1.000 32.13758 ? 78  LYS A O   1 
ATOM   592 C CB  . LYS A 1 78  ? -3.06183  12.66929  -0.27435  1.000 30.31766 ? 78  LYS A CB  1 
ATOM   593 C CG  . LYS A 1 78  ? -1.61328  13.06194  -0.44288  1.000 38.66711 ? 78  LYS A CG  1 
ATOM   594 C CD  . LYS A 1 78  ? -1.05620  13.63844  0.83661   1.000 37.38467 ? 78  LYS A CD  1 
ATOM   595 C CE  . LYS A 1 78  ? -1.57582  15.02588  1.08888   1.000 34.72871 ? 78  LYS A CE  1 
ATOM   596 N NZ  . LYS A 1 78  ? -0.98887  15.55603  2.32829   1.000 32.57637 ? 78  LYS A NZ  1 
ATOM   597 N N   . GLY A 1 79  ? -6.12452  12.10942  -1.22087  1.000 37.62725 ? 79  GLY A N   1 
ATOM   598 C CA  . GLY A 1 79  ? -7.38509  11.42071  -1.00464  1.000 34.10316 ? 79  GLY A CA  1 
ATOM   599 C C   . GLY A 1 79  ? -7.79529  10.57633  -2.19394  1.000 32.23507 ? 79  GLY A C   1 
ATOM   600 O O   . GLY A 1 79  ? -8.25708  9.44350   -2.03107  1.000 34.64130 ? 79  GLY A O   1 
ATOM   601 N N   . GLN A 1 80  ? -7.64326  11.11827  -3.40668  1.000 37.12378 ? 80  GLN A N   1 
ATOM   602 C CA  . GLN A 1 80  ? -7.92477  10.33412  -4.60149  1.000 36.65396 ? 80  GLN A CA  1 
ATOM   603 C C   . GLN A 1 80  ? -7.02894  9.10497   -4.66492  1.000 32.67019 ? 80  GLN A C   1 
ATOM   604 O O   . GLN A 1 80  ? -7.50637  7.99438   -4.93049  1.000 37.44877 ? 80  GLN A O   1 
ATOM   605 C CB  . GLN A 1 80  ? -7.76617  11.20433  -5.85059  1.000 39.11353 ? 80  GLN A CB  1 
ATOM   606 C CG  . GLN A 1 80  ? -9.08270  11.74782  -6.41038  1.000 47.80540 ? 80  GLN A CG  1 
ATOM   607 C CD  . GLN A 1 80  ? -8.99961  13.20798  -6.84724  1.000 57.24587 ? 80  GLN A CD  1 
ATOM   608 O OE1 . GLN A 1 80  ? -7.92993  13.70856  -7.20875  1.000 52.69397 ? 80  GLN A OE1 1 
ATOM   609 N NE2 . GLN A 1 80  ? -10.13199 13.90241  -6.79302  1.000 53.82136 ? 80  GLN A NE2 1 
ATOM   610 N N   . LEU A 1 81  ? -5.73348  9.27756   -4.38938  1.000 31.92263 ? 81  LEU A N   1 
ATOM   611 C CA  . LEU A 1 81  ? -4.81357  8.14543   -4.41368  1.000 32.40606 ? 81  LEU A CA  1 
ATOM   612 C C   . LEU A 1 81  ? -5.14892  7.11497   -3.34233  1.000 33.50445 ? 81  LEU A C   1 
ATOM   613 O O   . LEU A 1 81  ? -4.93558  5.91695   -3.55363  1.000 40.44979 ? 81  LEU A O   1 
ATOM   614 C CB  . LEU A 1 81  ? -3.37603  8.63600   -4.26104  1.000 33.46256 ? 81  LEU A CB  1 
ATOM   615 C CG  . LEU A 1 81  ? -2.30265  7.54942   -4.22081  1.000 41.37027 ? 81  LEU A CG  1 
ATOM   616 C CD1 . LEU A 1 81  ? -2.39201  6.63823   -5.43316  1.000 32.71508 ? 81  LEU A CD1 1 
ATOM   617 C CD2 . LEU A 1 81  ? -0.91992  8.18894   -4.13508  1.000 40.32587 ? 81  LEU A CD2 1 
ATOM   618 N N   . ALA A 1 82  ? -5.66780  7.54937   -2.19518  1.000 29.61296 ? 82  ALA A N   1 
ATOM   619 C CA  . ALA A 1 82  ? -6.07165  6.59707   -1.16787  1.000 35.14023 ? 82  ALA A CA  1 
ATOM   620 C C   . ALA A 1 82  ? -7.31684  5.81605   -1.59617  1.000 33.48373 ? 82  ALA A C   1 
ATOM   621 O O   . ALA A 1 82  ? -7.35405  4.57971   -1.52005  1.000 33.98708 ? 82  ALA A O   1 
ATOM   622 C CB  . ALA A 1 82  ? -6.30944  7.32468   0.15437   1.000 31.04450 ? 82  ALA A CB  1 
ATOM   623 N N   . GLN A 1 83  ? -8.35202  6.51941   -2.03803  1.000 33.03124 ? 83  GLN A N   1 
ATOM   624 C CA  . GLN A 1 83  ? -9.55541  5.82888   -2.48261  1.000 34.42899 ? 83  GLN A CA  1 
ATOM   625 C C   . GLN A 1 83  ? -9.23288  4.82118   -3.58083  1.000 36.89440 ? 83  GLN A C   1 
ATOM   626 O O   . GLN A 1 83  ? -9.67144  3.66423   -3.52313  1.000 37.74640 ? 83  GLN A O   1 
ATOM   627 C CB  . GLN A 1 83  ? -10.58744 6.84827   -2.95377  1.000 32.88181 ? 83  GLN A CB  1 
ATOM   628 C CG  . GLN A 1 83  ? -11.92119 6.24503   -3.29374  1.000 40.27783 ? 83  GLN A CG  1 
ATOM   629 C CD  . GLN A 1 83  ? -12.60514 5.70196   -2.07190  1.000 39.46609 ? 83  GLN A CD  1 
ATOM   630 O OE1 . GLN A 1 83  ? -13.04832 6.45810   -1.21107  1.000 45.26944 ? 83  GLN A OE1 1 
ATOM   631 N NE2 . GLN A 1 83  ? -12.67178 4.37678   -1.97050  1.000 35.74112 ? 83  GLN A NE2 1 
ATOM   632 N N   . ARG A 1 84  ? -8.40967  5.23034   -4.55279  1.000 38.22042 ? 84  ARG A N   1 
ATOM   633 C CA  . ARG A 1 84  ? -8.07287  4.37351   -5.68522  1.000 36.62228 ? 84  ARG A CA  1 
ATOM   634 C C   . ARG A 1 84  ? -7.28479  3.14353   -5.24817  1.000 35.84950 ? 84  ARG A C   1 
ATOM   635 O O   . ARG A 1 84  ? -7.47064  2.05877   -5.80915  1.000 37.95254 ? 84  ARG A O   1 
ATOM   636 C CB  . ARG A 1 84  ? -7.30209  5.19273   -6.72174  1.000 36.95343 ? 84  ARG A CB  1 
ATOM   637 C CG  . ARG A 1 84  ? -6.49900  4.39250   -7.72150  1.000 45.36946 ? 84  ARG A CG  1 
ATOM   638 C CD  . ARG A 1 84  ? -7.33440  3.77488   -8.81632  1.000 53.54500 ? 84  ARG A CD  1 
ATOM   639 N NE  . ARG A 1 84  ? -6.70181  3.89433   -10.12856 1.000 57.25373 ? 84  ARG A NE  1 
ATOM   640 C CZ  . ARG A 1 84  ? -5.76895  3.07632   -10.60464 1.000 61.08510 ? 84  ARG A CZ  1 
ATOM   641 N NH1 . ARG A 1 84  ? -5.32212  2.04663   -9.90004  1.000 62.97823 ? 84  ARG A NH1 1 
ATOM   642 N NH2 . ARG A 1 84  ? -5.27795  3.28936   -11.82423 1.000 42.34958 ? 84  ARG A NH2 1 
ATOM   643 N N   . ILE A 1 85  ? -6.40950  3.28289   -4.24482  1.000 35.15144 ? 85  ILE A N   1 
ATOM   644 C CA  . ILE A 1 85  ? -5.73228  2.10465   -3.71030  1.000 37.52637 ? 85  ILE A CA  1 
ATOM   645 C C   . ILE A 1 85  ? -6.73424  1.16778   -3.04029  1.000 34.83935 ? 85  ILE A C   1 
ATOM   646 O O   . ILE A 1 85  ? -6.69924  -0.04819  -3.25661  1.000 40.06026 ? 85  ILE A O   1 
ATOM   647 C CB  . ILE A 1 85  ? -4.59601  2.50527   -2.75098  1.000 36.67758 ? 85  ILE A CB  1 
ATOM   648 C CG1 . ILE A 1 85  ? -3.32752  2.83531   -3.54195  1.000 41.18409 ? 85  ILE A CG1 1 
ATOM   649 C CG2 . ILE A 1 85  ? -4.26332  1.36218   -1.83385  1.000 25.78442 ? 85  ILE A CG2 1 
ATOM   650 C CD1 . ILE A 1 85  ? -2.26802  3.57506   -2.75761  1.000 34.11223 ? 85  ILE A CD1 1 
ATOM   651 N N   . VAL A 1 86  ? -7.65382  1.71541   -2.23790  1.000 36.17958 ? 86  VAL A N   1 
ATOM   652 C CA  . VAL A 1 86  ? -8.67267  0.89017   -1.58967  1.000 34.43803 ? 86  VAL A CA  1 
ATOM   653 C C   . VAL A 1 86  ? -9.42899  0.07883   -2.63211  1.000 38.01132 ? 86  VAL A C   1 
ATOM   654 O O   . VAL A 1 86  ? -9.51023  -1.15129  -2.54579  1.000 36.74741 ? 86  VAL A O   1 
ATOM   655 C CB  . VAL A 1 86  ? -9.63446  1.76076   -0.75782  1.000 31.74038 ? 86  VAL A CB  1 
ATOM   656 C CG1 . VAL A 1 86  ? -10.85547 0.94839   -0.33046  1.000 34.16632 ? 86  VAL A CG1 1 
ATOM   657 C CG2 . VAL A 1 86  ? -8.94821  2.33306   0.45382   1.000 28.28289 ? 86  VAL A CG2 1 
ATOM   658 N N   . ASP A 1 87  ? -9.96727  0.75841   -3.65042  1.000 34.83399 ? 87  ASP A N   1 
ATOM   659 C CA  . ASP A 1 87  ? -10.77136 0.07814   -4.66168  1.000 35.81567 ? 87  ASP A CA  1 
ATOM   660 C C   . ASP A 1 87  ? -9.94453  -0.90377  -5.47309  1.000 38.99735 ? 87  ASP A C   1 
ATOM   661 O O   . ASP A 1 87  ? -10.39281 -2.02376  -5.74588  1.000 37.94237 ? 87  ASP A O   1 
ATOM   662 C CB  . ASP A 1 87  ? -11.42126 1.09291   -5.59221  1.000 30.18279 ? 87  ASP A CB  1 
ATOM   663 C CG  . ASP A 1 87  ? -12.27574 2.07258   -4.85024  1.000 39.46475 ? 87  ASP A CG  1 
ATOM   664 O OD1 . ASP A 1 87  ? -12.69590 1.74937   -3.71939  1.000 40.23556 ? 87  ASP A OD1 1 
ATOM   665 O OD2 . ASP A 1 87  ? -12.51829 3.17407   -5.38654  1.000 46.04808 ? 87  ASP A OD2 1 
ATOM   666 N N   . ASP A 1 88  ? -8.74315  -0.50414  -5.88143  1.000 38.37649 ? 88  ASP A N   1 
ATOM   667 C CA  . ASP A 1 88  ? -7.98839  -1.35744  -6.78731  1.000 37.53637 ? 88  ASP A CA  1 
ATOM   668 C C   . ASP A 1 88  ? -7.42167  -2.56047  -6.05887  1.000 36.08468 ? 88  ASP A C   1 
ATOM   669 O O   . ASP A 1 88  ? -7.37244  -3.65923  -6.61995  1.000 39.43569 ? 88  ASP A O   1 
ATOM   670 C CB  . ASP A 1 88  ? -6.88279  -0.56185  -7.46752  1.000 41.66441 ? 88  ASP A CB  1 
ATOM   671 C CG  . ASP A 1 88  ? -7.36846  0.13003   -8.71814  1.000 52.79487 ? 88  ASP A CG  1 
ATOM   672 O OD1 . ASP A 1 88  ? -8.58658  0.39574   -8.82619  1.000 47.85074 ? 88  ASP A OD1 1 
ATOM   673 O OD2 . ASP A 1 88  ? -6.53293  0.40132   -9.59934  1.000 59.68096 ? 88  ASP A OD2 1 
ATOM   674 N N   . VAL A 1 89  ? -6.98473  -2.37869  -4.81147  1.000 35.79958 ? 89  VAL A N   1 
ATOM   675 C CA  . VAL A 1 89  ? -6.51670  -3.52888  -4.04700  1.000 35.41906 ? 89  VAL A CA  1 
ATOM   676 C C   . VAL A 1 89  ? -7.68650  -4.45586  -3.73424  1.000 34.18472 ? 89  VAL A C   1 
ATOM   677 O O   . VAL A 1 89  ? -7.55259  -5.68426  -3.76681  1.000 37.76506 ? 89  VAL A O   1 
ATOM   678 C CB  . VAL A 1 89  ? -5.78905  -3.07351  -2.76548  1.000 36.82206 ? 89  VAL A CB  1 
ATOM   679 C CG1 . VAL A 1 89  ? -5.54694  -4.25401  -1.84309  1.000 31.34325 ? 89  VAL A CG1 1 
ATOM   680 C CG2 . VAL A 1 89  ? -4.47850  -2.40676  -3.10366  1.000 32.84170 ? 89  VAL A CG2 1 
ATOM   681 N N   . SER A 1 90  ? -8.85669  -3.88406  -3.45407  1.000 32.68528 ? 90  SER A N   1 
ATOM   682 C CA  . SER A 1 90  ? -10.02577 -4.69441  -3.13744  1.000 35.66641 ? 90  SER A CA  1 
ATOM   683 C C   . SER A 1 90  ? -10.31291 -5.72591  -4.22772  1.000 40.03698 ? 90  SER A C   1 
ATOM   684 O O   . SER A 1 90  ? -10.54319 -6.90209  -3.93191  1.000 38.37294 ? 90  SER A O   1 
ATOM   685 C CB  . SER A 1 90  ? -11.23637 -3.79547  -2.91850  1.000 39.24276 ? 90  SER A CB  1 
ATOM   686 O OG  . SER A 1 90  ? -12.35319 -4.58135  -2.55788  1.000 44.70774 ? 90  SER A OG  1 
ATOM   687 N N   . VAL A 1 91  ? -10.30697 -5.30319  -5.49762  1.000 42.05855 ? 91  VAL A N   1 
ATOM   688 C CA  . VAL A 1 91  ? -10.48593 -6.24813  -6.59983  1.000 36.84775 ? 91  VAL A CA  1 
ATOM   689 C C   . VAL A 1 91  ? -9.25665  -7.12771  -6.77210  1.000 39.53974 ? 91  VAL A C   1 
ATOM   690 O O   . VAL A 1 91  ? -9.37308  -8.34035  -6.99056  1.000 37.90348 ? 91  VAL A O   1 
ATOM   691 C CB  . VAL A 1 91  ? -10.81642 -5.51500  -7.91293  1.000 50.80363 ? 91  VAL A CB  1 
ATOM   692 C CG1 . VAL A 1 91  ? -11.36462 -6.50015  -8.93143  1.000 53.47869 ? 91  VAL A CG1 1 
ATOM   693 C CG2 . VAL A 1 91  ? -11.82920 -4.40996  -7.67025  1.000 48.48474 ? 91  VAL A CG2 1 
ATOM   694 N N   . ALA A 1 92  ? -8.06110  -6.52862  -6.72588  1.000 35.55989 ? 92  ALA A N   1 
ATOM   695 C CA  . ALA A 1 92  ? -6.88113  -7.30243  -7.06846  1.000 31.38433 ? 92  ALA A CA  1 
ATOM   696 C C   . ALA A 1 92  ? -6.59467  -8.36902  -6.02973  1.000 39.32605 ? 92  ALA A C   1 
ATOM   697 O O   . ALA A 1 92  ? -5.93728  -9.36637  -6.34744  1.000 44.69060 ? 92  ALA A O   1 
ATOM   698 C CB  . ALA A 1 92  ? -5.67103  -6.39565  -7.26530  1.000 28.54430 ? 92  ALA A CB  1 
ATOM   699 N N   . ALA A 1 93  ? -7.10392  -8.20305  -4.81338  1.000 38.51715 ? 93  ALA A N   1 
ATOM   700 C CA  . ALA A 1 93  ? -6.96307  -9.20640  -3.77215  1.000 35.73664 ? 93  ALA A CA  1 
ATOM   701 C C   . ALA A 1 93  ? -8.20844  -10.06405 -3.57874  1.000 39.57335 ? 93  ALA A C   1 
ATOM   702 O O   . ALA A 1 93  ? -8.14629  -11.04788 -2.83724  1.000 41.71406 ? 93  ALA A O   1 
ATOM   703 C CB  . ALA A 1 93  ? -6.60847  -8.52970  -2.44570  1.000 34.98712 ? 93  ALA A CB  1 
ATOM   704 N N   . GLU A 1 94  ? -9.32519  -9.72560  -4.22027  1.000 39.05280 ? 94  GLU A N   1 
ATOM   705 C CA  . GLU A 1 94  ? -10.62541 -10.31060 -3.90436  1.000 46.22029 ? 94  GLU A CA  1 
ATOM   706 C C   . GLU A 1 94  ? -10.90963 -10.21089 -2.40096  1.000 45.95976 ? 94  GLU A C   1 
ATOM   707 O O   . GLU A 1 94  ? -10.98029 -11.20069 -1.67680  1.000 48.03140 ? 94  GLU A O   1 
ATOM   708 C CB  . GLU A 1 94  ? -10.71212 -11.76255 -4.38278  1.000 46.49850 ? 94  GLU A CB  1 
ATOM   709 C CG  . GLU A 1 94  ? -10.43144 -11.96265 -5.85688  1.000 52.62272 ? 94  GLU A CG  1 
ATOM   710 C CD  . GLU A 1 94  ? -11.54803 -12.73504 -6.56445  1.000 71.18938 ? 94  GLU A CD  1 
ATOM   711 O OE1 . GLU A 1 94  ? -11.46561 -13.98365 -6.62129  1.000 66.49192 ? 94  GLU A OE1 1 
ATOM   712 O OE2 . GLU A 1 94  ? -12.50284 -12.09664 -7.07368  1.000 74.95429 ? 94  GLU A OE2 1 
ATOM   713 N N   . ILE A 1 95  ? -11.07307 -8.97014  -1.94972  1.000 47.50673 ? 95  ILE A N   1 
ATOM   714 C CA  . ILE A 1 95  ? -11.28371 -8.66513  -0.53260  1.000 44.25339 ? 95  ILE A CA  1 
ATOM   715 C C   . ILE A 1 95  ? -12.14959 -7.41131  -0.45686  1.000 41.79798 ? 95  ILE A C   1 
ATOM   716 O O   . ILE A 1 95  ? -11.97382 -6.47791  -1.24414  1.000 42.19044 ? 95  ILE A O   1 
ATOM   717 C CB  . ILE A 1 95  ? -9.92891  -8.51539  0.21429   1.000 42.58468 ? 95  ILE A CB  1 
ATOM   718 C CG1 . ILE A 1 95  ? -9.38516  -9.89939  0.61173   1.000 54.15145 ? 95  ILE A CG1 1 
ATOM   719 C CG2 . ILE A 1 95  ? -10.05664 -7.69719  1.47297   1.000 41.84401 ? 95  ILE A CG2 1 
ATOM   720 C CD1 . ILE A 1 95  ? -7.98312  -9.89399  1.25541   1.000 49.59918 ? 95  ILE A CD1 1 
ATOM   721 N N   . ASP A 1 96  ? -13.11165 -7.39724  0.46310   1.000 38.21105 ? 96  ASP A N   1 
ATOM   722 C CA  . ASP A 1 96  ? -13.98537 -6.23477  0.56964   1.000 42.91039 ? 96  ASP A CA  1 
ATOM   723 C C   . ASP A 1 96  ? -13.23468 -5.00441  1.07650   1.000 40.34050 ? 96  ASP A C   1 
ATOM   724 O O   . ASP A 1 96  ? -12.28575 -5.09812  1.85872   1.000 36.52307 ? 96  ASP A O   1 
ATOM   725 C CB  . ASP A 1 96  ? -15.17663 -6.52060  1.48049   1.000 48.63710 ? 96  ASP A CB  1 
ATOM   726 C CG  . ASP A 1 96  ? -16.46504 -6.70340  0.70174   1.000 60.75835 ? 96  ASP A CG  1 
ATOM   727 O OD1 . ASP A 1 96  ? -16.41481 -7.23836  -0.43005  1.000 59.20982 ? 96  ASP A OD1 1 
ATOM   728 O OD2 . ASP A 1 96  ? -17.52822 -6.28319  1.21122   1.000 69.41369 ? 96  ASP A OD2 1 
ATOM   729 N N   . ARG A 1 97  ? -13.69018 -3.83809  0.60956   1.000 41.05473 ? 97  ARG A N   1 
ATOM   730 C CA  . ARG A 1 97  ? -13.09628 -2.56044  0.99204   1.000 39.34548 ? 97  ARG A CA  1 
ATOM   731 C C   . ARG A 1 97  ? -12.99518 -2.41711  2.50255   1.000 34.07297 ? 97  ARG A C   1 
ATOM   732 O O   . ARG A 1 97  ? -12.03521 -1.83563  3.01574   1.000 40.83006 ? 97  ARG A O   1 
ATOM   733 C CB  . ARG A 1 97  ? -13.92917 -1.40928  0.40537   1.000 42.41442 ? 97  ARG A CB  1 
ATOM   734 C CG  . ARG A 1 97  ? -14.12648 -1.49527  -1.10819  1.000 40.66081 ? 97  ARG A CG  1 
ATOM   735 C CD  . ARG A 1 97  ? -15.59798 -1.38343  -1.47535  1.000 54.19399 ? 97  ARG A CD  1 
ATOM   736 N NE  . ARG A 1 97  ? -16.37637 -2.44710  -0.84319  1.000 58.00182 ? 97  ARG A NE  1 
ATOM   737 C CZ  . ARG A 1 97  ? -17.49673 -2.25477  -0.15595  1.000 59.44185 ? 97  ARG A CZ  1 
ATOM   738 N NH1 . ARG A 1 97  ? -18.08892 -1.07074  -0.11399  1.000 64.65177 ? 97  ARG A NH1 1 
ATOM   739 N NH2 . ARG A 1 97  ? -18.02389 -3.26923  0.52413   1.000 54.55043 ? 97  ARG A NH2 1 
ATOM   740 N N   . LYS A 1 98  ? -13.98097 -2.93731  3.22955   1.000 31.75521 ? 98  LYS A N   1 
ATOM   741 C CA  . LYS A 1 98  ? -14.01005 -2.81027  4.68096   1.000 33.07832 ? 98  LYS A CA  1 
ATOM   742 C C   . LYS A 1 98  ? -12.77801 -3.40520  5.34780   1.000 37.06275 ? 98  LYS A C   1 
ATOM   743 O O   . LYS A 1 98  ? -12.44808 -3.00729  6.46768   1.000 35.93426 ? 98  LYS A O   1 
ATOM   744 C CB  . LYS A 1 98  ? -15.27163 -3.47964  5.24234   1.000 41.95782 ? 98  LYS A CB  1 
ATOM   745 C CG  . LYS A 1 98  ? -15.40276 -4.97481  4.86213   1.000 44.13930 ? 98  LYS A CG  1 
ATOM   746 C CD  . LYS A 1 98  ? -16.56499 -5.66148  5.56375   1.000 47.37278 ? 98  LYS A CD  1 
ATOM   747 C CE  . LYS A 1 98  ? -16.58246 -7.14998  5.23295   1.000 63.98710 ? 98  LYS A CE  1 
ATOM   748 N NZ  . LYS A 1 98  ? -17.72246 -7.87116  5.85135   1.000 63.27626 ? 98  LYS A NZ  1 
ATOM   749 N N   . HIS A 1 99  ? -12.09983 -4.35012  4.69927   1.000 35.46104 ? 99  HIS A N   1 
ATOM   750 C CA  . HIS A 1 99  ? -10.93113 -4.99288  5.27204   1.000 32.60845 ? 99  HIS A CA  1 
ATOM   751 C C   . HIS A 1 99  ? -9.62741  -4.28102  4.90439   1.000 38.13121 ? 99  HIS A C   1 
ATOM   752 O O   . HIS A 1 99  ? -8.54934  -4.85288  5.11740   1.000 35.38339 ? 99  HIS A O   1 
ATOM   753 C CB  . HIS A 1 99  ? -10.84182 -6.46201  4.82661   1.000 37.07116 ? 99  HIS A CB  1 
ATOM   754 C CG  . HIS A 1 99  ? -12.00456 -7.31943  5.23780   1.000 45.25588 ? 99  HIS A CG  1 
ATOM   755 N ND1 . HIS A 1 99  ? -12.52899 -7.31417  6.51326   1.000 51.15617 ? 99  HIS A ND1 1 
ATOM   756 C CD2 . HIS A 1 99  ? -12.73220 -8.22582  4.53791   1.000 40.02097 ? 99  HIS A CD2 1 
ATOM   757 C CE1 . HIS A 1 99  ? -13.53488 -8.17005  6.57831   1.000 44.66624 ? 99  HIS A CE1 1 
ATOM   758 N NE2 . HIS A 1 99  ? -13.67851 -8.73548  5.39263   1.000 42.81017 ? 99  HIS A NE2 1 
ATOM   759 N N   . ILE A 1 100 ? -9.69316  -3.05173  4.38412   1.000 36.69787 ? 100 ILE A N   1 
ATOM   760 C CA  . ILE A 1 100 ? -8.54320  -2.38268  3.77880   1.000 35.40916 ? 100 ILE A CA  1 
ATOM   761 C C   . ILE A 1 100 ? -8.30884  -1.02339  4.43884   1.000 36.55007 ? 100 ILE A C   1 
ATOM   762 O O   . ILE A 1 100 ? -9.14888  -0.12091  4.33115   1.000 32.57589 ? 100 ILE A O   1 
ATOM   763 C CB  . ILE A 1 100 ? -8.72884  -2.21474  2.26484   1.000 35.74310 ? 100 ILE A CB  1 
ATOM   764 C CG1 . ILE A 1 100 ? -8.95736  -3.57266  1.61008   1.000 31.96249 ? 100 ILE A CG1 1 
ATOM   765 C CG2 . ILE A 1 100 ? -7.53236  -1.46151  1.65887   1.000 31.75179 ? 100 ILE A CG2 1 
ATOM   766 C CD1 . ILE A 1 100 ? -8.97722  -3.52534  0.10337   1.000 35.76640 ? 100 ILE A CD1 1 
ATOM   767 N N   . TRP A 1 101 ? -7.13567  -0.86481  5.06039   1.000 33.95080 ? 101 TRP A N   1 
ATOM   768 C CA  . TRP A 1 101 ? -6.69698  0.37202   5.69859   1.000 34.59181 ? 101 TRP A CA  1 
ATOM   769 C C   . TRP A 1 101 ? -5.58203  1.01327   4.86995   1.000 33.92995 ? 101 TRP A C   1 
ATOM   770 O O   . TRP A 1 101 ? -4.73337  0.30968   4.31182   1.000 32.43918 ? 101 TRP A O   1 
ATOM   771 C CB  . TRP A 1 101 ? -6.19191  0.09721   7.12780   1.000 29.57625 ? 101 TRP A CB  1 
ATOM   772 C CG  . TRP A 1 101 ? -7.23562  -0.41975  8.11798   1.000 32.57456 ? 101 TRP A CG  1 
ATOM   773 C CD1 . TRP A 1 101 ? -8.20012  -1.34870  7.88004   1.000 37.17988 ? 101 TRP A CD1 1 
ATOM   774 C CD2 . TRP A 1 101 ? -7.39519  -0.03228  9.49306   1.000 32.88690 ? 101 TRP A CD2 1 
ATOM   775 N NE1 . TRP A 1 101 ? -8.94609  -1.56909  9.01067   1.000 32.56178 ? 101 TRP A NE1 1 
ATOM   776 C CE2 . TRP A 1 101 ? -8.47563  -0.77305  10.01404  1.000 32.62273 ? 101 TRP A CE2 1 
ATOM   777 C CE3 . TRP A 1 101 ? -6.73365  0.87522   10.33244  1.000 33.64903 ? 101 TRP A CE3 1 
ATOM   778 C CZ2 . TRP A 1 101 ? -8.90800  -0.64197  11.33371  1.000 34.04565 ? 101 TRP A CZ2 1 
ATOM   779 C CZ3 . TRP A 1 101 ? -7.15464  0.99738   11.64390  1.000 32.13236 ? 101 TRP A CZ3 1 
ATOM   780 C CH2 . TRP A 1 101 ? -8.23202  0.23769   12.13403  1.000 34.69910 ? 101 TRP A CH2 1 
ATOM   781 N N   . VAL A 1 102 ? -5.57182  2.34451   4.78086   1.000 27.73180 ? 102 VAL A N   1 
ATOM   782 C CA  . VAL A 1 102 ? -4.55462  3.04540   3.99397   1.000 30.79017 ? 102 VAL A CA  1 
ATOM   783 C C   . VAL A 1 102 ? -4.11707  4.31518   4.72259   1.000 35.52343 ? 102 VAL A C   1 
ATOM   784 O O   . VAL A 1 102 ? -4.93120  5.22226   4.93230   1.000 35.98238 ? 102 VAL A O   1 
ATOM   785 C CB  . VAL A 1 102 ? -5.03768  3.41182   2.57902   1.000 34.60905 ? 102 VAL A CB  1 
ATOM   786 C CG1 . VAL A 1 102 ? -3.85335  3.85753   1.72703   1.000 32.93718 ? 102 VAL A CG1 1 
ATOM   787 C CG2 . VAL A 1 102 ? -5.75274  2.24863   1.90353   1.000 30.40553 ? 102 VAL A CG2 1 
ATOM   788 N N   . TYR A 1 103 ? -2.82347  4.39082   5.06822   1.000 33.04164 ? 103 TYR A N   1 
ATOM   789 C CA  . TYR A 1 103 ? -2.17032  5.50943   5.74750   1.000 29.67123 ? 103 TYR A CA  1 
ATOM   790 C C   . TYR A 1 103 ? -1.00331  6.01863   4.91021   1.000 25.42471 ? 103 TYR A C   1 
ATOM   791 O O   . TYR A 1 103 ? -0.22212  5.22474   4.39548   1.000 24.64899 ? 103 TYR A O   1 
ATOM   792 C CB  . TYR A 1 103 ? -1.58115  5.08024   7.11234   1.000 31.36460 ? 103 TYR A CB  1 
ATOM   793 C CG  . TYR A 1 103 ? -2.53704  4.98690   8.26169   1.000 34.70012 ? 103 TYR A CG  1 
ATOM   794 C CD1 . TYR A 1 103 ? -3.90889  5.03000   8.06776   1.000 33.69532 ? 103 TYR A CD1 1 
ATOM   795 C CD2 . TYR A 1 103 ? -2.06192  4.84739   9.55721   1.000 39.97851 ? 103 TYR A CD2 1 
ATOM   796 C CE1 . TYR A 1 103 ? -4.78914  4.93317   9.14034   1.000 33.50917 ? 103 TYR A CE1 1 
ATOM   797 C CE2 . TYR A 1 103 ? -2.93134  4.75169   10.63469  1.000 38.18792 ? 103 TYR A CE2 1 
ATOM   798 C CZ  . TYR A 1 103 ? -4.29218  4.79068   10.41829  1.000 35.55692 ? 103 TYR A CZ  1 
ATOM   799 O OH  . TYR A 1 103 ? -5.14281  4.68823   11.49583  1.000 41.65148 ? 103 TYR A OH  1 
ATOM   800 N N   . PHE A 1 104 ? -0.80859  7.33060   4.84764   1.000 28.49270 ? 104 PHE A N   1 
ATOM   801 C CA  . PHE A 1 104 ? 0.36008   7.88146   4.16936   1.000 29.36182 ? 104 PHE A CA  1 
ATOM   802 C C   . PHE A 1 104 ? 1.23871   8.65812   5.14185   1.000 31.51584 ? 104 PHE A C   1 
ATOM   803 O O   . PHE A 1 104 ? 0.74732   9.51319   5.88497   1.000 31.77711 ? 104 PHE A O   1 
ATOM   804 C CB  . PHE A 1 104 ? -0.03569  8.78844   2.99478   1.000 26.76962 ? 104 PHE A CB  1 
ATOM   805 C CG  . PHE A 1 104 ? -0.71199  8.05784   1.88391   1.000 31.88981 ? 104 PHE A CG  1 
ATOM   806 C CD1 . PHE A 1 104 ? -0.41995  6.72357   1.64386   1.000 30.21075 ? 104 PHE A CD1 1 
ATOM   807 C CD2 . PHE A 1 104 ? -1.62808  8.69484   1.06604   1.000 33.02660 ? 104 PHE A CD2 1 
ATOM   808 C CE1 . PHE A 1 104 ? -1.03749  6.03269   0.61880   1.000 30.01916 ? 104 PHE A CE1 1 
ATOM   809 C CE2 . PHE A 1 104 ? -2.24829  8.00125   0.02683   1.000 34.75370 ? 104 PHE A CE2 1 
ATOM   810 C CZ  . PHE A 1 104 ? -1.94600  6.67432   -0.19508  1.000 33.92937 ? 104 PHE A CZ  1 
ATOM   811 N N   . GLY A 1 105 ? 2.53732   8.38265   5.10786   1.000 28.16197 ? 105 GLY A N   1 
ATOM   812 C CA  . GLY A 1 105 ? 3.53480   9.21848   5.75557   1.000 28.30057 ? 105 GLY A CA  1 
ATOM   813 C C   . GLY A 1 105 ? 4.35381   9.96826   4.71880   1.000 33.42704 ? 105 GLY A C   1 
ATOM   814 O O   . GLY A 1 105 ? 4.79162   9.38270   3.72117   1.000 37.53346 ? 105 GLY A O   1 
ATOM   815 N N   . GLU A 1 106 ? 4.57023   11.26340  4.96653   1.000 37.28628 ? 106 GLU A N   1 
ATOM   816 C CA  . GLU A 1 106 ? 5.29133   12.14181  4.05162   1.000 33.41268 ? 106 GLU A CA  1 
ATOM   817 C C   . GLU A 1 106 ? 6.67199   12.48500  4.60263   1.000 37.01516 ? 106 GLU A C   1 
ATOM   818 O O   . GLU A 1 106 ? 6.86639   12.56772  5.81806   1.000 38.52901 ? 106 GLU A O   1 
ATOM   819 C CB  . GLU A 1 106 ? 4.51132   13.43502  3.78581   1.000 35.71703 ? 106 GLU A CB  1 
ATOM   820 C CG  . GLU A 1 106 ? 3.09957   13.31524  3.18838   1.000 31.86456 ? 106 GLU A CG  1 
ATOM   821 C CD  . GLU A 1 106 ? 2.24206   14.56752  3.46116   1.000 46.39197 ? 106 GLU A CD  1 
ATOM   822 O OE1 . GLU A 1 106 ? 2.57388   15.65959  2.94724   1.000 48.61837 ? 106 GLU A OE1 1 
ATOM   823 O OE2 . GLU A 1 106 ? 1.24085   14.47254  4.20793   1.000 47.45496 ? 106 GLU A OE2 1 
ATOM   824 N N   . MET A 1 107 ? 7.62892   12.69405  3.69683   1.000 35.05429 ? 107 MET A N   1 
ATOM   825 C CA  . MET A 1 107 ? 9.01639   12.98734  4.04029   1.000 35.65260 ? 107 MET A CA  1 
ATOM   826 C C   . MET A 1 107 ? 9.56729   14.05014  3.10478   1.000 38.18709 ? 107 MET A C   1 
ATOM   827 O O   . MET A 1 107 ? 9.13078   14.15203  1.95183   1.000 36.27420 ? 107 MET A O   1 
ATOM   828 C CB  . MET A 1 107 ? 9.93081   11.75506  3.92713   1.000 34.19329 ? 107 MET A CB  1 
ATOM   829 C CG  . MET A 1 107 ? 9.73571   10.69446  4.96562   1.000 36.48349 ? 107 MET A CG  1 
ATOM   830 S SD  . MET A 1 107 ? 10.39904  9.12988   4.35469   1.000 39.37625 ? 107 MET A SD  1 
ATOM   831 C CE  . MET A 1 107 ? 9.02871   8.64056   3.30142   1.000 34.12712 ? 107 MET A CE  1 
ATOM   832 N N   . PRO A 1 108 ? 10.55369  14.82908  3.55174   1.000 44.06963 ? 108 PRO A N   1 
ATOM   833 C CA  . PRO A 1 108 ? 11.29540  15.68148  2.60664   1.000 39.50416 ? 108 PRO A CA  1 
ATOM   834 C C   . PRO A 1 108 ? 12.04184  14.82412  1.59675   1.000 39.54898 ? 108 PRO A C   1 
ATOM   835 O O   . PRO A 1 108 ? 12.56089  13.75775  1.92898   1.000 37.58567 ? 108 PRO A O   1 
ATOM   836 C CB  . PRO A 1 108 ? 12.25568  16.47163  3.50280   1.000 32.26388 ? 108 PRO A CB  1 
ATOM   837 C CG  . PRO A 1 108 ? 11.59590  16.45637  4.86454   1.000 39.20559 ? 108 PRO A CG  1 
ATOM   838 C CD  . PRO A 1 108 ? 10.91255  15.10305  4.95827   1.000 36.76608 ? 108 PRO A CD  1 
ATOM   839 N N   . ALA A 1 109 ? 12.06851  15.28999  0.34233   1.000 44.90512 ? 109 ALA A N   1 
ATOM   840 C CA  . ALA A 1 109 ? 12.68839  14.50461  -0.72022  1.000 41.16776 ? 109 ALA A CA  1 
ATOM   841 C C   . ALA A 1 109 ? 14.18185  14.36730  -0.50749  1.000 44.52626 ? 109 ALA A C   1 
ATOM   842 O O   . ALA A 1 109 ? 14.79311  13.39318  -0.96370  1.000 45.50517 ? 109 ALA A O   1 
ATOM   843 C CB  . ALA A 1 109 ? 12.43222  15.13940  -2.08680  1.000 43.13171 ? 109 ALA A CB  1 
ATOM   844 N N   . GLN A 1 110 ? 14.78408  15.32667  0.17318   1.000 38.64647 ? 110 GLN A N   1 
ATOM   845 C CA  . GLN A 1 110 ? 16.22426  15.34085  0.29624   1.000 41.65732 ? 110 GLN A CA  1 
ATOM   846 C C   . GLN A 1 110 ? 16.73869  14.31631  1.30653   1.000 44.25671 ? 110 GLN A C   1 
ATOM   847 O O   . GLN A 1 110 ? 17.95254  14.12002  1.39300   1.000 43.78221 ? 110 GLN A O   1 
ATOM   848 C CB  . GLN A 1 110 ? 16.66227  16.76187  0.63755   1.000 45.08239 ? 110 GLN A CB  1 
ATOM   849 C CG  . GLN A 1 110 ? 16.36267  17.79499  -0.49572  1.000 51.99650 ? 110 GLN A CG  1 
ATOM   850 C CD  . GLN A 1 110 ? 14.85258  18.04346  -0.78516  1.000 58.57392 ? 110 GLN A CD  1 
ATOM   851 O OE1 . GLN A 1 110 ? 13.96545  17.70500  0.01473   1.000 48.87033 ? 110 GLN A OE1 1 
ATOM   852 N NE2 . GLN A 1 110 ? 14.57353  18.63713  -1.94445  1.000 60.87694 ? 110 GLN A NE2 1 
ATOM   853 N N   . GLN A 1 111 ? 15.85535  13.63811  2.04399   1.000 34.06670 ? 111 GLN A N   1 
ATOM   854 C CA  . GLN A 1 111 ? 16.22292  12.51388  2.89996   1.000 36.94980 ? 111 GLN A CA  1 
ATOM   855 C C   . GLN A 1 111 ? 15.62213  11.20133  2.38698   1.000 40.41732 ? 111 GLN A C   1 
ATOM   856 O O   . GLN A 1 111 ? 15.26313  10.30981  3.16643   1.000 36.29788 ? 111 GLN A O   1 
ATOM   857 C CB  . GLN A 1 111 ? 15.81168  12.77012  4.35353   1.000 33.87280 ? 111 GLN A CB  1 
ATOM   858 C CG  . GLN A 1 111 ? 14.32927  12.65134  4.66827   1.000 32.79234 ? 111 GLN A CG  1 
ATOM   859 C CD  . GLN A 1 111 ? 13.90806  13.53195  5.83000   1.000 37.40785 ? 111 GLN A CD  1 
ATOM   860 O OE1 . GLN A 1 111 ? 13.26493  13.07389  6.78537   1.000 35.42691 ? 111 GLN A OE1 1 
ATOM   861 N NE2 . GLN A 1 111 ? 14.26831  14.80743  5.75584   1.000 38.86965 ? 111 GLN A NE2 1 
ATOM   862 N N   . MET A 1 112 ? 15.53248  11.05851  1.06109   1.000 36.87655 ? 112 MET A N   1 
ATOM   863 C CA  . MET A 1 112 ? 14.83827  9.93888   0.42412   1.000 35.67870 ? 112 MET A CA  1 
ATOM   864 C C   . MET A 1 112 ? 15.72897  9.33366   -0.66066  1.000 39.50666 ? 112 MET A C   1 
ATOM   865 O O   . MET A 1 112 ? 15.93793  9.94809   -1.71365  1.000 40.81061 ? 112 MET A O   1 
ATOM   866 C CB  . MET A 1 112 ? 13.50480  10.39486  -0.16815  1.000 35.69113 ? 112 MET A CB  1 
ATOM   867 C CG  . MET A 1 112 ? 12.28055  10.04808  0.69031   1.000 39.65502 ? 112 MET A CG  1 
ATOM   868 S SD  . MET A 1 112 ? 10.74891  10.83755  0.13772   1.000 41.41133 ? 112 MET A SD  1 
ATOM   869 C CE  . MET A 1 112 ? 10.00040  9.43969   -0.70058  1.000 37.86033 ? 112 MET A CE  1 
ATOM   870 N N   . VAL A 1 113 ? 16.24385  8.12665   -0.42203  1.000 34.12675 ? 113 VAL A N   1 
ATOM   871 C CA  . VAL A 1 113 ? 17.16510  7.46465   -1.34335  1.000 32.59297 ? 113 VAL A CA  1 
ATOM   872 C C   . VAL A 1 113 ? 16.49453  6.23853   -1.93653  1.000 33.16928 ? 113 VAL A C   1 
ATOM   873 O O   . VAL A 1 113 ? 16.00231  5.36901   -1.20547  1.000 35.46509 ? 113 VAL A O   1 
ATOM   874 C CB  . VAL A 1 113 ? 18.48220  7.07938   -0.64997  1.000 33.37019 ? 113 VAL A CB  1 
ATOM   875 C CG1 . VAL A 1 113 ? 19.35436  6.26583   -1.58763  1.000 33.23514 ? 113 VAL A CG1 1 
ATOM   876 C CG2 . VAL A 1 113 ? 19.22021  8.32014   -0.21355  1.000 29.45300 ? 113 VAL A CG2 1 
ATOM   877 N N   . GLU A 1 114 ? 16.48107  6.16580   -3.25660  1.000 33.68984 ? 114 GLU A N   1 
ATOM   878 C CA  . GLU A 1 114 ? 16.09455  4.94736   -3.95368  1.000 38.38884 ? 114 GLU A CA  1 
ATOM   879 C C   . GLU A 1 114 ? 17.18284  4.56294   -4.94638  1.000 35.61583 ? 114 GLU A C   1 
ATOM   880 O O   . GLU A 1 114 ? 17.85051  5.42523   -5.51853  1.000 38.18951 ? 114 GLU A O   1 
ATOM   881 C CB  . GLU A 1 114 ? 14.71281  5.08677   -4.64225  1.000 33.30955 ? 114 GLU A CB  1 
ATOM   882 C CG  . GLU A 1 114 ? 13.77578  6.07026   -3.93109  1.000 33.65867 ? 114 GLU A CG  1 
ATOM   883 C CD  . GLU A 1 114 ? 12.37118  6.13684   -4.54175  1.000 39.11290 ? 114 GLU A CD  1 
ATOM   884 O OE1 . GLU A 1 114 ? 11.40277  6.42900   -3.79681  1.000 32.27597 ? 114 GLU A OE1 1 
ATOM   885 O OE2 . GLU A 1 114 ? 12.21981  5.83458   -5.74342  1.000 41.43972 ? 114 GLU A OE2 1 
ATOM   886 N N   . TYR A 1 115 ? 17.38553  3.26072   -5.10828  1.000 37.92606 ? 115 TYR A N   1 
ATOM   887 C CA  . TYR A 1 115 ? 18.45824  2.74251   -5.95790  1.000 41.71155 ? 115 TYR A CA  1 
ATOM   888 C C   . TYR A 1 115 ? 19.78703  3.42217   -5.64185  1.000 43.18576 ? 115 TYR A C   1 
ATOM   889 O O   . TYR A 1 115 ? 20.52762  3.83329   -6.54081  1.000 36.10326 ? 115 TYR A O   1 
ATOM   890 C CB  . TYR A 1 115 ? 18.12741  2.91043   -7.43931  1.000 45.35964 ? 115 TYR A CB  1 
ATOM   891 C CG  . TYR A 1 115 ? 16.81119  2.31516   -7.88139  1.000 43.76668 ? 115 TYR A CG  1 
ATOM   892 C CD1 . TYR A 1 115 ? 16.72714  0.97956   -8.28967  1.000 40.48209 ? 115 TYR A CD1 1 
ATOM   893 C CD2 . TYR A 1 115 ? 15.65714  3.10184   -7.93915  1.000 41.48709 ? 115 TYR A CD2 1 
ATOM   894 C CE1 . TYR A 1 115 ? 15.51330  0.43233   -8.71741  1.000 43.04935 ? 115 TYR A CE1 1 
ATOM   895 C CE2 . TYR A 1 115 ? 14.44399  2.56993   -8.36010  1.000 42.81326 ? 115 TYR A CE2 1 
ATOM   896 C CZ  . TYR A 1 115 ? 14.37782  1.23592   -8.74906  1.000 48.47608 ? 115 TYR A CZ  1 
ATOM   897 O OH  . TYR A 1 115 ? 13.17178  0.72358   -9.16880  1.000 47.30765 ? 115 TYR A OH  1 
ATOM   898 N N   . GLY A 1 116 ? 20.07611  3.57391   -4.34965  1.000 38.04729 ? 116 GLY A N   1 
ATOM   899 C CA  . GLY A 1 116 ? 21.30161  4.21687   -3.93975  1.000 37.50903 ? 116 GLY A CA  1 
ATOM   900 C C   . GLY A 1 116 ? 21.43713  5.66630   -4.33946  1.000 39.95288 ? 116 GLY A C   1 
ATOM   901 O O   . GLY A 1 116 ? 22.49242  6.25722   -4.10038  1.000 42.01766 ? 116 GLY A O   1 
ATOM   902 N N   . ARG A 1 117 ? 20.41181  6.26279   -4.93208  1.000 40.49426 ? 117 ARG A N   1 
ATOM   903 C CA  . ARG A 1 117 ? 20.46239  7.64457   -5.38209  1.000 40.82350 ? 117 ARG A CA  1 
ATOM   904 C C   . ARG A 1 117 ? 19.42054  8.46973   -4.63131  1.000 41.11770 ? 117 ARG A C   1 
ATOM   905 O O   . ARG A 1 117 ? 18.31445  7.99182   -4.34191  1.000 40.35990 ? 117 ARG A O   1 
ATOM   906 C CB  . ARG A 1 117 ? 20.21962  7.74380   -6.91072  1.000 44.67888 ? 117 ARG A CB  1 
ATOM   907 C CG  . ARG A 1 117 ? 21.49458  7.73917   -7.78963  1.000 50.50312 ? 117 ARG A CG  1 
ATOM   908 C CD  . ARG A 1 117 ? 22.17458  9.13289   -7.85591  1.000 64.64407 ? 117 ARG A CD  1 
ATOM   909 N NE  . ARG A 1 117 ? 21.25103  10.22093  -8.17875  1.000 58.92057 ? 117 ARG A NE  1 
ATOM   910 C CZ  . ARG A 1 117 ? 21.21038  11.37795  -7.52959  1.000 54.63440 ? 117 ARG A CZ  1 
ATOM   911 N NH1 . ARG A 1 117 ? 22.00219  11.61445  -6.49566  1.000 55.10692 ? 117 ARG A NH1 1 
ATOM   912 N NH2 . ARG A 1 117 ? 20.33811  12.31012  -7.91027  1.000 48.12164 ? 117 ARG A NH2 1 
ATOM   913 N N   . PHE A 1 118 ? 19.78153  9.70487   -4.30978  1.000 35.61170 ? 118 PHE A N   1 
ATOM   914 C CA  . PHE A 1 118 ? 18.81789  10.66100  -3.79092  1.000 39.85231 ? 118 PHE A CA  1 
ATOM   915 C C   . PHE A 1 118 ? 17.73710  10.95482  -4.82816  1.000 43.32813 ? 118 PHE A C   1 
ATOM   916 O O   . PHE A 1 118 ? 17.96728  10.88031  -6.03731  1.000 45.76276 ? 118 PHE A O   1 
ATOM   917 C CB  . PHE A 1 118 ? 19.52092  11.96759  -3.39753  1.000 40.77406 ? 118 PHE A CB  1 
ATOM   918 C CG  . PHE A 1 118 ? 20.17925  11.91642  -2.05424  1.000 35.26938 ? 118 PHE A CG  1 
ATOM   919 C CD1 . PHE A 1 118 ? 19.48482  12.27119  -0.91521  1.000 35.85046 ? 118 PHE A CD1 1 
ATOM   920 C CD2 . PHE A 1 118 ? 21.48183  11.48131  -1.92806  1.000 38.50148 ? 118 PHE A CD2 1 
ATOM   921 C CE1 . PHE A 1 118 ? 20.07575  12.19993  0.32470   1.000 35.37876 ? 118 PHE A CE1 1 
ATOM   922 C CE2 . PHE A 1 118 ? 22.07977  11.40759  -0.68326  1.000 41.84205 ? 118 PHE A CE2 1 
ATOM   923 C CZ  . PHE A 1 118 ? 21.37358  11.76988  0.44399   1.000 37.51171 ? 118 PHE A CZ  1 
ATOM   924 N N   . LEU A 1 119 ? 16.54268  11.27426  -4.33840  1.000 44.87335 ? 119 LEU A N   1 
ATOM   925 C CA  . LEU A 1 119 ? 15.52051  11.93009  -5.14765  1.000 42.82266 ? 119 LEU A CA  1 
ATOM   926 C C   . LEU A 1 119 ? 15.97686  13.33261  -5.50984  1.000 50.83627 ? 119 LEU A C   1 
ATOM   927 O O   . LEU A 1 119 ? 16.16441  14.16692  -4.61619  1.000 50.85716 ? 119 LEU A O   1 
ATOM   928 C CB  . LEU A 1 119 ? 14.19187  12.00239  -4.39817  1.000 41.05638 ? 119 LEU A CB  1 
ATOM   929 C CG  . LEU A 1 119 ? 13.09156  11.00974  -4.74160  1.000 36.22625 ? 119 LEU A CG  1 
ATOM   930 C CD1 . LEU A 1 119 ? 13.65887  9.63960   -4.99501  1.000 32.36129 ? 119 LEU A CD1 1 
ATOM   931 C CD2 . LEU A 1 119 ? 12.09322  11.00299  -3.59407  1.000 41.18479 ? 119 LEU A CD2 1 
HETATM 932 S S   . SO4 B 2 .   ? 6.88002   10.04443  -4.50861  1.000 48.73517 ? 201 SO4 A S   1 
HETATM 933 O O1  . SO4 B 2 .   ? 6.97974   11.49273  -4.66581  1.000 53.91423 ? 201 SO4 A O1  1 
HETATM 934 O O2  . SO4 B 2 .   ? 6.00269   9.52842   -5.55045  1.000 51.81551 ? 201 SO4 A O2  1 
HETATM 935 O O3  . SO4 B 2 .   ? 8.19370   9.41450   -4.62547  1.000 46.48779 ? 201 SO4 A O3  1 
HETATM 936 O O4  . SO4 B 2 .   ? 6.32892   9.73103   -3.19406  1.000 44.14154 ? 201 SO4 A O4  1 
HETATM 937 O O   . HOH C 3 .   ? -7.75927  15.86244  -7.47186  1.000 46.71337 ? 301 HOH A O   1 
HETATM 938 O O   . HOH C 3 .   ? -8.18218  20.25419  -5.97333  1.000 46.31716 ? 302 HOH A O   1 
HETATM 939 O O   . HOH C 3 .   ? -2.60815  -16.39036 7.79000   1.000 41.90825 ? 303 HOH A O   1 
HETATM 940 O O   . HOH C 3 .   ? 2.24519   17.73449  1.86414   1.000 37.63559 ? 304 HOH A O   1 
HETATM 941 O O   . HOH C 3 .   ? -6.61039  -9.77510  9.62500   1.000 36.88321 ? 305 HOH A O   1 
HETATM 942 O O   . HOH C 3 .   ? -4.34977  -10.19127 5.10813   1.000 28.00989 ? 306 HOH A O   1 
HETATM 943 O O   . HOH C 3 .   ? 2.71061   -17.30997 2.48212   1.000 52.76658 ? 307 HOH A O   1 
HETATM 944 O O   . HOH C 3 .   ? -1.78769  -11.54735 10.88910  1.000 29.17643 ? 308 HOH A O   1 
HETATM 945 O O   . HOH C 3 .   ? -4.53701  -11.98206 12.12296  1.000 34.14240 ? 309 HOH A O   1 
HETATM 946 O O   . HOH C 3 .   ? -1.10748  -17.61209 9.30643   1.000 39.59907 ? 310 HOH A O   1 
HETATM 947 O O   . HOH C 3 .   ? 15.76187  16.47015  4.44939   1.000 36.70447 ? 311 HOH A O   1 
HETATM 948 O O   . HOH C 3 .   ? 1.74345   11.81608  -1.17723  1.000 45.77252 ? 312 HOH A O   1 
HETATM 949 O O   . HOH C 3 .   ? -4.63149  11.27633  -12.98561 1.000 56.07000 ? 313 HOH A O   1 
HETATM 950 O O   . HOH C 3 .   ? -6.42213  -13.19421 -1.71613  1.000 38.27729 ? 314 HOH A O   1 
HETATM 951 O O   . HOH C 3 .   ? -7.00732  -3.27945  18.95617  1.000 36.74039 ? 315 HOH A O   1 
HETATM 952 O O   . HOH C 3 .   ? 5.24928   -15.79769 0.39261   1.000 41.90994 ? 316 HOH A O   1 
HETATM 953 O O   . HOH C 3 .   ? 11.04314  -7.20244  4.95723   1.000 28.43475 ? 317 HOH A O   1 
HETATM 954 O O   . HOH C 3 .   ? -5.57502  14.28362  1.99013   1.000 42.56000 ? 318 HOH A O   1 
HETATM 955 O O   . HOH C 3 .   ? 7.42311   -5.35792  9.52595   0.33  26.82109 ? 319 HOH A O   1 
HETATM 956 O O   . HOH C 3 .   ? 7.66477   12.86345  -13.78384 1.000 46.62152 ? 320 HOH A O   1 
HETATM 957 O O   . HOH C 3 .   ? -4.11348  -9.30871  8.78046   1.000 31.65262 ? 321 HOH A O   1 
HETATM 958 O O   . HOH C 3 .   ? 11.31515  -7.99456  2.47348   1.000 27.49625 ? 322 HOH A O   1 
HETATM 959 O O   . HOH C 3 .   ? -5.40938  -15.74166 -2.54808  1.000 40.74463 ? 323 HOH A O   1 
HETATM 960 O O   . HOH C 3 .   ? -2.20569  -7.56349  8.69843   1.000 30.17933 ? 324 HOH A O   1 
HETATM 961 O O   . HOH C 3 .   ? -13.75540 -10.26417 1.76712   1.000 43.19681 ? 325 HOH A O   1 
HETATM 962 O O   . HOH C 3 .   ? -11.21913 -11.80854 9.64764   1.000 37.48145 ? 326 HOH A O   1 
HETATM 963 O O   . HOH C 3 .   ? 0.79291   19.99405  1.19819   1.000 48.98402 ? 327 HOH A O   1 
# 
